data_8IC6
#
_entry.id   8IC6
#
_cell.length_a   66.552
_cell.length_b   97.511
_cell.length_c   139.978
_cell.angle_alpha   90.00
_cell.angle_beta   100.55
_cell.angle_gamma   90.00
#
_symmetry.space_group_name_H-M   'P 1 21 1'
#
loop_
_entity.id
_entity.type
_entity.pdbx_description
1 polymer exo-beta-D-arabinanase
2 non-polymer 'MAGNESIUM ION'
3 non-polymer 2-AMINO-2-HYDROXYMETHYL-PROPANE-1,3-DIOL
4 non-polymer (4S)-2-METHYL-2,4-PENTANEDIOL
5 non-polymer 'MALONATE ION'
6 non-polymer 'CHLORIDE ION'
7 water water
#
_entity_poly.entity_id   1
_entity_poly.type   'polypeptide(L)'
_entity_poly.pdbx_seq_one_letter_code
;MSKIKSRRARRIPHTAESVAFPLGGIGTGNVSLGARGELRDWEFENLPDKGRLNPRSFFAIHAAPQGGPSATRVLEARSS
GRHDRDAGYGFDELAGLPRLDSAGLHGEYPVVDIDFTDATLPVTVSLHAFTPLVPLDADASGIPAAVLRYRVVNPGDAPV
TVTVVGSMSHTAGRGAPGPDAPWGMRGTQSVRWRESDGIRGLDFDIDLDHDDPGYGTMSLTTTDSSTTVKPQWVTSYWPD
GARLFWNDLADDGLLAPEARLTLEDKPRGLFAERDADPDAPALTEEQMLAKLPRVRTGSLGIVHTLAPGEERDFEFVLAW
SFPNRRRGWHGHIIFDDALEDGAPDLRDELGPIVRNHYAVRWPDAWAAAAQLHRDLPALEGATDAFVEELYGGSLDPVLA
DAVGANIAALRSTTCFVLESPTPELGDGPVFAAWEGSFDHGGSCEGTCTHVWSYAQTAAWLFPGLERSARRAEYLLETDE
SGAQKFRGNRIFGAPRWFIGPAVDGQLGTFLRLHREWRFCGDDEFLRELWPAAARTLDYAAREWDHDGDGLLDGEMHNTY
DIEFHGVEPLSNIIHLAALRAGVRMAGHLGDTARAQEWALRADHVAAAIEGVLWNGEYYRQVIDDVDAHRYQYGDGVLSD
QLLGQFHAFLGGLGYLLPEAHVRSALDAIVQHNHRGDLRDHESTQRVYALNDEGGLLLASWPEGGRPALPFVYADEVWTG
IEHQVAVSLLFAGRYDDALRIERTLRARYDGAHRSPWNEIECGNHYARSLASWGLLIGASGAQWDAGARTLSFDPVLPGD
ARFLFTTATGWGGVEIGDDVITLRLHGGALDLDELRLRGEVAGRGIHLDAGETRTLTLTLEHHHHHH
;
_entity_poly.pdbx_strand_id   B,A
#
loop_
_chem_comp.id
_chem_comp.type
_chem_comp.name
_chem_comp.formula
CL non-polymer 'CHLORIDE ION' 'Cl -1'
MG non-polymer 'MAGNESIUM ION' 'Mg 2'
MLI non-polymer 'MALONATE ION' 'C3 H2 O4 -2'
MPD non-polymer (4S)-2-METHYL-2,4-PENTANEDIOL 'C6 H14 O2'
TRS non-polymer 2-AMINO-2-HYDROXYMETHYL-PROPANE-1,3-DIOL 'C4 H12 N O3 1'
#
# COMPACT_ATOMS: atom_id res chain seq x y z
N SER A 6 7.82 14.25 31.47
CA SER A 6 6.72 13.40 32.00
C SER A 6 5.42 13.62 31.23
N ARG A 7 4.98 12.55 30.54
CA ARG A 7 3.83 12.55 29.66
C ARG A 7 2.70 11.69 30.21
N ARG A 8 1.45 12.12 30.07
CA ARG A 8 0.35 11.36 30.65
C ARG A 8 -0.08 10.21 29.77
N ALA A 9 -0.09 10.45 28.45
CA ALA A 9 -0.49 9.45 27.49
C ALA A 9 0.63 8.41 27.43
N ARG A 10 0.22 7.21 27.17
CA ARG A 10 1.21 6.16 27.07
C ARG A 10 1.98 6.32 25.76
N ARG A 11 3.26 6.05 25.89
CA ARG A 11 4.24 6.20 24.82
C ARG A 11 3.95 5.20 23.71
N ILE A 12 3.83 5.71 22.49
CA ILE A 12 3.70 4.87 21.33
C ILE A 12 5.03 4.95 20.58
N PRO A 13 5.69 3.80 20.35
CA PRO A 13 7.01 3.80 19.70
C PRO A 13 6.91 4.19 18.24
N HIS A 14 8.05 4.74 17.75
CA HIS A 14 8.21 5.17 16.38
C HIS A 14 8.15 4.01 15.39
N THR A 15 8.17 2.78 15.90
CA THR A 15 8.05 1.61 15.04
C THR A 15 6.60 1.22 14.71
N ALA A 16 5.62 1.89 15.36
CA ALA A 16 4.19 1.62 15.14
C ALA A 16 3.74 2.36 13.87
N GLU A 17 3.85 1.70 12.72
CA GLU A 17 3.69 2.30 11.40
C GLU A 17 2.27 2.78 11.10
N SER A 18 1.27 2.13 11.68
CA SER A 18 -0.13 2.50 11.44
C SER A 18 -0.50 3.85 12.04
N VAL A 19 0.26 4.24 13.09
CA VAL A 19 -0.16 5.36 13.94
C VAL A 19 -0.04 6.67 13.21
N ALA A 20 -1.15 7.40 13.28
CA ALA A 20 -1.25 8.69 12.63
C ALA A 20 -2.12 9.57 13.53
N PHE A 21 -1.50 10.66 13.97
CA PHE A 21 -2.18 11.63 14.81
C PHE A 21 -2.67 12.76 13.91
N PRO A 22 -4.00 12.92 13.69
CA PRO A 22 -4.49 13.81 12.65
C PRO A 22 -4.61 15.27 13.15
N LEU A 23 -3.94 16.13 12.45
CA LEU A 23 -4.16 17.54 12.62
C LEU A 23 -5.28 17.98 11.66
N GLY A 24 -5.72 19.22 11.87
CA GLY A 24 -6.85 19.75 11.15
C GLY A 24 -8.09 19.69 12.01
N GLY A 25 -9.12 20.34 11.50
CA GLY A 25 -10.31 20.55 12.29
C GLY A 25 -11.57 20.05 11.58
N ILE A 26 -12.74 20.47 12.12
CA ILE A 26 -13.99 20.06 11.49
C ILE A 26 -14.05 20.58 10.07
N GLY A 27 -14.24 19.66 9.11
CA GLY A 27 -14.53 20.01 7.75
C GLY A 27 -13.32 20.59 6.98
N THR A 28 -12.12 20.62 7.58
CA THR A 28 -11.01 21.34 6.94
C THR A 28 -10.17 20.44 6.02
N GLY A 29 -10.28 19.11 6.15
CA GLY A 29 -9.26 18.22 5.68
C GLY A 29 -8.11 18.18 6.72
N ASN A 30 -7.09 17.39 6.44
CA ASN A 30 -6.18 16.96 7.47
C ASN A 30 -4.80 16.65 6.89
N VAL A 31 -3.81 16.77 7.77
CA VAL A 31 -2.54 16.10 7.58
C VAL A 31 -2.24 15.47 8.94
N SER A 32 -1.51 14.36 8.92
CA SER A 32 -1.26 13.65 10.17
C SER A 32 0.22 13.60 10.49
N LEU A 33 0.49 13.23 11.76
CA LEU A 33 1.83 12.97 12.23
C LEU A 33 1.90 11.49 12.56
N GLY A 34 2.95 10.84 12.06
CA GLY A 34 3.24 9.46 12.42
C GLY A 34 4.04 9.44 13.72
N ALA A 35 4.27 8.24 14.19
CA ALA A 35 5.02 8.06 15.43
C ALA A 35 6.52 8.34 15.23
N ARG A 36 7.02 8.53 13.99
CA ARG A 36 8.39 8.96 13.72
C ARG A 36 8.47 10.49 13.75
N GLY A 37 7.34 11.14 13.86
CA GLY A 37 7.29 12.59 13.76
C GLY A 37 7.13 13.08 12.32
N GLU A 38 6.93 12.15 11.35
CA GLU A 38 6.74 12.51 9.95
C GLU A 38 5.33 13.02 9.68
N LEU A 39 5.22 14.00 8.76
CA LEU A 39 3.93 14.37 8.23
C LEU A 39 3.56 13.33 7.17
N ARG A 40 2.26 12.97 7.17
CA ARG A 40 1.76 11.89 6.37
C ARG A 40 0.29 12.16 6.07
N ASP A 41 -0.29 11.34 5.18
CA ASP A 41 -1.72 11.40 4.88
C ASP A 41 -2.16 12.84 4.62
N TRP A 42 -1.62 13.45 3.57
CA TRP A 42 -1.92 14.79 3.14
C TRP A 42 -3.25 14.78 2.43
N GLU A 43 -4.30 15.30 3.10
CA GLU A 43 -5.68 15.18 2.60
C GLU A 43 -6.49 16.46 2.86
N PHE A 44 -6.01 17.54 2.23
CA PHE A 44 -6.60 18.84 2.36
C PHE A 44 -7.68 19.16 1.34
N GLU A 45 -7.83 18.33 0.31
CA GLU A 45 -8.41 18.78 -0.97
C GLU A 45 -9.82 18.24 -1.17
N ASN A 46 -10.55 17.99 -0.07
CA ASN A 46 -11.95 17.61 -0.06
C ASN A 46 -12.14 16.15 -0.34
N LEU A 47 -11.06 15.37 -0.27
CA LEU A 47 -11.18 13.92 -0.34
C LEU A 47 -10.12 13.33 0.59
N PRO A 48 -10.34 12.10 1.05
CA PRO A 48 -9.34 11.34 1.79
C PRO A 48 -8.13 11.11 0.89
N ASP A 49 -7.00 10.99 1.54
CA ASP A 49 -5.77 10.62 0.81
C ASP A 49 -4.74 10.02 1.77
N LYS A 50 -5.10 8.88 2.39
CA LYS A 50 -4.13 8.17 3.22
C LYS A 50 -3.00 7.65 2.35
N GLY A 51 -1.76 7.86 2.80
CA GLY A 51 -0.61 7.37 2.05
C GLY A 51 -0.08 8.37 1.04
N ARG A 52 -0.77 9.50 0.84
CA ARG A 52 -0.26 10.51 -0.07
C ARG A 52 1.00 11.13 0.55
N LEU A 53 2.07 11.14 -0.26
CA LEU A 53 3.35 11.69 0.14
C LEU A 53 3.40 13.08 -0.43
N ASN A 54 3.78 14.04 0.37
CA ASN A 54 3.99 15.40 -0.11
C ASN A 54 5.48 15.57 -0.40
N PRO A 55 5.90 15.76 -1.68
CA PRO A 55 7.31 15.84 -1.99
C PRO A 55 7.95 16.96 -1.15
N ARG A 56 9.16 16.66 -0.70
CA ARG A 56 10.04 17.64 -0.11
C ARG A 56 9.44 18.40 1.04
N SER A 57 8.65 17.70 1.85
CA SER A 57 7.90 18.32 2.92
C SER A 57 8.26 17.63 4.25
N PHE A 58 9.09 18.33 5.04
CA PHE A 58 9.71 17.69 6.18
C PHE A 58 10.38 18.79 7.00
N PHE A 59 10.53 18.49 8.28
CA PHE A 59 11.30 19.36 9.20
C PHE A 59 12.69 18.79 9.40
N ALA A 60 13.63 19.69 9.60
CA ALA A 60 15.02 19.29 9.84
C ALA A 60 15.63 20.25 10.83
N ILE A 61 16.76 19.79 11.37
CA ILE A 61 17.49 20.59 12.35
C ILE A 61 18.95 20.65 11.95
N HIS A 62 19.54 21.84 12.11
CA HIS A 62 20.97 22.00 12.09
C HIS A 62 21.40 22.43 13.51
N ALA A 63 22.20 21.60 14.18
CA ALA A 63 22.65 21.88 15.54
C ALA A 63 24.17 22.05 15.50
N ALA A 64 24.61 23.28 15.76
CA ALA A 64 26.03 23.62 15.61
C ALA A 64 26.58 23.99 17.00
N PRO A 65 27.09 22.99 17.75
CA PRO A 65 27.70 23.25 19.06
C PRO A 65 28.93 24.15 18.89
N GLN A 66 29.09 25.12 19.79
CA GLN A 66 30.25 26.00 19.71
C GLN A 66 31.50 25.15 19.96
N GLY A 67 32.43 25.17 19.01
CA GLY A 67 33.65 24.40 19.11
C GLY A 67 33.45 22.89 18.93
N GLY A 68 32.38 22.44 18.27
CA GLY A 68 32.12 21.02 18.17
C GLY A 68 31.64 20.78 16.76
N PRO A 69 31.49 19.51 16.36
CA PRO A 69 31.08 19.20 15.00
C PRO A 69 29.57 19.47 14.91
N SER A 70 29.14 20.01 13.77
CA SER A 70 27.72 20.25 13.58
C SER A 70 26.99 18.92 13.30
N ALA A 71 25.67 18.86 13.50
CA ALA A 71 24.84 17.74 13.10
C ALA A 71 23.61 18.34 12.40
N THR A 72 23.24 17.73 11.28
CA THR A 72 22.14 18.19 10.44
C THR A 72 21.34 16.92 10.23
N ARG A 73 20.06 16.95 10.63
CA ARG A 73 19.22 15.76 10.65
CA ARG A 73 19.22 15.77 10.61
C ARG A 73 17.80 16.14 10.25
N VAL A 74 17.11 15.22 9.60
CA VAL A 74 15.67 15.35 9.48
C VAL A 74 15.11 14.99 10.85
N LEU A 75 14.11 15.76 11.27
CA LEU A 75 13.50 15.68 12.61
C LEU A 75 12.41 14.62 12.61
N GLU A 76 12.85 13.41 12.33
CA GLU A 76 12.04 12.23 12.30
C GLU A 76 12.92 11.13 12.84
N ALA A 77 12.26 10.23 13.51
CA ALA A 77 12.88 8.97 13.79
C ALA A 77 13.05 8.14 12.51
N ARG A 78 13.96 7.17 12.57
CA ARG A 78 14.24 6.28 11.46
C ARG A 78 13.04 5.39 11.18
N SER A 79 12.85 5.13 9.88
CA SER A 79 11.86 4.17 9.44
C SER A 79 12.30 2.78 9.84
N SER A 80 11.35 1.81 9.90
CA SER A 80 11.73 0.50 10.50
C SER A 80 11.02 -0.75 9.94
N GLY A 81 10.16 -0.61 8.96
CA GLY A 81 9.40 -1.82 8.55
C GLY A 81 9.86 -2.24 7.16
N ARG A 82 8.91 -2.50 6.26
CA ARG A 82 9.30 -2.81 4.89
C ARG A 82 10.01 -1.63 4.23
N HIS A 83 11.08 -1.93 3.46
CA HIS A 83 11.79 -0.93 2.69
C HIS A 83 11.72 -1.21 1.18
N ASP A 84 10.91 -2.21 0.79
CA ASP A 84 10.87 -2.67 -0.58
C ASP A 84 9.86 -1.88 -1.44
N ARG A 85 9.92 -0.55 -1.36
CA ARG A 85 9.24 0.25 -2.36
C ARG A 85 9.76 -0.16 -3.75
N ASP A 86 8.82 -0.19 -4.72
CA ASP A 86 9.08 -0.73 -6.05
C ASP A 86 10.20 0.03 -6.76
N ALA A 87 10.37 1.34 -6.49
CA ALA A 87 11.38 2.12 -7.19
C ALA A 87 12.39 2.65 -6.19
N GLY A 88 12.38 2.02 -4.99
CA GLY A 88 13.07 2.64 -3.87
C GLY A 88 12.21 3.73 -3.22
N TYR A 89 12.66 4.30 -2.09
CA TYR A 89 12.11 5.58 -1.68
C TYR A 89 12.59 6.59 -2.71
N GLY A 90 11.66 7.39 -3.19
CA GLY A 90 11.99 8.25 -4.33
C GLY A 90 12.65 9.53 -3.88
N PHE A 91 13.22 10.22 -4.85
CA PHE A 91 13.98 11.44 -4.62
C PHE A 91 13.25 12.34 -3.64
N ASP A 92 11.95 12.58 -3.91
CA ASP A 92 11.22 13.61 -3.20
C ASP A 92 10.85 13.21 -1.78
N GLU A 93 11.01 11.94 -1.41
CA GLU A 93 10.87 11.51 -0.03
C GLU A 93 12.10 11.85 0.85
N LEU A 94 13.28 12.09 0.26
CA LEU A 94 14.49 12.41 1.03
C LEU A 94 14.70 11.41 2.17
N ALA A 95 14.47 10.13 1.85
CA ALA A 95 14.67 9.06 2.77
C ALA A 95 16.11 8.73 3.07
N GLY A 96 17.04 9.26 2.24
CA GLY A 96 18.43 8.96 2.42
C GLY A 96 19.14 10.04 3.26
N LEU A 97 18.38 11.02 3.78
CA LEU A 97 18.94 12.00 4.71
C LEU A 97 18.96 11.40 6.12
N PRO A 98 19.93 11.78 6.97
CA PRO A 98 20.02 11.15 8.30
C PRO A 98 18.88 11.61 9.22
N ARG A 99 18.48 10.69 10.05
CA ARG A 99 17.33 10.80 10.94
C ARG A 99 17.75 10.41 12.35
N LEU A 100 16.76 10.36 13.26
CA LEU A 100 17.03 10.21 14.69
C LEU A 100 16.77 8.78 15.10
N ASP A 101 17.40 8.40 16.24
CA ASP A 101 17.36 7.01 16.67
C ASP A 101 15.95 6.54 17.01
N SER A 102 15.19 7.38 17.70
CA SER A 102 13.85 6.91 18.03
C SER A 102 12.91 8.08 18.36
N ALA A 103 11.64 7.74 18.55
CA ALA A 103 10.67 8.70 19.02
C ALA A 103 9.57 7.95 19.75
N GLY A 104 8.92 8.67 20.65
CA GLY A 104 7.75 8.26 21.39
C GLY A 104 6.63 9.28 21.20
N LEU A 105 5.48 8.77 20.73
CA LEU A 105 4.31 9.59 20.45
C LEU A 105 3.35 9.50 21.61
N HIS A 106 2.92 10.67 22.09
CA HIS A 106 1.98 10.76 23.19
C HIS A 106 0.81 11.64 22.78
N GLY A 107 -0.30 10.98 22.44
CA GLY A 107 -1.45 11.68 21.91
C GLY A 107 -2.57 11.76 22.92
N GLU A 108 -3.02 12.98 23.17
CA GLU A 108 -4.29 13.26 23.86
C GLU A 108 -5.12 14.16 22.95
N TYR A 109 -5.72 13.51 21.95
CA TYR A 109 -6.39 14.24 20.87
C TYR A 109 -7.31 15.29 21.50
N PRO A 110 -7.22 16.58 21.13
CA PRO A 110 -6.54 17.07 19.92
C PRO A 110 -5.05 17.44 19.97
N VAL A 111 -4.37 17.12 21.10
CA VAL A 111 -2.99 17.48 21.29
C VAL A 111 -2.09 16.27 21.19
N VAL A 112 -0.91 16.47 20.58
CA VAL A 112 0.12 15.45 20.56
C VAL A 112 1.50 16.01 20.91
N ASP A 113 2.28 15.16 21.58
CA ASP A 113 3.70 15.37 21.83
C ASP A 113 4.45 14.18 21.30
N ILE A 114 5.50 14.51 20.54
CA ILE A 114 6.40 13.48 19.99
C ILE A 114 7.81 13.81 20.46
N ASP A 115 8.33 12.92 21.33
CA ASP A 115 9.62 13.11 21.98
C ASP A 115 10.67 12.32 21.23
N PHE A 116 11.69 13.04 20.68
CA PHE A 116 12.75 12.37 19.95
C PHE A 116 13.86 11.99 20.94
N THR A 117 14.47 10.82 20.64
CA THR A 117 15.69 10.40 21.31
C THR A 117 16.75 10.14 20.26
N ASP A 118 17.96 10.66 20.51
CA ASP A 118 19.04 10.42 19.58
C ASP A 118 20.36 10.53 20.31
N ALA A 119 21.26 9.61 19.97
CA ALA A 119 22.56 9.55 20.60
C ALA A 119 23.55 10.54 19.97
N THR A 120 23.34 11.08 18.79
CA THR A 120 24.36 11.89 18.11
C THR A 120 23.97 13.38 18.10
N LEU A 121 22.68 13.70 18.05
CA LEU A 121 22.25 15.10 18.05
C LEU A 121 22.65 15.76 19.38
N PRO A 122 23.29 16.95 19.38
CA PRO A 122 23.76 17.56 20.64
C PRO A 122 22.70 18.40 21.35
N VAL A 123 21.45 18.35 20.85
CA VAL A 123 20.29 18.87 21.54
C VAL A 123 19.22 17.79 21.54
N THR A 124 18.20 17.99 22.37
CA THR A 124 17.07 17.05 22.46
C THR A 124 15.82 17.80 22.00
N VAL A 125 15.00 17.08 21.24
CA VAL A 125 13.91 17.70 20.51
C VAL A 125 12.62 16.97 20.86
N SER A 126 11.58 17.81 20.91
CA SER A 126 10.22 17.36 21.02
C SER A 126 9.32 18.20 20.09
N LEU A 127 8.28 17.57 19.57
CA LEU A 127 7.23 18.24 18.81
C LEU A 127 5.90 18.20 19.59
N HIS A 128 5.35 19.40 19.78
CA HIS A 128 3.98 19.61 20.30
C HIS A 128 3.12 20.15 19.17
N ALA A 129 2.04 19.46 18.86
CA ALA A 129 1.23 19.86 17.72
C ALA A 129 -0.25 19.70 18.04
N PHE A 130 -1.00 20.62 17.44
CA PHE A 130 -2.44 20.59 17.57
C PHE A 130 -3.08 21.55 16.55
N THR A 131 -4.36 21.24 16.34
CA THR A 131 -5.30 22.15 15.77
C THR A 131 -6.30 22.44 16.89
N PRO A 132 -6.59 23.72 17.20
CA PRO A 132 -7.45 24.02 18.34
C PRO A 132 -8.78 23.30 18.29
N LEU A 133 -9.27 22.93 19.48
CA LEU A 133 -10.62 22.41 19.63
C LEU A 133 -11.27 23.17 20.78
N VAL A 134 -12.30 23.93 20.42
CA VAL A 134 -13.09 24.75 21.35
C VAL A 134 -14.50 24.18 21.37
N PRO A 135 -14.79 23.38 22.40
CA PRO A 135 -16.12 22.76 22.48
C PRO A 135 -17.22 23.78 22.30
N LEU A 136 -18.25 23.37 21.55
CA LEU A 136 -19.43 24.17 21.25
C LEU A 136 -19.14 25.35 20.29
N ASP A 137 -17.91 25.46 19.76
CA ASP A 137 -17.55 26.49 18.78
C ASP A 137 -17.00 25.78 17.56
N ALA A 138 -17.94 25.45 16.64
CA ALA A 138 -17.59 24.63 15.49
C ALA A 138 -16.65 25.39 14.56
N ASP A 139 -16.80 26.71 14.49
CA ASP A 139 -15.86 27.46 13.67
C ASP A 139 -14.45 27.47 14.26
N ALA A 140 -14.30 27.77 15.55
CA ALA A 140 -13.00 27.80 16.18
C ALA A 140 -12.32 26.44 16.19
N SER A 141 -13.12 25.38 16.01
CA SER A 141 -12.68 24.01 16.01
C SER A 141 -12.53 23.50 14.56
N GLY A 142 -12.70 24.41 13.60
CA GLY A 142 -12.67 24.16 12.16
C GLY A 142 -11.70 25.10 11.45
N ILE A 143 -10.54 25.30 12.06
CA ILE A 143 -9.46 26.11 11.48
C ILE A 143 -8.59 25.18 10.62
N PRO A 144 -8.47 25.44 9.31
CA PRO A 144 -7.61 24.63 8.43
C PRO A 144 -6.13 25.00 8.63
N ALA A 145 -5.64 24.70 9.85
CA ALA A 145 -4.27 24.99 10.21
C ALA A 145 -3.92 24.16 11.43
N ALA A 146 -2.63 24.07 11.66
CA ALA A 146 -2.10 23.37 12.82
C ALA A 146 -0.85 24.10 13.31
N VAL A 147 -0.66 24.04 14.62
CA VAL A 147 0.58 24.44 15.25
C VAL A 147 1.55 23.26 15.29
N LEU A 148 2.80 23.56 14.86
CA LEU A 148 3.90 22.61 14.94
C LEU A 148 5.03 23.26 15.72
N ARG A 149 5.12 22.87 16.99
CA ARG A 149 5.96 23.61 17.91
C ARG A 149 7.06 22.69 18.42
N TYR A 150 8.25 22.90 17.90
CA TYR A 150 9.41 22.12 18.27
C TYR A 150 10.11 22.72 19.49
N ARG A 151 10.08 21.98 20.60
CA ARG A 151 10.88 22.34 21.75
C ARG A 151 12.28 21.72 21.65
N VAL A 152 13.30 22.56 21.77
CA VAL A 152 14.68 22.12 21.70
C VAL A 152 15.36 22.44 23.02
N VAL A 153 15.97 21.41 23.59
CA VAL A 153 16.71 21.55 24.84
C VAL A 153 18.18 21.31 24.54
N ASN A 154 19.05 22.08 25.23
CA ASN A 154 20.47 21.85 25.19
C ASN A 154 20.91 21.25 26.53
N PRO A 155 21.11 19.93 26.63
CA PRO A 155 21.52 19.29 27.88
C PRO A 155 23.03 19.19 28.00
N GLY A 156 23.76 19.76 27.03
CA GLY A 156 25.19 19.61 26.97
C GLY A 156 25.89 20.76 27.72
N ASP A 157 27.18 20.90 27.43
CA ASP A 157 28.05 21.72 28.23
C ASP A 157 28.58 22.90 27.43
N ALA A 158 28.15 23.06 26.18
CA ALA A 158 28.53 24.23 25.38
C ALA A 158 27.28 24.78 24.70
N PRO A 159 27.29 26.06 24.30
CA PRO A 159 26.17 26.61 23.53
C PRO A 159 26.06 25.85 22.20
N VAL A 160 24.83 25.79 21.70
CA VAL A 160 24.54 25.21 20.43
C VAL A 160 23.65 26.17 19.69
N THR A 161 24.05 26.52 18.46
CA THR A 161 23.22 27.31 17.60
C THR A 161 22.32 26.34 16.84
N VAL A 162 21.01 26.46 17.03
CA VAL A 162 20.05 25.54 16.43
C VAL A 162 19.18 26.24 15.38
N THR A 163 19.07 25.62 14.21
CA THR A 163 18.09 26.02 13.21
C THR A 163 17.10 24.88 13.08
N VAL A 164 15.83 25.20 13.24
CA VAL A 164 14.77 24.25 12.94
C VAL A 164 14.12 24.79 11.70
N VAL A 165 14.06 23.94 10.66
CA VAL A 165 13.64 24.33 9.32
CA VAL A 165 13.58 24.39 9.36
C VAL A 165 12.48 23.47 8.84
N GLY A 166 11.35 24.11 8.46
CA GLY A 166 10.28 23.39 7.76
C GLY A 166 10.44 23.65 6.28
N SER A 167 10.54 22.56 5.53
CA SER A 167 10.47 22.62 4.10
C SER A 167 9.13 22.04 3.68
N MET A 168 8.51 22.71 2.72
CA MET A 168 7.13 22.40 2.41
C MET A 168 6.85 22.65 0.91
N SER A 169 6.15 21.70 0.30
CA SER A 169 5.49 21.86 -1.00
C SER A 169 3.99 22.08 -0.82
N HIS A 170 3.40 22.86 -1.75
CA HIS A 170 1.98 22.95 -1.87
C HIS A 170 1.49 21.61 -2.40
N THR A 171 0.26 21.26 -2.00
CA THR A 171 -0.33 20.00 -2.45
C THR A 171 -1.17 20.15 -3.74
N ALA A 172 -1.64 21.34 -4.02
CA ALA A 172 -2.63 21.60 -5.07
C ALA A 172 -2.07 21.30 -6.48
N GLY A 173 -2.94 20.78 -7.33
CA GLY A 173 -2.70 20.83 -8.77
C GLY A 173 -2.67 19.49 -9.46
N ARG A 174 -2.77 18.39 -8.72
CA ARG A 174 -2.61 17.10 -9.41
C ARG A 174 -3.72 16.87 -10.44
N GLY A 175 -3.37 16.18 -11.54
CA GLY A 175 -4.33 15.82 -12.57
C GLY A 175 -4.07 14.41 -13.04
N ALA A 176 -5.14 13.78 -13.53
CA ALA A 176 -5.08 12.46 -14.16
C ALA A 176 -4.02 12.43 -15.26
N PRO A 177 -3.25 11.33 -15.46
CA PRO A 177 -2.18 11.31 -16.47
C PRO A 177 -2.68 11.82 -17.82
N GLY A 178 -1.90 12.64 -18.50
CA GLY A 178 -2.30 13.10 -19.81
C GLY A 178 -1.68 14.43 -20.16
N PRO A 179 -1.92 14.92 -21.39
CA PRO A 179 -1.19 16.06 -21.92
C PRO A 179 -1.42 17.35 -21.10
N ASP A 180 -2.56 17.47 -20.42
CA ASP A 180 -2.76 18.73 -19.67
C ASP A 180 -2.26 18.62 -18.21
N ALA A 181 -1.65 17.49 -17.88
CA ALA A 181 -1.05 17.26 -16.56
C ALA A 181 0.39 16.83 -16.77
N PRO A 182 1.25 17.71 -17.31
CA PRO A 182 2.67 17.42 -17.37
C PRO A 182 3.24 17.24 -15.96
N TRP A 183 4.06 16.21 -15.79
CA TRP A 183 4.62 16.01 -14.48
C TRP A 183 3.48 15.65 -13.51
N GLY A 184 2.28 15.29 -14.01
CA GLY A 184 1.14 14.92 -13.17
C GLY A 184 0.40 16.11 -12.59
N MET A 185 0.69 17.32 -13.14
CA MET A 185 0.27 18.59 -12.59
C MET A 185 -0.49 19.42 -13.62
N ARG A 186 -1.75 19.75 -13.30
CA ARG A 186 -2.64 20.47 -14.20
C ARG A 186 -2.43 21.97 -14.06
N GLY A 187 -1.82 22.39 -12.96
CA GLY A 187 -1.44 23.79 -12.78
C GLY A 187 -0.02 23.94 -12.24
N THR A 188 0.46 25.21 -12.23
CA THR A 188 1.79 25.50 -11.77
C THR A 188 1.70 26.25 -10.45
N GLN A 189 2.39 25.74 -9.45
CA GLN A 189 2.36 26.38 -8.16
C GLN A 189 3.29 27.59 -8.14
N SER A 190 3.09 28.39 -7.07
CA SER A 190 3.95 29.51 -6.72
C SER A 190 4.23 29.46 -5.22
N VAL A 191 5.37 30.02 -4.85
CA VAL A 191 5.69 30.21 -3.45
C VAL A 191 6.40 31.53 -3.28
N ARG A 192 6.07 32.22 -2.20
CA ARG A 192 6.83 33.40 -1.86
C ARG A 192 6.94 33.57 -0.34
N TRP A 193 8.04 34.22 0.03
CA TRP A 193 8.17 34.91 1.30
C TRP A 193 7.11 35.98 1.40
N ARG A 194 6.49 36.04 2.57
CA ARG A 194 5.48 37.04 2.85
C ARG A 194 5.58 37.40 4.33
N GLU A 195 5.38 38.72 4.59
CA GLU A 195 5.30 39.20 5.96
C GLU A 195 4.12 40.16 6.03
N SER A 196 3.04 39.75 6.67
CA SER A 196 1.83 40.54 6.71
C SER A 196 0.95 39.94 7.81
N ASP A 197 0.04 40.75 8.33
CA ASP A 197 -1.00 40.27 9.25
C ASP A 197 -0.41 39.73 10.54
N GLY A 198 0.75 40.25 10.92
CA GLY A 198 1.48 39.93 12.14
C GLY A 198 2.23 38.59 12.04
N ILE A 199 2.36 38.00 10.83
CA ILE A 199 3.09 36.75 10.69
C ILE A 199 4.07 36.81 9.50
N ARG A 200 4.91 35.78 9.35
CA ARG A 200 5.91 35.73 8.29
C ARG A 200 6.09 34.29 7.89
N GLY A 201 6.45 34.08 6.63
CA GLY A 201 6.76 32.73 6.20
C GLY A 201 6.49 32.58 4.71
N LEU A 202 6.04 31.40 4.34
CA LEU A 202 5.92 30.98 2.97
C LEU A 202 4.43 30.91 2.60
N ASP A 203 4.08 31.56 1.48
CA ASP A 203 2.74 31.68 0.99
C ASP A 203 2.73 31.00 -0.37
N PHE A 204 1.96 29.87 -0.44
CA PHE A 204 1.83 29.07 -1.63
C PHE A 204 0.49 29.29 -2.34
N ASP A 205 0.55 29.27 -3.69
CA ASP A 205 -0.61 29.47 -4.52
C ASP A 205 -0.45 28.54 -5.73
N ILE A 206 -1.42 28.60 -6.63
CA ILE A 206 -1.42 27.83 -7.89
C ILE A 206 -2.25 28.60 -8.93
N ASP A 207 -1.84 28.49 -10.21
CA ASP A 207 -2.52 29.21 -11.29
C ASP A 207 -3.71 28.45 -11.87
N LEU A 208 -4.31 27.54 -11.11
CA LEU A 208 -5.68 27.12 -11.41
C LEU A 208 -6.69 28.24 -11.14
N ASP A 209 -7.82 28.20 -11.87
CA ASP A 209 -8.86 29.17 -11.66
C ASP A 209 -9.40 29.00 -10.23
N HIS A 210 -9.78 30.13 -9.60
CA HIS A 210 -10.17 30.22 -8.21
C HIS A 210 -11.38 29.33 -7.90
N ASP A 211 -12.20 28.99 -8.92
CA ASP A 211 -13.42 28.19 -8.74
C ASP A 211 -13.15 26.74 -9.10
N ASP A 212 -11.89 26.37 -9.32
CA ASP A 212 -11.57 25.02 -9.73
C ASP A 212 -11.70 24.18 -8.47
N PRO A 213 -12.34 22.99 -8.49
CA PRO A 213 -12.37 22.14 -7.30
C PRO A 213 -10.98 21.90 -6.73
N GLY A 214 -9.92 21.83 -7.61
CA GLY A 214 -8.57 21.57 -7.12
C GLY A 214 -7.78 22.81 -6.70
N TYR A 215 -8.40 23.98 -6.81
CA TYR A 215 -7.76 25.23 -6.38
C TYR A 215 -7.53 25.23 -4.87
N GLY A 216 -6.35 25.70 -4.47
CA GLY A 216 -6.17 26.09 -3.08
C GLY A 216 -4.81 26.71 -2.83
N THR A 217 -4.62 26.99 -1.55
CA THR A 217 -3.48 27.66 -1.00
C THR A 217 -2.94 26.89 0.20
N MET A 218 -1.71 27.25 0.54
CA MET A 218 -1.06 26.74 1.73
C MET A 218 -0.11 27.77 2.29
N SER A 219 0.22 27.65 3.57
CA SER A 219 1.22 28.55 4.11
C SER A 219 1.94 27.84 5.25
N LEU A 220 3.18 28.27 5.46
CA LEU A 220 4.00 27.84 6.59
C LEU A 220 4.56 29.12 7.20
N THR A 221 4.13 29.43 8.42
CA THR A 221 4.38 30.72 9.03
C THR A 221 4.86 30.57 10.43
N THR A 222 5.36 31.69 10.91
CA THR A 222 5.83 31.83 12.28
C THR A 222 5.61 33.30 12.66
N THR A 223 5.56 33.54 13.98
CA THR A 223 5.75 34.89 14.51
C THR A 223 7.15 35.13 15.08
N ASP A 224 8.02 34.13 15.00
CA ASP A 224 9.40 34.32 15.40
C ASP A 224 10.11 35.27 14.42
N SER A 225 10.84 36.28 14.95
CA SER A 225 11.61 37.19 14.14
C SER A 225 12.94 36.61 13.70
N SER A 226 13.36 35.44 14.27
CA SER A 226 14.71 34.96 14.00
C SER A 226 14.68 33.90 12.91
N THR A 227 14.56 34.35 11.66
CA THR A 227 14.27 33.44 10.57
C THR A 227 15.45 33.42 9.61
N THR A 228 15.56 32.31 8.87
CA THR A 228 16.47 32.15 7.74
C THR A 228 15.73 31.33 6.68
N VAL A 229 15.78 31.76 5.40
CA VAL A 229 14.77 31.23 4.47
C VAL A 229 15.40 30.93 3.10
N LYS A 230 14.87 29.85 2.49
CA LYS A 230 15.04 29.62 1.07
C LYS A 230 13.63 29.56 0.48
N PRO A 231 13.09 30.70 0.00
CA PRO A 231 11.67 30.77 -0.28
C PRO A 231 11.29 29.78 -1.38
N GLN A 232 12.21 29.55 -2.36
CA GLN A 232 11.87 28.69 -3.51
C GLN A 232 13.08 27.88 -3.89
N TRP A 233 12.92 26.55 -3.75
CA TRP A 233 13.97 25.65 -4.15
C TRP A 233 14.12 25.69 -5.66
N VAL A 234 15.33 25.32 -6.10
CA VAL A 234 15.63 25.17 -7.52
C VAL A 234 14.75 24.05 -8.11
N THR A 235 14.24 24.35 -9.30
CA THR A 235 13.53 23.34 -10.07
C THR A 235 14.35 23.07 -11.34
N SER A 236 14.89 21.85 -11.39
CA SER A 236 15.67 21.34 -12.51
C SER A 236 15.01 20.02 -12.94
N TYR A 237 15.45 19.41 -14.03
CA TYR A 237 14.89 18.13 -14.41
C TYR A 237 15.21 17.06 -13.41
N TRP A 238 16.43 17.13 -12.87
CA TRP A 238 16.88 16.28 -11.79
C TRP A 238 16.69 17.03 -10.48
N PRO A 239 16.84 16.37 -9.33
CA PRO A 239 16.53 17.02 -8.05
C PRO A 239 17.73 17.81 -7.50
N ASP A 240 18.08 18.84 -8.28
CA ASP A 240 19.09 19.78 -7.86
C ASP A 240 18.61 20.55 -6.62
N GLY A 241 17.31 20.90 -6.57
CA GLY A 241 16.78 21.74 -5.50
C GLY A 241 17.08 21.19 -4.09
N ALA A 242 16.88 19.89 -3.92
CA ALA A 242 17.03 19.27 -2.63
C ALA A 242 18.51 19.14 -2.23
N ARG A 243 19.37 18.91 -3.22
CA ARG A 243 20.77 18.77 -3.00
C ARG A 243 21.27 20.14 -2.54
N LEU A 244 20.88 21.20 -3.28
CA LEU A 244 21.30 22.55 -2.93
C LEU A 244 20.77 22.96 -1.54
N PHE A 245 19.53 22.59 -1.26
CA PHE A 245 18.95 22.80 0.05
C PHE A 245 19.82 22.20 1.15
N TRP A 246 20.09 20.91 1.08
CA TRP A 246 20.84 20.30 2.13
C TRP A 246 22.28 20.85 2.19
N ASN A 247 22.90 21.13 1.05
CA ASN A 247 24.25 21.70 1.07
C ASN A 247 24.17 23.00 1.88
N ASP A 248 23.16 23.84 1.60
CA ASP A 248 22.97 25.17 2.21
C ASP A 248 22.74 25.09 3.71
N LEU A 249 21.89 24.13 4.13
CA LEU A 249 21.58 23.94 5.55
C LEU A 249 22.78 23.36 6.30
N ALA A 250 23.35 22.26 5.78
CA ALA A 250 24.37 21.49 6.51
C ALA A 250 25.70 22.27 6.60
N ASP A 251 25.91 23.21 5.68
CA ASP A 251 27.08 24.08 5.70
C ASP A 251 27.12 24.88 7.01
N ASP A 252 26.05 25.67 7.27
CA ASP A 252 26.11 26.73 8.25
C ASP A 252 24.82 26.92 9.04
N GLY A 253 23.83 26.03 8.85
CA GLY A 253 22.52 26.21 9.47
C GLY A 253 21.70 27.42 8.99
N LEU A 254 22.20 28.12 7.95
CA LEU A 254 21.52 29.25 7.37
C LEU A 254 21.18 28.95 5.91
N LEU A 255 20.14 29.61 5.44
CA LEU A 255 19.59 29.45 4.10
C LEU A 255 19.62 30.78 3.36
N ALA A 256 19.64 30.68 2.02
CA ALA A 256 19.58 31.86 1.19
C ALA A 256 18.58 31.56 0.08
N PRO A 257 17.91 32.60 -0.47
CA PRO A 257 17.13 32.42 -1.69
C PRO A 257 18.07 31.99 -2.81
N GLU A 258 17.51 31.24 -3.76
CA GLU A 258 18.25 30.79 -4.93
C GLU A 258 18.35 31.91 -5.97
N ALA A 259 19.59 32.19 -6.43
CA ALA A 259 19.77 33.26 -7.45
C ALA A 259 19.11 32.80 -8.75
N ARG A 260 19.20 31.50 -9.05
CA ARG A 260 18.58 30.91 -10.22
C ARG A 260 17.52 29.93 -9.76
N LEU A 261 16.35 30.08 -10.32
CA LEU A 261 15.19 29.26 -9.89
C LEU A 261 15.16 27.99 -10.71
N THR A 262 16.01 27.90 -11.76
CA THR A 262 16.27 26.64 -12.44
C THR A 262 17.75 26.66 -12.85
N LEU A 263 18.37 25.48 -12.96
CA LEU A 263 19.72 25.39 -13.47
C LEU A 263 19.72 24.88 -14.91
N GLU A 264 18.54 24.72 -15.49
CA GLU A 264 18.41 24.41 -16.90
C GLU A 264 18.50 25.70 -17.70
N ASP A 265 19.18 25.59 -18.85
CA ASP A 265 19.20 26.67 -19.84
C ASP A 265 18.19 26.36 -20.96
N LYS A 266 18.16 25.12 -21.41
CA LYS A 266 17.16 24.68 -22.34
C LYS A 266 17.04 23.18 -22.16
N PRO A 267 15.96 22.56 -22.65
CA PRO A 267 15.77 21.11 -22.50
C PRO A 267 16.92 20.41 -23.23
N ARG A 268 17.64 19.51 -22.55
CA ARG A 268 18.78 18.86 -23.16
C ARG A 268 18.74 17.37 -22.84
N GLY A 269 19.44 16.56 -23.65
CA GLY A 269 19.73 15.19 -23.28
C GLY A 269 18.44 14.39 -23.40
N LEU A 270 18.14 13.61 -22.36
CA LEU A 270 16.93 12.81 -22.32
C LEU A 270 15.69 13.69 -22.36
N PHE A 271 15.80 14.97 -22.01
CA PHE A 271 14.68 15.86 -21.88
C PHE A 271 14.59 16.73 -23.12
N ALA A 272 15.45 16.52 -24.13
CA ALA A 272 15.45 17.41 -25.29
C ALA A 272 14.18 17.19 -26.08
N GLU A 273 13.76 18.23 -26.74
CA GLU A 273 12.56 18.12 -27.54
C GLU A 273 12.96 17.58 -28.91
N ARG A 274 12.26 16.53 -29.34
CA ARG A 274 12.64 15.79 -30.52
C ARG A 274 12.86 16.77 -31.67
N ASP A 275 11.91 17.71 -31.81
CA ASP A 275 11.99 18.52 -33.01
C ASP A 275 12.86 19.75 -32.81
N ALA A 276 13.29 20.04 -31.58
CA ALA A 276 14.15 21.20 -31.34
C ALA A 276 15.35 21.21 -32.30
N ASP A 277 15.68 22.41 -32.74
CA ASP A 277 16.96 22.68 -33.35
C ASP A 277 18.08 22.46 -32.31
N PRO A 278 19.04 21.52 -32.54
CA PRO A 278 20.14 21.20 -31.59
C PRO A 278 20.93 22.38 -31.06
N ASP A 279 21.09 23.44 -31.88
CA ASP A 279 21.86 24.63 -31.48
C ASP A 279 20.98 25.81 -31.19
N ALA A 280 19.68 25.57 -30.92
CA ALA A 280 18.79 26.60 -30.42
C ALA A 280 19.46 27.36 -29.26
N PRO A 281 19.21 28.70 -29.10
CA PRO A 281 19.81 29.45 -27.98
C PRO A 281 19.10 29.06 -26.66
N ALA A 282 19.72 29.37 -25.53
CA ALA A 282 19.05 29.16 -24.24
C ALA A 282 17.75 29.99 -24.22
N LEU A 283 16.79 29.49 -23.45
CA LEU A 283 15.51 30.15 -23.18
C LEU A 283 15.65 31.16 -22.04
N THR A 284 14.68 32.04 -21.80
CA THR A 284 14.73 32.78 -20.56
C THR A 284 14.42 31.87 -19.36
N GLU A 285 14.68 32.34 -18.13
CA GLU A 285 14.40 31.47 -16.99
C GLU A 285 12.90 31.18 -16.92
N GLU A 286 12.08 32.19 -17.26
CA GLU A 286 10.65 32.06 -17.21
C GLU A 286 10.20 31.05 -18.27
N GLN A 287 10.77 31.10 -19.48
CA GLN A 287 10.36 30.14 -20.49
C GLN A 287 10.80 28.74 -20.12
N MET A 288 11.98 28.64 -19.47
CA MET A 288 12.49 27.35 -19.04
C MET A 288 11.61 26.74 -17.95
N LEU A 289 11.23 27.55 -16.96
CA LEU A 289 10.34 27.08 -15.89
C LEU A 289 9.03 26.58 -16.44
N ALA A 290 8.55 27.16 -17.57
CA ALA A 290 7.28 26.70 -18.15
C ALA A 290 7.35 25.26 -18.63
N LYS A 291 8.54 24.79 -18.93
CA LYS A 291 8.76 23.43 -19.42
C LYS A 291 9.10 22.43 -18.32
N LEU A 292 9.11 22.86 -17.06
CA LEU A 292 9.66 22.06 -15.95
C LEU A 292 8.55 21.63 -15.00
N PRO A 293 8.85 20.73 -14.04
CA PRO A 293 7.86 20.35 -13.02
C PRO A 293 7.29 21.54 -12.29
N ARG A 294 6.09 21.33 -11.78
CA ARG A 294 5.16 22.40 -11.46
C ARG A 294 4.88 22.54 -9.94
N VAL A 295 5.40 21.62 -9.14
CA VAL A 295 5.38 21.74 -7.69
C VAL A 295 6.49 22.71 -7.27
N ARG A 296 6.21 23.49 -6.24
CA ARG A 296 7.18 24.43 -5.68
C ARG A 296 7.34 24.14 -4.21
N THR A 297 8.59 24.34 -3.77
CA THR A 297 9.05 24.01 -2.41
C THR A 297 9.76 25.22 -1.83
N GLY A 298 9.51 25.48 -0.54
CA GLY A 298 10.28 26.49 0.16
C GLY A 298 10.64 26.03 1.55
N SER A 299 11.53 26.77 2.21
CA SER A 299 12.06 26.41 3.53
C SER A 299 12.08 27.61 4.45
N LEU A 300 11.41 27.45 5.61
CA LEU A 300 11.42 28.47 6.65
C LEU A 300 12.18 27.92 7.84
N GLY A 301 13.25 28.62 8.19
CA GLY A 301 14.01 28.20 9.32
C GLY A 301 13.90 29.23 10.40
N ILE A 302 14.01 28.75 11.63
CA ILE A 302 14.03 29.60 12.80
C ILE A 302 15.34 29.26 13.53
N VAL A 303 16.11 30.29 13.92
CA VAL A 303 17.48 30.10 14.39
C VAL A 303 17.60 30.74 15.77
N HIS A 304 18.15 29.96 16.72
CA HIS A 304 18.41 30.46 18.08
C HIS A 304 19.61 29.74 18.66
N THR A 305 20.41 30.45 19.47
CA THR A 305 21.50 29.82 20.19
C THR A 305 21.01 29.51 21.60
N LEU A 306 21.20 28.25 22.04
CA LEU A 306 20.80 27.76 23.36
C LEU A 306 22.06 27.56 24.20
N ALA A 307 22.10 28.27 25.31
CA ALA A 307 23.09 28.05 26.33
C ALA A 307 22.92 26.65 26.90
N PRO A 308 23.96 26.10 27.56
CA PRO A 308 23.78 24.87 28.33
C PRO A 308 22.57 24.99 29.23
N GLY A 309 21.70 23.97 29.14
CA GLY A 309 20.48 23.88 29.93
C GLY A 309 19.30 24.69 29.40
N GLU A 310 19.50 25.54 28.40
CA GLU A 310 18.39 26.32 27.86
C GLU A 310 17.50 25.44 26.96
N GLU A 311 16.23 25.87 26.93
CA GLU A 311 15.19 25.31 26.09
C GLU A 311 14.52 26.46 25.33
N ARG A 312 14.03 26.14 24.14
CA ARG A 312 13.41 27.14 23.31
C ARG A 312 12.43 26.46 22.37
N ASP A 313 11.29 27.15 22.11
CA ASP A 313 10.26 26.72 21.19
C ASP A 313 10.51 27.35 19.82
N PHE A 314 10.48 26.49 18.79
CA PHE A 314 10.59 26.86 17.40
C PHE A 314 9.24 26.58 16.80
N GLU A 315 8.45 27.67 16.71
CA GLU A 315 7.01 27.50 16.53
C GLU A 315 6.60 27.83 15.10
N PHE A 316 5.96 26.85 14.44
CA PHE A 316 5.37 27.04 13.12
C PHE A 316 3.85 26.84 13.14
N VAL A 317 3.22 27.37 12.11
CA VAL A 317 1.85 27.05 11.76
C VAL A 317 1.86 26.63 10.30
N LEU A 318 1.18 25.51 10.04
CA LEU A 318 0.92 25.03 8.71
C LEU A 318 -0.56 25.25 8.46
N ALA A 319 -0.91 25.90 7.34
CA ALA A 319 -2.30 26.21 7.06
C ALA A 319 -2.57 25.92 5.59
N TRP A 320 -3.86 25.70 5.29
CA TRP A 320 -4.29 25.34 3.97
C TRP A 320 -5.69 25.86 3.68
N SER A 321 -6.08 25.71 2.41
CA SER A 321 -7.40 26.14 1.98
C SER A 321 -7.70 25.55 0.60
N PHE A 322 -8.73 24.71 0.52
CA PHE A 322 -9.27 24.16 -0.70
C PHE A 322 -10.76 24.47 -0.66
N PRO A 323 -11.15 25.69 -1.07
CA PRO A 323 -12.48 26.15 -0.74
C PRO A 323 -13.63 25.45 -1.47
N ASN A 324 -13.34 24.85 -2.63
CA ASN A 324 -14.34 24.49 -3.62
C ASN A 324 -14.61 22.99 -3.64
N ARG A 325 -15.86 22.57 -3.42
CA ARG A 325 -16.29 21.22 -3.74
C ARG A 325 -17.19 21.23 -4.99
N ARG A 326 -17.01 20.22 -5.84
CA ARG A 326 -17.90 19.88 -6.93
C ARG A 326 -19.26 19.60 -6.27
N ARG A 327 -20.31 20.24 -6.78
CA ARG A 327 -21.62 20.00 -6.22
C ARG A 327 -21.96 18.52 -6.40
N GLY A 328 -22.50 17.94 -5.31
CA GLY A 328 -22.99 16.55 -5.37
C GLY A 328 -22.10 15.65 -4.51
N TRP A 329 -22.64 14.51 -4.12
CA TRP A 329 -21.86 13.50 -3.41
C TRP A 329 -20.73 12.92 -4.25
N HIS A 330 -21.04 12.55 -5.52
CA HIS A 330 -20.11 11.88 -6.38
C HIS A 330 -19.55 10.67 -5.67
N GLY A 331 -20.45 9.90 -5.07
CA GLY A 331 -20.07 8.68 -4.38
C GLY A 331 -20.32 7.43 -5.21
N HIS A 332 -20.63 6.32 -4.52
CA HIS A 332 -20.70 5.00 -5.16
C HIS A 332 -22.05 4.32 -4.95
N ILE A 333 -23.08 5.05 -4.52
CA ILE A 333 -24.39 4.49 -4.22
C ILE A 333 -25.48 5.25 -4.99
N ILE A 334 -25.55 6.58 -4.90
CA ILE A 334 -26.67 7.32 -5.37
C ILE A 334 -26.36 7.86 -6.77
N PHE A 335 -26.37 6.96 -7.71
CA PHE A 335 -26.10 7.29 -9.10
C PHE A 335 -27.38 7.85 -9.74
N ASP A 336 -27.24 8.39 -10.94
CA ASP A 336 -28.38 9.00 -11.62
C ASP A 336 -29.48 7.97 -11.87
N ASP A 337 -29.14 6.70 -12.02
CA ASP A 337 -30.15 5.67 -12.25
C ASP A 337 -30.80 5.26 -10.92
N ALA A 338 -30.52 5.97 -9.81
CA ALA A 338 -31.03 5.61 -8.50
C ALA A 338 -31.75 6.81 -7.92
N LEU A 339 -32.12 7.75 -8.77
CA LEU A 339 -32.77 9.00 -8.36
C LEU A 339 -34.27 8.84 -8.60
N GLU A 340 -35.00 9.46 -7.69
CA GLU A 340 -36.43 9.33 -7.58
C GLU A 340 -37.02 10.50 -8.36
N ASP A 341 -38.07 10.23 -9.12
CA ASP A 341 -39.01 11.28 -9.51
C ASP A 341 -39.81 11.82 -8.32
N GLY A 342 -39.81 13.13 -8.14
CA GLY A 342 -40.66 13.79 -7.17
C GLY A 342 -40.15 15.21 -6.95
N ALA A 343 -39.19 15.32 -6.04
CA ALA A 343 -38.54 16.59 -5.75
C ALA A 343 -37.77 17.06 -6.99
N PRO A 344 -37.97 18.32 -7.46
CA PRO A 344 -37.36 18.77 -8.72
C PRO A 344 -35.86 19.07 -8.62
N ASP A 345 -35.15 18.97 -9.76
CA ASP A 345 -33.70 19.04 -9.82
C ASP A 345 -33.21 20.49 -9.97
N LEU A 346 -32.67 21.02 -8.87
CA LEU A 346 -32.24 22.41 -8.79
C LEU A 346 -30.80 22.54 -9.23
N ARG A 347 -30.15 21.43 -9.65
CA ARG A 347 -28.70 21.43 -9.72
C ARG A 347 -28.15 22.40 -10.78
N ASP A 348 -28.82 22.42 -11.96
CA ASP A 348 -28.46 23.31 -13.05
C ASP A 348 -28.71 24.78 -12.67
N GLU A 349 -29.80 25.05 -11.93
CA GLU A 349 -30.07 26.38 -11.39
C GLU A 349 -29.05 26.85 -10.35
N LEU A 350 -28.34 25.93 -9.66
CA LEU A 350 -27.54 26.34 -8.49
C LEU A 350 -26.06 26.46 -8.82
N GLY A 351 -25.57 25.85 -9.86
CA GLY A 351 -24.16 26.13 -10.09
C GLY A 351 -23.22 25.07 -9.50
N PRO A 352 -22.06 24.91 -10.14
CA PRO A 352 -21.39 23.61 -10.07
C PRO A 352 -20.56 23.41 -8.79
N ILE A 353 -20.34 24.46 -8.02
CA ILE A 353 -19.44 24.43 -6.86
C ILE A 353 -20.26 24.76 -5.61
N VAL A 354 -20.05 24.00 -4.55
CA VAL A 354 -20.43 24.38 -3.20
C VAL A 354 -19.15 24.63 -2.38
N ARG A 355 -19.11 25.75 -1.65
CA ARG A 355 -17.92 26.07 -0.90
C ARG A 355 -17.93 25.35 0.43
N ASN A 356 -16.72 25.05 0.91
CA ASN A 356 -16.55 24.71 2.30
C ASN A 356 -16.92 25.91 3.14
N HIS A 357 -17.64 25.65 4.22
CA HIS A 357 -17.95 26.70 5.18
C HIS A 357 -16.72 27.43 5.69
N TYR A 358 -15.62 26.73 5.99
CA TYR A 358 -14.46 27.46 6.56
C TYR A 358 -13.93 28.53 5.58
N ALA A 359 -14.16 28.34 4.27
CA ALA A 359 -13.67 29.26 3.26
C ALA A 359 -14.43 30.59 3.20
N VAL A 360 -15.57 30.66 3.91
CA VAL A 360 -16.28 31.91 4.06
C VAL A 360 -15.53 32.84 4.99
N ARG A 361 -15.08 32.32 6.12
CA ARG A 361 -14.37 33.12 7.08
C ARG A 361 -12.96 33.37 6.58
N TRP A 362 -12.31 32.32 6.04
CA TRP A 362 -10.92 32.51 5.67
C TRP A 362 -10.82 32.43 4.16
N PRO A 363 -10.45 33.53 3.48
CA PRO A 363 -10.29 33.46 2.01
C PRO A 363 -9.25 32.42 1.52
N ASP A 364 -8.17 32.25 2.29
CA ASP A 364 -7.06 31.45 1.84
C ASP A 364 -6.32 30.93 3.06
N ALA A 365 -5.23 30.22 2.81
CA ALA A 365 -4.43 29.66 3.88
C ALA A 365 -3.90 30.75 4.80
N TRP A 366 -3.29 31.77 4.21
CA TRP A 366 -2.69 32.81 5.01
C TRP A 366 -3.69 33.38 6.02
N ALA A 367 -4.93 33.61 5.58
CA ALA A 367 -5.92 34.21 6.45
C ALA A 367 -6.12 33.34 7.71
N ALA A 368 -6.19 32.00 7.50
CA ALA A 368 -6.43 31.11 8.61
C ALA A 368 -5.22 31.07 9.55
N ALA A 369 -4.00 31.07 8.99
CA ALA A 369 -2.77 31.12 9.77
C ALA A 369 -2.73 32.37 10.60
N ALA A 370 -3.19 33.47 10.00
CA ALA A 370 -3.08 34.77 10.67
C ALA A 370 -3.99 34.78 11.87
N GLN A 371 -5.20 34.24 11.69
CA GLN A 371 -6.17 34.05 12.78
C GLN A 371 -5.58 33.17 13.89
N LEU A 372 -5.08 32.01 13.54
CA LEU A 372 -4.58 31.08 14.52
C LEU A 372 -3.43 31.70 15.33
N HIS A 373 -2.48 32.34 14.64
CA HIS A 373 -1.41 32.99 15.37
C HIS A 373 -1.95 34.11 16.29
N ARG A 374 -2.88 34.91 15.76
CA ARG A 374 -3.28 36.12 16.50
C ARG A 374 -4.06 35.70 17.74
N ASP A 375 -4.82 34.59 17.63
CA ASP A 375 -5.77 34.21 18.68
C ASP A 375 -5.26 33.01 19.48
N LEU A 376 -3.98 32.66 19.27
CA LEU A 376 -3.45 31.41 19.71
C LEU A 376 -3.59 31.27 21.23
N PRO A 377 -3.29 32.31 22.07
CA PRO A 377 -3.40 32.10 23.53
C PRO A 377 -4.79 31.62 23.94
N ALA A 378 -5.86 32.17 23.36
CA ALA A 378 -7.20 31.82 23.76
C ALA A 378 -7.53 30.43 23.16
N LEU A 379 -7.20 30.27 21.88
CA LEU A 379 -7.49 28.99 21.22
C LEU A 379 -6.76 27.84 21.91
N GLU A 380 -5.47 28.04 22.14
CA GLU A 380 -4.70 26.98 22.81
C GLU A 380 -5.19 26.80 24.26
N GLY A 381 -5.52 27.91 24.95
CA GLY A 381 -6.02 27.83 26.31
C GLY A 381 -7.26 26.95 26.44
N ALA A 382 -8.17 27.15 25.51
CA ALA A 382 -9.41 26.38 25.47
C ALA A 382 -9.09 24.93 25.18
N THR A 383 -8.22 24.75 24.21
CA THR A 383 -7.84 23.39 23.81
C THR A 383 -7.18 22.65 24.96
N ASP A 384 -6.28 23.31 25.68
CA ASP A 384 -5.58 22.72 26.81
C ASP A 384 -6.56 22.41 27.97
N ALA A 385 -7.53 23.30 28.18
CA ALA A 385 -8.54 23.08 29.22
C ALA A 385 -9.40 21.86 28.86
N PHE A 386 -9.67 21.70 27.57
CA PHE A 386 -10.40 20.53 27.07
C PHE A 386 -9.63 19.26 27.36
N VAL A 387 -8.38 19.25 26.90
CA VAL A 387 -7.52 18.11 27.14
C VAL A 387 -7.45 17.76 28.63
N GLU A 388 -7.28 18.78 29.51
CA GLU A 388 -7.16 18.44 30.92
C GLU A 388 -8.47 17.82 31.45
N GLU A 389 -9.66 18.28 30.99
CA GLU A 389 -10.89 17.74 31.55
C GLU A 389 -11.15 16.33 30.99
N LEU A 390 -10.80 16.13 29.70
CA LEU A 390 -11.11 14.86 29.07
C LEU A 390 -10.15 13.79 29.58
N TYR A 391 -8.83 14.12 29.68
CA TYR A 391 -7.83 13.12 29.99
C TYR A 391 -7.27 13.16 31.41
N GLY A 392 -7.46 14.28 32.13
CA GLY A 392 -6.91 14.43 33.47
C GLY A 392 -7.92 14.20 34.59
N GLY A 393 -9.15 13.71 34.32
CA GLY A 393 -10.18 13.43 35.30
C GLY A 393 -10.12 11.98 35.78
N SER A 394 -11.24 11.46 36.29
CA SER A 394 -11.23 10.20 37.02
C SER A 394 -11.49 9.00 36.10
N LEU A 395 -11.97 9.25 34.87
CA LEU A 395 -12.21 8.12 33.97
C LEU A 395 -10.97 7.23 33.96
N ASP A 396 -11.23 5.92 33.89
CA ASP A 396 -10.17 5.02 33.55
C ASP A 396 -9.56 5.47 32.20
N PRO A 397 -8.23 5.51 32.09
CA PRO A 397 -7.57 5.93 30.84
C PRO A 397 -8.10 5.23 29.59
N VAL A 398 -8.44 3.96 29.69
CA VAL A 398 -9.08 3.28 28.59
C VAL A 398 -10.30 4.04 28.08
N LEU A 399 -11.18 4.49 28.99
CA LEU A 399 -12.40 5.15 28.60
C LEU A 399 -12.09 6.52 28.03
N ALA A 400 -11.20 7.25 28.70
CA ALA A 400 -10.84 8.58 28.21
C ALA A 400 -10.25 8.49 26.80
N ASP A 401 -9.47 7.40 26.57
CA ASP A 401 -8.91 7.07 25.25
C ASP A 401 -10.05 6.92 24.22
N ALA A 402 -11.02 6.06 24.56
CA ALA A 402 -12.13 5.79 23.66
C ALA A 402 -12.90 7.07 23.36
N VAL A 403 -13.17 7.90 24.38
CA VAL A 403 -13.97 9.08 24.18
C VAL A 403 -13.18 10.10 23.32
N GLY A 404 -11.92 10.30 23.66
CA GLY A 404 -11.18 11.44 23.14
C GLY A 404 -10.56 11.11 21.80
N ALA A 405 -10.04 9.89 21.62
CA ALA A 405 -9.38 9.58 20.37
C ALA A 405 -10.34 9.62 19.19
N ASN A 406 -11.58 9.17 19.44
CA ASN A 406 -12.61 9.04 18.44
C ASN A 406 -13.14 10.41 17.97
N ILE A 407 -12.87 11.50 18.70
CA ILE A 407 -13.22 12.79 18.18
C ILE A 407 -12.59 13.01 16.83
N ALA A 408 -11.45 12.36 16.59
CA ALA A 408 -10.77 12.52 15.31
C ALA A 408 -11.70 12.25 14.15
N ALA A 409 -12.65 11.31 14.32
CA ALA A 409 -13.50 10.94 13.19
C ALA A 409 -14.33 12.16 12.75
N LEU A 410 -14.82 12.90 13.76
CA LEU A 410 -15.66 14.06 13.53
C LEU A 410 -14.87 15.17 12.86
N ARG A 411 -13.55 15.17 13.10
CA ARG A 411 -12.67 16.16 12.51
C ARG A 411 -11.90 15.64 11.30
N SER A 412 -12.34 14.50 10.74
CA SER A 412 -11.70 13.92 9.60
C SER A 412 -12.42 14.25 8.29
N THR A 413 -11.88 13.69 7.20
CA THR A 413 -12.51 13.82 5.89
C THR A 413 -13.92 13.21 5.81
N THR A 414 -14.22 12.31 6.73
CA THR A 414 -15.55 11.72 6.78
C THR A 414 -16.66 12.77 6.84
N CYS A 415 -16.40 13.94 7.47
CA CYS A 415 -17.43 14.93 7.74
C CYS A 415 -17.02 16.25 7.11
N PHE A 416 -18.02 17.08 6.77
CA PHE A 416 -17.66 18.41 6.26
C PHE A 416 -18.87 19.31 6.45
N VAL A 417 -18.64 20.59 6.17
CA VAL A 417 -19.60 21.63 6.41
C VAL A 417 -19.64 22.48 5.15
N LEU A 418 -20.85 22.51 4.59
CA LEU A 418 -21.10 23.20 3.34
C LEU A 418 -21.68 24.58 3.55
N GLU A 419 -21.24 25.56 2.77
CA GLU A 419 -21.88 26.86 2.73
C GLU A 419 -23.14 26.79 1.84
N SER A 420 -24.31 26.84 2.51
CA SER A 420 -25.58 27.13 1.81
C SER A 420 -25.74 26.28 0.53
N PRO A 421 -25.63 24.95 0.63
CA PRO A 421 -25.67 24.14 -0.56
C PRO A 421 -27.00 24.16 -1.31
N THR A 422 -28.12 24.41 -0.57
CA THR A 422 -29.44 24.42 -1.19
C THR A 422 -30.31 25.55 -0.60
N PRO A 423 -30.96 26.35 -1.49
CA PRO A 423 -31.90 27.36 -1.05
C PRO A 423 -33.01 26.73 -0.22
N GLU A 424 -33.32 25.48 -0.44
CA GLU A 424 -34.41 24.85 0.32
C GLU A 424 -34.15 24.83 1.83
N LEU A 425 -32.90 24.97 2.31
CA LEU A 425 -32.65 25.01 3.75
C LEU A 425 -32.37 26.43 4.22
N GLY A 426 -32.49 27.40 3.32
CA GLY A 426 -32.06 28.75 3.71
C GLY A 426 -30.53 28.86 3.73
N ASP A 427 -30.03 30.03 4.10
CA ASP A 427 -28.62 30.30 4.08
C ASP A 427 -28.02 29.76 5.38
N GLY A 428 -26.76 29.38 5.28
CA GLY A 428 -26.03 28.96 6.46
C GLY A 428 -25.29 27.64 6.24
N PRO A 429 -24.40 27.34 7.20
CA PRO A 429 -23.63 26.11 7.12
C PRO A 429 -24.50 24.89 7.35
N VAL A 430 -24.21 23.87 6.57
CA VAL A 430 -24.89 22.60 6.71
C VAL A 430 -23.84 21.51 6.85
N PHE A 431 -23.97 20.77 7.93
CA PHE A 431 -23.14 19.61 8.20
C PHE A 431 -23.63 18.46 7.35
N ALA A 432 -22.67 17.75 6.75
CA ALA A 432 -22.98 16.48 6.05
C ALA A 432 -21.76 15.57 6.17
N ALA A 433 -21.98 14.28 5.93
CA ALA A 433 -20.91 13.35 6.16
C ALA A 433 -21.15 12.08 5.35
N TRP A 434 -20.02 11.53 4.95
CA TRP A 434 -19.87 10.13 4.57
C TRP A 434 -20.12 9.25 5.78
N GLU A 435 -20.18 7.92 5.59
CA GLU A 435 -20.10 7.05 6.75
C GLU A 435 -18.68 6.95 7.21
N GLY A 436 -17.76 6.99 6.23
CA GLY A 436 -16.37 6.86 6.49
C GLY A 436 -15.56 7.36 5.31
N SER A 437 -14.26 7.12 5.43
CA SER A 437 -13.32 7.57 4.42
C SER A 437 -12.48 6.38 3.94
N PHE A 438 -12.70 5.97 2.68
CA PHE A 438 -11.72 5.13 2.05
C PHE A 438 -10.44 5.91 1.96
N ASP A 439 -9.38 5.16 1.71
CA ASP A 439 -8.06 5.76 1.62
C ASP A 439 -8.07 6.93 0.64
N HIS A 440 -8.84 6.83 -0.47
CA HIS A 440 -8.75 7.82 -1.53
C HIS A 440 -10.09 8.33 -2.00
N GLY A 441 -11.15 8.13 -1.24
CA GLY A 441 -12.46 8.58 -1.60
C GLY A 441 -13.43 8.40 -0.43
N GLY A 442 -14.58 9.04 -0.55
CA GLY A 442 -15.61 8.91 0.45
C GLY A 442 -16.24 7.52 0.45
N SER A 443 -16.65 7.07 1.63
CA SER A 443 -17.37 5.82 1.76
C SER A 443 -18.81 6.12 2.16
N CYS A 444 -19.75 5.71 1.30
CA CYS A 444 -21.19 5.60 1.66
C CYS A 444 -21.77 6.96 2.01
N GLU A 445 -22.13 7.68 0.95
CA GLU A 445 -22.60 9.05 1.01
C GLU A 445 -23.97 9.19 1.68
N GLY A 446 -24.27 10.44 2.02
CA GLY A 446 -25.65 10.83 2.35
C GLY A 446 -26.00 11.03 3.79
N THR A 447 -25.00 11.31 4.64
CA THR A 447 -25.20 11.42 6.11
C THR A 447 -26.10 10.30 6.58
N CYS A 448 -25.71 9.09 6.17
CA CYS A 448 -26.52 7.90 6.31
C CYS A 448 -27.16 7.81 7.71
N THR A 449 -28.48 7.64 7.77
CA THR A 449 -29.14 7.82 9.07
C THR A 449 -28.97 6.58 9.93
N HIS A 450 -28.95 5.39 9.35
CA HIS A 450 -28.85 4.19 10.16
C HIS A 450 -27.46 4.12 10.81
N VAL A 451 -26.43 4.73 10.18
CA VAL A 451 -25.10 4.72 10.74
C VAL A 451 -24.90 5.89 11.71
N TRP A 452 -25.26 7.07 11.18
CA TRP A 452 -25.12 8.30 11.95
C TRP A 452 -26.00 8.35 13.21
N SER A 453 -27.07 7.57 13.29
CA SER A 453 -27.84 7.51 14.54
C SER A 453 -26.95 6.99 15.68
N TYR A 454 -25.95 6.13 15.39
CA TYR A 454 -25.04 5.71 16.44
C TYR A 454 -24.16 6.83 16.99
N ALA A 455 -23.84 7.81 16.15
CA ALA A 455 -22.83 8.83 16.48
C ALA A 455 -23.42 9.82 17.49
N GLN A 456 -22.65 10.01 18.61
CA GLN A 456 -23.06 10.89 19.69
C GLN A 456 -22.13 12.07 19.89
N THR A 457 -20.90 12.01 19.39
CA THR A 457 -19.90 13.00 19.74
C THR A 457 -20.35 14.39 19.29
N ALA A 458 -20.77 14.54 18.03
CA ALA A 458 -21.08 15.91 17.60
C ALA A 458 -22.27 16.49 18.42
N ALA A 459 -23.25 15.64 18.77
CA ALA A 459 -24.46 16.10 19.48
C ALA A 459 -24.13 16.74 20.85
N TRP A 460 -22.98 16.33 21.46
CA TRP A 460 -22.52 16.91 22.72
C TRP A 460 -21.43 17.98 22.57
N LEU A 461 -20.62 17.93 21.51
CA LEU A 461 -19.52 18.87 21.33
C LEU A 461 -19.81 19.97 20.31
N PHE A 462 -20.60 19.65 19.25
CA PHE A 462 -20.88 20.59 18.16
C PHE A 462 -22.32 20.44 17.73
N PRO A 463 -23.28 20.71 18.65
CA PRO A 463 -24.68 20.35 18.43
C PRO A 463 -25.30 21.06 17.24
N GLY A 464 -24.81 22.27 16.97
CA GLY A 464 -25.24 23.02 15.83
C GLY A 464 -25.10 22.27 14.51
N LEU A 465 -24.01 21.52 14.40
CA LEU A 465 -23.75 20.72 13.22
C LEU A 465 -24.85 19.70 13.10
N GLU A 466 -25.16 19.04 14.23
CA GLU A 466 -26.17 18.01 14.15
C GLU A 466 -27.55 18.61 13.88
N ARG A 467 -27.86 19.78 14.43
CA ARG A 467 -29.15 20.38 14.12
C ARG A 467 -29.27 20.65 12.64
N SER A 468 -28.17 21.13 11.98
CA SER A 468 -28.24 21.55 10.57
C SER A 468 -28.59 20.30 9.75
N ALA A 469 -28.12 19.16 10.22
CA ALA A 469 -28.35 17.90 9.54
C ALA A 469 -29.78 17.40 9.75
N ARG A 470 -30.30 17.54 10.96
CA ARG A 470 -31.68 17.17 11.21
C ARG A 470 -32.60 17.99 10.31
N ARG A 471 -32.29 19.25 10.08
CA ARG A 471 -33.14 20.03 9.20
C ARG A 471 -33.13 19.44 7.83
N ALA A 472 -31.96 19.00 7.30
CA ALA A 472 -31.95 18.46 5.93
C ALA A 472 -32.85 17.22 5.85
N GLU A 473 -32.77 16.39 6.90
CA GLU A 473 -33.54 15.17 6.89
C GLU A 473 -35.05 15.47 6.90
N TYR A 474 -35.48 16.38 7.75
CA TYR A 474 -36.92 16.56 7.92
C TYR A 474 -37.53 17.44 6.83
N LEU A 475 -36.73 18.41 6.38
CA LEU A 475 -37.22 19.32 5.37
C LEU A 475 -37.02 18.76 3.98
N LEU A 476 -36.03 17.86 3.75
CA LEU A 476 -35.66 17.55 2.39
C LEU A 476 -35.95 16.09 2.08
N GLU A 477 -35.86 15.24 3.12
CA GLU A 477 -35.76 13.81 2.85
C GLU A 477 -36.96 13.07 3.41
N THR A 478 -37.99 13.81 3.84
CA THR A 478 -39.16 13.22 4.49
C THR A 478 -40.42 13.61 3.67
N ASP A 479 -41.09 12.61 3.11
CA ASP A 479 -42.22 12.86 2.24
C ASP A 479 -43.49 13.01 3.10
N GLU A 480 -44.60 13.33 2.42
CA GLU A 480 -45.83 13.76 3.10
C GLU A 480 -46.45 12.61 3.90
N SER A 481 -46.08 11.37 3.61
CA SER A 481 -46.54 10.20 4.36
C SER A 481 -45.68 9.90 5.61
N GLY A 482 -44.54 10.56 5.76
CA GLY A 482 -43.62 10.28 6.84
C GLY A 482 -42.51 9.29 6.44
N ALA A 483 -42.39 8.94 5.17
CA ALA A 483 -41.30 8.08 4.73
C ALA A 483 -40.07 8.97 4.59
N GLN A 484 -39.02 8.58 5.35
CA GLN A 484 -37.76 9.30 5.36
C GLN A 484 -36.66 8.48 4.67
N LYS A 485 -35.94 9.14 3.79
CA LYS A 485 -34.77 8.54 3.18
C LYS A 485 -33.69 8.34 4.27
N PHE A 486 -32.88 7.28 4.14
CA PHE A 486 -31.73 7.09 5.03
C PHE A 486 -30.37 7.47 4.43
N ARG A 487 -30.39 7.93 3.16
CA ARG A 487 -29.27 8.64 2.58
C ARG A 487 -29.83 9.85 1.85
N GLY A 488 -29.24 11.00 2.17
CA GLY A 488 -29.72 12.27 1.74
C GLY A 488 -28.91 12.86 0.58
N ASN A 489 -29.57 12.94 -0.58
CA ASN A 489 -28.99 13.56 -1.76
C ASN A 489 -29.49 14.99 -2.00
N ARG A 490 -30.57 15.38 -1.30
CA ARG A 490 -31.29 16.57 -1.67
C ARG A 490 -30.56 17.77 -1.14
N ILE A 491 -29.63 17.57 -0.18
CA ILE A 491 -28.83 18.72 0.28
C ILE A 491 -28.13 19.43 -0.88
N PHE A 492 -27.81 18.71 -1.97
CA PHE A 492 -27.07 19.29 -3.09
C PHE A 492 -28.02 19.80 -4.15
N GLY A 493 -29.34 19.72 -3.88
CA GLY A 493 -30.34 20.17 -4.84
C GLY A 493 -30.70 19.12 -5.87
N ALA A 494 -30.20 17.92 -5.68
CA ALA A 494 -30.50 16.81 -6.55
C ALA A 494 -31.79 16.15 -6.07
N PRO A 495 -32.44 15.33 -6.92
CA PRO A 495 -33.55 14.48 -6.50
C PRO A 495 -33.14 13.51 -5.38
N ARG A 496 -34.09 13.11 -4.59
CA ARG A 496 -33.87 12.13 -3.55
C ARG A 496 -33.45 10.81 -4.19
N TRP A 497 -32.73 9.99 -3.38
CA TRP A 497 -32.45 8.62 -3.70
C TRP A 497 -33.77 7.87 -3.69
N PHE A 498 -33.86 6.86 -4.55
CA PHE A 498 -35.12 6.17 -4.80
C PHE A 498 -35.37 5.09 -3.76
N ILE A 499 -34.31 4.60 -3.07
CA ILE A 499 -34.45 3.63 -2.00
C ILE A 499 -35.30 4.19 -0.85
N GLY A 500 -36.09 3.28 -0.24
CA GLY A 500 -37.02 3.63 0.80
C GLY A 500 -36.39 3.59 2.19
N PRO A 501 -37.23 3.83 3.20
CA PRO A 501 -36.77 3.93 4.60
C PRO A 501 -36.17 2.66 5.17
N ALA A 502 -35.35 2.93 6.17
CA ALA A 502 -34.82 1.96 7.12
C ALA A 502 -35.42 2.23 8.50
N VAL A 503 -35.83 1.19 9.18
CA VAL A 503 -36.51 1.36 10.46
C VAL A 503 -35.61 2.01 11.51
N ASP A 504 -34.33 1.59 11.53
CA ASP A 504 -33.39 2.09 12.50
C ASP A 504 -32.96 3.50 12.12
N GLY A 505 -32.72 3.73 10.83
CA GLY A 505 -32.44 5.07 10.37
C GLY A 505 -33.54 6.07 10.70
N GLN A 506 -34.75 5.77 10.22
CA GLN A 506 -35.87 6.68 10.37
C GLN A 506 -36.20 6.96 11.85
N LEU A 507 -36.32 5.93 12.66
CA LEU A 507 -36.65 6.12 14.07
C LEU A 507 -35.47 6.62 14.90
N GLY A 508 -34.27 6.23 14.48
CA GLY A 508 -33.01 6.75 15.03
C GLY A 508 -32.86 8.26 14.80
N THR A 509 -33.29 8.75 13.64
CA THR A 509 -33.28 10.18 13.40
C THR A 509 -34.28 10.93 14.30
N PHE A 510 -35.43 10.30 14.53
CA PHE A 510 -36.42 10.90 15.42
C PHE A 510 -35.88 11.02 16.85
N LEU A 511 -35.25 9.93 17.37
CA LEU A 511 -34.51 9.95 18.62
C LEU A 511 -33.46 11.05 18.63
N ARG A 512 -32.74 11.23 17.51
CA ARG A 512 -31.77 12.32 17.49
C ARG A 512 -32.40 13.70 17.44
N LEU A 513 -33.58 13.85 16.82
CA LEU A 513 -34.29 15.12 16.95
C LEU A 513 -34.52 15.47 18.41
N HIS A 514 -35.02 14.50 19.18
CA HIS A 514 -35.23 14.65 20.60
C HIS A 514 -33.92 14.99 21.33
N ARG A 515 -32.87 14.24 20.96
CA ARG A 515 -31.56 14.55 21.51
C ARG A 515 -31.14 15.99 21.25
N GLU A 516 -31.24 16.42 19.99
CA GLU A 516 -30.83 17.76 19.62
C GLU A 516 -31.66 18.82 20.34
N TRP A 517 -32.97 18.60 20.33
CA TRP A 517 -33.89 19.53 21.00
C TRP A 517 -33.63 19.63 22.51
N ARG A 518 -33.44 18.49 23.15
CA ARG A 518 -33.13 18.42 24.56
C ARG A 518 -31.81 19.14 24.88
N PHE A 519 -30.80 19.07 23.99
CA PHE A 519 -29.53 19.72 24.25
C PHE A 519 -29.68 21.22 24.15
N CYS A 520 -30.40 21.68 23.12
CA CYS A 520 -30.39 23.13 22.84
C CYS A 520 -31.54 23.87 23.50
N GLY A 521 -32.72 23.24 23.70
CA GLY A 521 -33.89 23.93 24.22
C GLY A 521 -34.57 24.91 23.25
N ASP A 522 -34.29 24.82 21.96
CA ASP A 522 -34.83 25.72 20.95
C ASP A 522 -36.11 25.07 20.42
N ASP A 523 -37.27 25.56 20.95
CA ASP A 523 -38.58 25.04 20.51
C ASP A 523 -38.85 25.43 19.08
N GLU A 524 -38.24 26.52 18.58
CA GLU A 524 -38.46 26.91 17.20
C GLU A 524 -37.74 25.95 16.24
N PHE A 525 -36.58 25.45 16.68
CA PHE A 525 -35.88 24.44 15.91
C PHE A 525 -36.78 23.23 15.80
N LEU A 526 -37.38 22.83 16.91
CA LEU A 526 -38.20 21.63 16.91
C LEU A 526 -39.49 21.86 16.10
N ARG A 527 -40.16 23.00 16.32
CA ARG A 527 -41.42 23.29 15.63
C ARG A 527 -41.33 23.24 14.13
N GLU A 528 -40.20 23.74 13.57
CA GLU A 528 -40.06 23.76 12.12
C GLU A 528 -40.09 22.34 11.56
N LEU A 529 -39.52 21.37 12.29
CA LEU A 529 -39.33 19.99 11.84
C LEU A 529 -40.45 19.07 12.31
N TRP A 530 -41.31 19.59 13.20
CA TRP A 530 -42.24 18.72 13.93
C TRP A 530 -43.29 18.08 13.04
N PRO A 531 -43.94 18.80 12.10
CA PRO A 531 -44.89 18.15 11.20
C PRO A 531 -44.29 16.92 10.52
N ALA A 532 -43.08 17.05 9.95
CA ALA A 532 -42.40 15.96 9.25
C ALA A 532 -41.99 14.88 10.25
N ALA A 533 -41.44 15.32 11.39
CA ALA A 533 -40.98 14.36 12.36
C ALA A 533 -42.11 13.49 12.92
N ALA A 534 -43.22 14.13 13.28
CA ALA A 534 -44.31 13.35 13.82
C ALA A 534 -44.84 12.31 12.82
N ARG A 535 -44.86 12.71 11.53
CA ARG A 535 -45.32 11.81 10.47
C ARG A 535 -44.38 10.62 10.40
N THR A 536 -43.07 10.85 10.60
CA THR A 536 -42.14 9.73 10.53
C THR A 536 -42.35 8.73 11.69
N LEU A 537 -42.82 9.21 12.85
CA LEU A 537 -43.08 8.29 13.95
C LEU A 537 -44.37 7.49 13.72
N ASP A 538 -45.43 8.20 13.26
CA ASP A 538 -46.69 7.54 12.98
C ASP A 538 -46.55 6.58 11.83
N TYR A 539 -45.62 6.90 10.90
CA TYR A 539 -45.37 6.01 9.75
C TYR A 539 -45.10 4.60 10.20
N ALA A 540 -44.30 4.48 11.23
CA ALA A 540 -43.87 3.19 11.74
C ALA A 540 -45.06 2.32 12.14
N ALA A 541 -45.89 2.79 13.09
CA ALA A 541 -47.00 1.99 13.57
C ALA A 541 -47.96 1.66 12.41
N ARG A 542 -48.17 2.58 11.48
CA ARG A 542 -49.08 2.36 10.37
C ARG A 542 -48.52 1.37 9.34
N GLU A 543 -47.29 1.61 8.85
CA GLU A 543 -46.74 0.87 7.73
C GLU A 543 -45.94 -0.39 8.12
N TRP A 544 -45.41 -0.47 9.32
CA TRP A 544 -44.53 -1.55 9.66
C TRP A 544 -45.11 -2.51 10.68
N ASP A 545 -46.40 -2.37 11.01
CA ASP A 545 -47.03 -3.38 11.86
C ASP A 545 -48.17 -3.93 11.03
N HIS A 546 -48.01 -5.14 10.56
CA HIS A 546 -48.97 -5.71 9.63
C HIS A 546 -49.97 -6.64 10.35
N ASP A 547 -49.78 -6.94 11.64
CA ASP A 547 -50.62 -7.92 12.28
C ASP A 547 -51.38 -7.27 13.42
N GLY A 548 -51.27 -5.96 13.51
CA GLY A 548 -52.03 -5.17 14.45
C GLY A 548 -51.65 -5.35 15.92
N ASP A 549 -50.51 -5.97 16.25
CA ASP A 549 -50.17 -6.23 17.63
C ASP A 549 -49.41 -5.08 18.29
N GLY A 550 -49.10 -4.00 17.56
CA GLY A 550 -48.26 -2.96 18.13
C GLY A 550 -46.77 -3.16 17.87
N LEU A 551 -46.36 -4.38 17.54
CA LEU A 551 -44.97 -4.70 17.28
C LEU A 551 -44.73 -4.60 15.78
N LEU A 552 -43.64 -3.91 15.42
CA LEU A 552 -43.20 -3.85 14.03
C LEU A 552 -42.72 -5.25 13.62
N ASP A 553 -43.13 -5.65 12.42
CA ASP A 553 -43.04 -6.99 11.96
C ASP A 553 -42.84 -6.95 10.44
N GLY A 554 -42.39 -8.10 9.92
CA GLY A 554 -42.16 -8.26 8.51
C GLY A 554 -40.91 -7.50 8.03
N GLU A 555 -40.84 -7.27 6.73
CA GLU A 555 -39.62 -6.84 6.05
C GLU A 555 -39.35 -5.39 6.42
N MET A 556 -38.20 -5.14 7.07
CA MET A 556 -37.67 -3.81 7.37
C MET A 556 -36.17 -3.82 7.18
N HIS A 557 -35.74 -2.83 6.41
CA HIS A 557 -34.32 -2.65 6.12
C HIS A 557 -33.63 -2.02 7.32
N ASN A 558 -32.35 -2.34 7.50
CA ASN A 558 -31.63 -1.80 8.64
C ASN A 558 -30.13 -1.61 8.28
N THR A 559 -29.38 -1.20 9.30
CA THR A 559 -27.94 -0.89 9.17
C THR A 559 -27.11 -2.07 8.69
N TYR A 560 -27.63 -3.30 8.77
CA TYR A 560 -26.95 -4.45 8.25
C TYR A 560 -27.10 -4.59 6.74
N ASP A 561 -27.77 -3.65 6.07
CA ASP A 561 -27.90 -3.59 4.62
C ASP A 561 -28.78 -4.72 4.10
N ILE A 562 -29.53 -5.35 5.00
CA ILE A 562 -30.46 -6.42 4.66
C ILE A 562 -31.77 -6.06 5.36
N GLU A 563 -32.75 -6.95 5.18
CA GLU A 563 -34.01 -6.78 5.85
C GLU A 563 -34.19 -7.91 6.84
N PHE A 564 -34.60 -7.54 8.04
CA PHE A 564 -35.17 -8.49 8.98
C PHE A 564 -36.64 -8.68 8.70
N HIS A 565 -37.04 -9.93 8.92
CA HIS A 565 -38.41 -10.37 8.79
C HIS A 565 -38.86 -10.74 10.20
N GLY A 566 -40.01 -11.43 10.28
CA GLY A 566 -40.56 -11.79 11.59
C GLY A 566 -40.74 -10.54 12.47
N VAL A 567 -40.48 -10.75 13.77
CA VAL A 567 -40.65 -9.70 14.74
C VAL A 567 -39.45 -9.78 15.65
N GLU A 568 -38.78 -8.61 15.83
CA GLU A 568 -37.46 -8.72 16.41
C GLU A 568 -37.12 -7.41 17.14
N PRO A 569 -36.20 -7.45 18.11
CA PRO A 569 -36.00 -6.30 18.99
C PRO A 569 -35.32 -5.05 18.46
N LEU A 570 -34.40 -5.17 17.48
CA LEU A 570 -33.74 -3.94 17.02
C LEU A 570 -34.81 -2.88 16.68
N SER A 571 -35.71 -3.25 15.75
CA SER A 571 -36.78 -2.35 15.29
C SER A 571 -37.70 -1.92 16.45
N ASN A 572 -38.11 -2.87 17.26
CA ASN A 572 -39.19 -2.64 18.22
C ASN A 572 -38.72 -1.88 19.42
N ILE A 573 -37.46 -2.08 19.86
CA ILE A 573 -36.97 -1.36 21.00
C ILE A 573 -36.55 0.02 20.57
N ILE A 574 -36.08 0.20 19.33
CA ILE A 574 -35.94 1.55 18.82
C ILE A 574 -37.28 2.28 18.78
N HIS A 575 -38.29 1.60 18.23
CA HIS A 575 -39.61 2.22 18.22
C HIS A 575 -40.09 2.64 19.59
N LEU A 576 -39.93 1.75 20.58
CA LEU A 576 -40.34 2.03 21.94
C LEU A 576 -39.68 3.32 22.40
N ALA A 577 -38.36 3.42 22.15
CA ALA A 577 -37.61 4.59 22.59
C ALA A 577 -38.13 5.80 21.85
N ALA A 578 -38.33 5.71 20.54
CA ALA A 578 -38.79 6.82 19.70
C ALA A 578 -40.14 7.37 20.24
N LEU A 579 -41.06 6.43 20.57
CA LEU A 579 -42.39 6.78 21.12
C LEU A 579 -42.20 7.56 22.41
N ARG A 580 -41.36 7.05 23.33
CA ARG A 580 -41.14 7.76 24.59
C ARG A 580 -40.59 9.15 24.35
N ALA A 581 -39.65 9.30 23.42
CA ALA A 581 -39.15 10.64 23.11
C ALA A 581 -40.21 11.53 22.48
N GLY A 582 -41.02 10.94 21.62
CA GLY A 582 -42.12 11.62 20.94
C GLY A 582 -43.11 12.23 21.95
N VAL A 583 -43.41 11.47 22.97
CA VAL A 583 -44.31 11.93 24.02
C VAL A 583 -43.76 13.19 24.67
N ARG A 584 -42.45 13.19 24.96
CA ARG A 584 -41.84 14.37 25.56
C ARG A 584 -41.98 15.60 24.68
N MET A 585 -41.66 15.43 23.39
CA MET A 585 -41.67 16.52 22.44
C MET A 585 -43.12 16.98 22.19
N ALA A 586 -44.00 16.01 21.91
CA ALA A 586 -45.42 16.30 21.70
C ALA A 586 -46.02 17.05 22.88
N GLY A 587 -45.83 16.53 24.11
CA GLY A 587 -46.31 17.13 25.33
C GLY A 587 -45.80 18.55 25.50
N HIS A 588 -44.52 18.77 25.26
CA HIS A 588 -43.96 20.10 25.47
C HIS A 588 -44.59 21.05 24.45
N LEU A 589 -44.83 20.59 23.22
CA LEU A 589 -45.30 21.51 22.20
C LEU A 589 -46.82 21.72 22.33
N GLY A 590 -47.45 21.03 23.28
CA GLY A 590 -48.90 21.09 23.43
C GLY A 590 -49.65 20.20 22.44
N ASP A 591 -48.99 19.30 21.70
CA ASP A 591 -49.63 18.31 20.83
C ASP A 591 -50.10 17.18 21.76
N THR A 592 -51.11 17.48 22.56
CA THR A 592 -51.48 16.72 23.75
C THR A 592 -52.10 15.41 23.36
N ALA A 593 -52.85 15.45 22.28
CA ALA A 593 -53.55 14.26 21.82
C ALA A 593 -52.53 13.25 21.30
N ARG A 594 -51.54 13.75 20.57
CA ARG A 594 -50.48 12.90 20.05
C ARG A 594 -49.60 12.36 21.18
N ALA A 595 -49.33 13.19 22.20
CA ALA A 595 -48.58 12.72 23.34
C ALA A 595 -49.28 11.55 24.03
N GLN A 596 -50.61 11.67 24.22
CA GLN A 596 -51.37 10.63 24.92
C GLN A 596 -51.40 9.35 24.11
N GLU A 597 -51.60 9.50 22.80
CA GLU A 597 -51.68 8.38 21.91
C GLU A 597 -50.35 7.65 21.93
N TRP A 598 -49.25 8.41 21.86
CA TRP A 598 -47.92 7.80 21.81
C TRP A 598 -47.54 7.12 23.10
N ALA A 599 -47.91 7.73 24.24
CA ALA A 599 -47.64 7.19 25.55
C ALA A 599 -48.36 5.85 25.69
N LEU A 600 -49.64 5.82 25.36
CA LEU A 600 -50.37 4.55 25.42
C LEU A 600 -49.82 3.51 24.42
N ARG A 601 -49.47 3.94 23.19
CA ARG A 601 -48.90 3.01 22.22
C ARG A 601 -47.60 2.39 22.79
N ALA A 602 -46.78 3.26 23.37
CA ALA A 602 -45.51 2.84 23.99
C ALA A 602 -45.72 1.85 25.13
N ASP A 603 -46.71 2.11 26.02
CA ASP A 603 -47.01 1.16 27.06
C ASP A 603 -47.35 -0.21 26.44
N HIS A 604 -48.13 -0.23 25.34
CA HIS A 604 -48.53 -1.47 24.66
C HIS A 604 -47.31 -2.15 24.01
N VAL A 605 -46.43 -1.32 23.47
CA VAL A 605 -45.24 -1.84 22.78
C VAL A 605 -44.32 -2.52 23.79
N ALA A 606 -44.06 -1.85 24.91
CA ALA A 606 -43.24 -2.44 25.97
C ALA A 606 -43.83 -3.76 26.45
N ALA A 607 -45.15 -3.80 26.65
CA ALA A 607 -45.76 -5.05 27.12
C ALA A 607 -45.63 -6.15 26.06
N ALA A 608 -45.83 -5.81 24.78
CA ALA A 608 -45.73 -6.77 23.69
C ALA A 608 -44.28 -7.26 23.54
N ILE A 609 -43.31 -6.37 23.69
CA ILE A 609 -41.90 -6.76 23.63
C ILE A 609 -41.57 -7.79 24.71
N GLU A 610 -42.04 -7.52 25.93
CA GLU A 610 -41.87 -8.45 27.04
C GLU A 610 -42.61 -9.75 26.77
N GLY A 611 -43.79 -9.69 26.16
CA GLY A 611 -44.62 -10.89 26.00
C GLY A 611 -44.20 -11.76 24.81
N VAL A 612 -43.43 -11.21 23.85
CA VAL A 612 -43.20 -11.84 22.58
C VAL A 612 -41.69 -12.03 22.35
N LEU A 613 -40.90 -10.96 22.54
CA LEU A 613 -39.48 -10.95 22.12
C LEU A 613 -38.53 -11.41 23.20
N TRP A 614 -38.90 -11.17 24.49
CA TRP A 614 -38.18 -11.62 25.64
C TRP A 614 -38.24 -13.13 25.71
N ASN A 615 -37.11 -13.80 25.99
CA ASN A 615 -37.16 -15.24 26.09
C ASN A 615 -36.79 -15.68 27.50
N GLY A 616 -36.74 -14.80 28.52
CA GLY A 616 -36.32 -15.22 29.86
C GLY A 616 -34.88 -14.83 30.17
N GLU A 617 -34.14 -14.42 29.13
CA GLU A 617 -32.74 -14.04 29.27
C GLU A 617 -32.38 -12.85 28.35
N TYR A 618 -32.80 -12.90 27.10
CA TYR A 618 -32.57 -11.76 26.23
C TYR A 618 -33.76 -11.64 25.31
N TYR A 619 -33.66 -10.66 24.40
CA TYR A 619 -34.67 -10.37 23.41
C TYR A 619 -34.16 -10.90 22.07
N ARG A 620 -35.08 -11.52 21.30
CA ARG A 620 -34.66 -12.15 20.04
C ARG A 620 -35.73 -12.08 18.98
N GLN A 621 -35.34 -12.58 17.80
CA GLN A 621 -36.22 -12.57 16.65
C GLN A 621 -37.15 -13.78 16.71
N VAL A 622 -38.46 -13.50 16.62
CA VAL A 622 -39.48 -14.52 16.52
C VAL A 622 -39.83 -14.63 15.06
N ILE A 623 -39.66 -15.84 14.49
CA ILE A 623 -39.89 -16.07 13.10
C ILE A 623 -40.18 -17.57 12.94
N ASP A 624 -41.01 -17.92 11.98
CA ASP A 624 -41.45 -19.30 11.79
C ASP A 624 -40.26 -20.19 11.48
N ASP A 625 -39.44 -19.72 10.52
CA ASP A 625 -38.32 -20.49 10.03
C ASP A 625 -37.17 -19.52 9.75
N VAL A 626 -36.10 -19.65 10.54
CA VAL A 626 -35.02 -18.68 10.52
C VAL A 626 -34.31 -18.76 9.15
N ASP A 627 -34.53 -19.87 8.40
CA ASP A 627 -33.92 -20.02 7.10
C ASP A 627 -34.87 -19.70 5.95
N ALA A 628 -36.12 -19.31 6.20
CA ALA A 628 -37.06 -19.13 5.10
C ALA A 628 -36.63 -17.96 4.24
N HIS A 629 -36.09 -16.93 4.90
CA HIS A 629 -35.49 -15.77 4.25
C HIS A 629 -34.00 -15.75 4.62
N ARG A 630 -33.13 -15.37 3.65
CA ARG A 630 -31.73 -15.24 4.00
C ARG A 630 -31.60 -14.10 5.01
N TYR A 631 -30.50 -14.13 5.80
CA TYR A 631 -29.98 -12.96 6.49
C TYR A 631 -30.68 -12.62 7.78
N GLN A 632 -31.27 -13.65 8.43
CA GLN A 632 -31.97 -13.46 9.70
C GLN A 632 -31.07 -13.89 10.86
N TYR A 633 -31.65 -14.01 12.06
CA TYR A 633 -30.89 -14.48 13.19
C TYR A 633 -31.69 -15.29 14.23
N GLY A 634 -33.01 -15.12 14.30
CA GLY A 634 -33.85 -15.96 15.16
C GLY A 634 -33.46 -15.90 16.63
N ASP A 635 -33.06 -17.06 17.15
CA ASP A 635 -32.69 -17.21 18.56
C ASP A 635 -31.27 -16.79 18.85
N GLY A 636 -30.55 -16.26 17.85
CA GLY A 636 -29.23 -15.72 18.15
C GLY A 636 -29.37 -14.51 19.05
N VAL A 637 -28.24 -14.18 19.70
CA VAL A 637 -28.11 -12.98 20.51
C VAL A 637 -27.59 -11.87 19.62
N LEU A 638 -28.41 -10.86 19.37
CA LEU A 638 -28.06 -9.70 18.58
C LEU A 638 -27.51 -8.62 19.50
N SER A 639 -26.30 -8.18 19.20
CA SER A 639 -25.64 -7.25 20.09
C SER A 639 -26.39 -5.93 20.12
N ASP A 640 -27.02 -5.54 18.98
CA ASP A 640 -27.82 -4.34 18.84
C ASP A 640 -29.27 -4.48 19.29
N GLN A 641 -29.65 -5.58 19.96
CA GLN A 641 -31.07 -5.75 20.32
C GLN A 641 -31.61 -4.58 21.14
N LEU A 642 -30.73 -4.02 21.99
CA LEU A 642 -31.09 -2.93 22.87
C LEU A 642 -30.53 -1.61 22.39
N LEU A 643 -30.31 -1.41 21.10
CA LEU A 643 -29.86 -0.09 20.65
C LEU A 643 -30.84 1.00 21.08
N GLY A 644 -32.16 0.74 20.97
CA GLY A 644 -33.12 1.74 21.41
C GLY A 644 -32.89 2.21 22.84
N GLN A 645 -32.53 1.28 23.72
CA GLN A 645 -32.25 1.60 25.10
C GLN A 645 -30.99 2.45 25.25
N PHE A 646 -29.96 2.24 24.39
CA PHE A 646 -28.82 3.17 24.37
C PHE A 646 -29.28 4.62 24.15
N HIS A 647 -30.10 4.82 23.11
CA HIS A 647 -30.65 6.13 22.85
C HIS A 647 -31.41 6.63 24.06
N ALA A 648 -32.29 5.75 24.59
CA ALA A 648 -33.15 6.17 25.71
C ALA A 648 -32.34 6.66 26.93
N PHE A 649 -31.29 5.88 27.30
CA PHE A 649 -30.41 6.28 28.37
C PHE A 649 -29.84 7.67 28.09
N LEU A 650 -29.24 7.85 26.89
CA LEU A 650 -28.58 9.12 26.58
C LEU A 650 -29.55 10.28 26.51
N GLY A 651 -30.81 9.97 26.21
CA GLY A 651 -31.86 10.95 26.10
C GLY A 651 -32.65 11.22 27.36
N GLY A 652 -32.24 10.60 28.47
CA GLY A 652 -32.81 10.96 29.74
C GLY A 652 -34.09 10.19 29.98
N LEU A 653 -34.38 9.17 29.16
CA LEU A 653 -35.62 8.46 29.18
C LEU A 653 -35.58 7.25 30.08
N GLY A 654 -34.40 6.90 30.62
CA GLY A 654 -34.33 5.85 31.59
C GLY A 654 -34.55 4.49 30.95
N TYR A 655 -34.84 3.54 31.80
CA TYR A 655 -35.14 2.19 31.32
C TYR A 655 -36.47 2.15 30.58
N LEU A 656 -36.49 1.49 29.39
CA LEU A 656 -37.69 1.35 28.57
C LEU A 656 -38.47 0.09 28.93
N LEU A 657 -37.77 -0.85 29.55
CA LEU A 657 -38.24 -2.18 29.80
C LEU A 657 -37.82 -2.47 31.23
N PRO A 658 -38.37 -3.53 31.88
CA PRO A 658 -37.96 -3.87 33.25
C PRO A 658 -36.46 -3.95 33.39
N GLU A 659 -35.95 -3.26 34.42
CA GLU A 659 -34.54 -3.14 34.66
C GLU A 659 -33.82 -4.47 34.68
N ALA A 660 -34.38 -5.45 35.39
CA ALA A 660 -33.77 -6.77 35.50
C ALA A 660 -33.64 -7.43 34.09
N HIS A 661 -34.60 -7.18 33.19
CA HIS A 661 -34.64 -7.81 31.88
C HIS A 661 -33.62 -7.12 30.98
N VAL A 662 -33.55 -5.79 31.11
CA VAL A 662 -32.55 -5.05 30.36
C VAL A 662 -31.16 -5.51 30.76
N ARG A 663 -30.89 -5.60 32.07
CA ARG A 663 -29.59 -6.03 32.55
C ARG A 663 -29.31 -7.47 32.16
N SER A 664 -30.29 -8.36 32.33
CA SER A 664 -30.15 -9.73 31.84
C SER A 664 -29.72 -9.77 30.35
N ALA A 665 -30.36 -8.96 29.49
CA ALA A 665 -30.10 -9.00 28.05
C ALA A 665 -28.67 -8.49 27.74
N LEU A 666 -28.30 -7.36 28.34
CA LEU A 666 -26.96 -6.84 28.26
C LEU A 666 -25.94 -7.86 28.74
N ASP A 667 -26.18 -8.52 29.89
CA ASP A 667 -25.31 -9.57 30.36
C ASP A 667 -25.20 -10.68 29.34
N ALA A 668 -26.31 -11.00 28.64
CA ALA A 668 -26.27 -12.09 27.68
C ALA A 668 -25.43 -11.69 26.46
N ILE A 669 -25.56 -10.42 26.04
CA ILE A 669 -24.74 -9.89 24.95
C ILE A 669 -23.25 -10.05 25.30
N VAL A 670 -22.88 -9.60 26.50
CA VAL A 670 -21.51 -9.73 26.95
C VAL A 670 -21.08 -11.18 26.99
N GLN A 671 -21.89 -11.97 27.69
CA GLN A 671 -21.47 -13.33 27.97
C GLN A 671 -21.34 -14.12 26.66
N HIS A 672 -22.31 -13.96 25.76
CA HIS A 672 -22.40 -14.80 24.59
C HIS A 672 -21.57 -14.23 23.43
N ASN A 673 -21.50 -12.90 23.28
CA ASN A 673 -21.00 -12.30 22.03
C ASN A 673 -19.63 -11.69 22.20
N HIS A 674 -19.11 -11.55 23.41
CA HIS A 674 -17.80 -11.02 23.60
C HIS A 674 -16.78 -12.12 23.49
N ARG A 675 -15.74 -11.86 22.71
CA ARG A 675 -14.66 -12.82 22.58
C ARG A 675 -13.36 -12.17 23.02
N GLY A 676 -12.63 -12.83 23.93
CA GLY A 676 -11.33 -12.35 24.34
C GLY A 676 -10.25 -12.59 23.28
N ASP A 677 -10.47 -13.62 22.46
CA ASP A 677 -9.56 -14.06 21.44
C ASP A 677 -10.34 -14.62 20.25
N LEU A 678 -9.80 -14.46 19.01
CA LEU A 678 -10.46 -14.84 17.78
C LEU A 678 -9.73 -15.93 16.98
N ARG A 679 -8.77 -16.66 17.61
CA ARG A 679 -8.06 -17.72 16.88
C ARG A 679 -9.07 -18.73 16.36
N ASP A 680 -10.06 -19.01 17.21
CA ASP A 680 -11.01 -20.07 16.99
C ASP A 680 -12.23 -19.54 16.21
N HIS A 681 -12.30 -18.23 15.95
CA HIS A 681 -13.48 -17.70 15.30
C HIS A 681 -13.50 -18.06 13.81
N GLU A 682 -14.72 -18.34 13.30
CA GLU A 682 -14.92 -18.67 11.90
C GLU A 682 -15.85 -17.66 11.28
N SER A 683 -15.32 -16.88 10.34
CA SER A 683 -16.14 -15.86 9.73
C SER A 683 -15.76 -15.79 8.26
N THR A 684 -16.76 -15.72 7.36
CA THR A 684 -16.53 -15.49 5.94
C THR A 684 -16.82 -14.04 5.61
N GLN A 685 -16.72 -13.18 6.64
CA GLN A 685 -17.19 -11.80 6.52
C GLN A 685 -16.00 -10.87 6.58
N ARG A 686 -16.29 -9.56 6.73
CA ARG A 686 -15.20 -8.59 6.71
C ARG A 686 -14.48 -8.65 8.06
N VAL A 687 -13.20 -8.21 8.09
CA VAL A 687 -12.37 -8.36 9.28
C VAL A 687 -11.91 -7.02 9.84
N TYR A 688 -12.36 -6.78 11.08
CA TYR A 688 -12.02 -5.58 11.88
C TYR A 688 -11.40 -5.97 13.22
N ALA A 689 -11.23 -7.28 13.35
CA ALA A 689 -10.75 -7.91 14.61
C ALA A 689 -10.41 -9.32 14.22
N LEU A 690 -9.23 -9.83 14.64
CA LEU A 690 -8.89 -11.19 14.27
C LEU A 690 -7.76 -11.72 15.15
N ASN A 691 -7.43 -12.99 14.96
CA ASN A 691 -6.24 -13.58 15.53
C ASN A 691 -6.33 -13.48 17.07
N ASP A 692 -5.29 -12.93 17.70
CA ASP A 692 -5.21 -12.84 19.15
C ASP A 692 -5.88 -11.55 19.67
N GLU A 693 -6.72 -10.91 18.88
CA GLU A 693 -7.53 -9.82 19.35
C GLU A 693 -8.85 -10.37 19.89
N GLY A 694 -9.53 -9.50 20.61
CA GLY A 694 -10.87 -9.73 21.09
C GLY A 694 -11.82 -8.72 20.45
N GLY A 695 -13.09 -8.92 20.76
CA GLY A 695 -14.13 -8.04 20.34
C GLY A 695 -15.52 -8.59 20.63
N LEU A 696 -16.48 -7.68 20.54
CA LEU A 696 -17.91 -8.03 20.56
C LEU A 696 -18.42 -8.34 19.16
N LEU A 697 -18.85 -9.58 18.98
CA LEU A 697 -19.42 -9.96 17.71
C LEU A 697 -20.78 -9.34 17.56
N LEU A 698 -21.19 -9.13 16.31
CA LEU A 698 -22.54 -8.58 16.10
C LEU A 698 -23.68 -9.52 16.58
N ALA A 699 -23.47 -10.81 16.40
CA ALA A 699 -24.39 -11.82 16.90
C ALA A 699 -23.62 -13.12 17.16
N SER A 700 -24.22 -13.98 18.00
CA SER A 700 -23.81 -15.36 18.14
C SER A 700 -25.02 -16.21 18.52
N TRP A 701 -24.83 -17.51 18.39
CA TRP A 701 -25.92 -18.47 18.56
C TRP A 701 -25.51 -19.45 19.66
N PRO A 702 -25.46 -18.98 20.93
CA PRO A 702 -25.11 -19.87 22.05
C PRO A 702 -26.11 -21.02 22.28
N GLU A 703 -27.37 -20.86 21.89
CA GLU A 703 -28.37 -21.93 22.04
C GLU A 703 -28.71 -22.58 20.68
N GLY A 704 -27.78 -22.49 19.72
CA GLY A 704 -28.10 -22.95 18.37
C GLY A 704 -28.99 -22.00 17.57
N GLY A 705 -29.55 -22.54 16.48
CA GLY A 705 -30.50 -21.85 15.65
C GLY A 705 -29.82 -20.89 14.68
N ARG A 706 -28.49 -21.09 14.47
CA ARG A 706 -27.74 -20.29 13.49
C ARG A 706 -28.32 -20.59 12.10
N PRO A 707 -28.76 -19.59 11.34
CA PRO A 707 -29.20 -19.78 9.95
C PRO A 707 -28.01 -20.24 9.10
N ALA A 708 -28.32 -20.88 7.97
CA ALA A 708 -27.27 -21.22 7.02
C ALA A 708 -26.57 -19.94 6.50
N LEU A 709 -27.37 -18.90 6.25
CA LEU A 709 -26.92 -17.60 5.77
C LEU A 709 -27.47 -16.52 6.69
N PRO A 710 -26.82 -16.29 7.83
CA PRO A 710 -27.28 -15.24 8.73
C PRO A 710 -27.01 -13.88 8.13
N PHE A 711 -27.50 -12.85 8.82
CA PHE A 711 -27.23 -11.54 8.27
C PHE A 711 -25.75 -11.40 8.04
N VAL A 712 -25.41 -10.54 7.08
CA VAL A 712 -24.13 -10.61 6.37
C VAL A 712 -22.95 -10.07 7.17
N TYR A 713 -23.24 -9.49 8.37
CA TYR A 713 -22.21 -8.91 9.20
C TYR A 713 -22.20 -9.56 10.59
N ALA A 714 -22.97 -10.63 10.80
CA ALA A 714 -23.19 -11.15 12.15
C ALA A 714 -21.89 -11.54 12.86
N ASP A 715 -20.91 -12.03 12.08
CA ASP A 715 -19.70 -12.59 12.61
C ASP A 715 -18.57 -11.55 12.70
N GLU A 716 -18.92 -10.33 12.35
CA GLU A 716 -17.99 -9.21 12.35
C GLU A 716 -17.96 -8.55 13.73
N VAL A 717 -17.05 -7.55 13.88
CA VAL A 717 -16.94 -6.73 15.07
C VAL A 717 -16.90 -5.29 14.60
N TRP A 718 -17.86 -4.48 15.06
CA TRP A 718 -17.94 -3.06 14.75
C TRP A 718 -17.68 -2.31 16.04
N THR A 719 -16.74 -1.36 16.01
CA THR A 719 -16.52 -0.59 17.21
C THR A 719 -17.77 0.18 17.60
N GLY A 720 -18.57 0.64 16.63
CA GLY A 720 -19.72 1.42 17.03
C GLY A 720 -20.68 0.64 17.91
N ILE A 721 -20.86 -0.61 17.59
CA ILE A 721 -21.75 -1.48 18.33
C ILE A 721 -21.14 -1.82 19.69
N GLU A 722 -19.82 -2.08 19.72
CA GLU A 722 -19.08 -2.26 20.96
C GLU A 722 -19.30 -1.03 21.82
N HIS A 723 -19.17 0.21 21.25
CA HIS A 723 -19.32 1.37 22.08
C HIS A 723 -20.75 1.48 22.63
N GLN A 724 -21.75 1.26 21.80
CA GLN A 724 -23.14 1.50 22.21
C GLN A 724 -23.43 0.54 23.34
N VAL A 725 -23.01 -0.73 23.17
CA VAL A 725 -23.25 -1.70 24.23
C VAL A 725 -22.52 -1.30 25.51
N ALA A 726 -21.25 -0.86 25.43
CA ALA A 726 -20.53 -0.48 26.63
C ALA A 726 -21.24 0.70 27.30
N VAL A 727 -21.78 1.62 26.50
CA VAL A 727 -22.52 2.77 27.06
C VAL A 727 -23.72 2.25 27.84
N SER A 728 -24.54 1.40 27.24
CA SER A 728 -25.71 0.84 27.92
C SER A 728 -25.28 0.14 29.21
N LEU A 729 -24.19 -0.63 29.14
CA LEU A 729 -23.65 -1.33 30.31
C LEU A 729 -23.29 -0.35 31.45
N LEU A 730 -22.72 0.81 31.12
CA LEU A 730 -22.41 1.81 32.14
C LEU A 730 -23.71 2.32 32.79
N PHE A 731 -24.72 2.64 31.96
CA PHE A 731 -26.02 3.05 32.49
C PHE A 731 -26.65 1.99 33.36
N ALA A 732 -26.47 0.73 32.96
CA ALA A 732 -27.08 -0.35 33.68
C ALA A 732 -26.27 -0.72 34.93
N GLY A 733 -25.13 -0.05 35.20
CA GLY A 733 -24.32 -0.33 36.37
C GLY A 733 -23.32 -1.45 36.10
N ARG A 734 -23.16 -1.95 34.86
CA ARG A 734 -22.25 -3.04 34.59
C ARG A 734 -20.90 -2.45 34.16
N TYR A 735 -20.24 -1.74 35.09
CA TYR A 735 -19.04 -1.02 34.77
C TYR A 735 -17.95 -1.99 34.27
N ASP A 736 -17.71 -3.08 35.01
CA ASP A 736 -16.59 -3.92 34.67
C ASP A 736 -16.67 -4.38 33.22
N ASP A 737 -17.87 -4.79 32.80
CA ASP A 737 -18.08 -5.34 31.49
C ASP A 737 -17.99 -4.24 30.46
N ALA A 738 -18.44 -3.02 30.78
CA ALA A 738 -18.23 -1.91 29.85
C ALA A 738 -16.74 -1.71 29.61
N LEU A 739 -15.96 -1.69 30.72
CA LEU A 739 -14.56 -1.44 30.65
C LEU A 739 -13.88 -2.54 29.86
N ARG A 740 -14.27 -3.78 30.11
CA ARG A 740 -13.70 -4.86 29.36
C ARG A 740 -13.93 -4.72 27.84
N ILE A 741 -15.14 -4.39 27.42
CA ILE A 741 -15.40 -4.23 26.00
C ILE A 741 -14.52 -3.12 25.45
N GLU A 742 -14.42 -2.01 26.19
CA GLU A 742 -13.65 -0.88 25.71
C GLU A 742 -12.14 -1.18 25.70
N ARG A 743 -11.68 -1.88 26.74
CA ARG A 743 -10.27 -2.23 26.80
C ARG A 743 -9.87 -3.07 25.61
N THR A 744 -10.70 -4.04 25.31
CA THR A 744 -10.45 -4.99 24.25
C THR A 744 -10.51 -4.30 22.88
N LEU A 745 -11.52 -3.46 22.67
CA LEU A 745 -11.65 -2.82 21.37
C LEU A 745 -10.53 -1.83 21.16
N ARG A 746 -10.17 -1.07 22.21
CA ARG A 746 -9.13 -0.06 22.02
C ARG A 746 -7.73 -0.69 21.85
N ALA A 747 -7.54 -1.88 22.45
CA ALA A 747 -6.32 -2.64 22.25
C ALA A 747 -6.12 -2.97 20.76
N ARG A 748 -7.22 -3.18 20.02
CA ARG A 748 -7.16 -3.35 18.57
C ARG A 748 -6.58 -2.12 17.87
N TYR A 749 -6.74 -0.95 18.54
CA TYR A 749 -6.33 0.38 18.02
C TYR A 749 -5.25 1.02 18.89
N ASP A 750 -4.35 0.22 19.46
CA ASP A 750 -3.32 0.72 20.35
C ASP A 750 -2.02 1.04 19.61
N GLY A 751 -2.03 1.01 18.28
CA GLY A 751 -0.89 1.34 17.46
C GLY A 751 -0.12 0.14 16.96
N ALA A 752 -0.34 -1.08 17.52
CA ALA A 752 0.46 -2.21 17.12
C ALA A 752 0.07 -2.63 15.70
N HIS A 753 -1.24 -2.59 15.42
CA HIS A 753 -1.81 -3.06 14.16
C HIS A 753 -2.73 -2.02 13.52
N ARG A 754 -3.28 -1.08 14.34
CA ARG A 754 -4.17 -0.02 13.85
C ARG A 754 -3.88 1.20 14.75
N SER A 755 -4.25 2.33 14.21
CA SER A 755 -4.05 3.63 14.80
C SER A 755 -5.09 3.97 15.86
N PRO A 756 -4.69 4.53 17.01
CA PRO A 756 -5.68 4.97 17.99
C PRO A 756 -6.70 5.98 17.50
N TRP A 757 -6.29 6.79 16.48
CA TRP A 757 -7.08 7.90 16.01
C TRP A 757 -7.89 7.50 14.79
N ASN A 758 -8.06 6.19 14.56
CA ASN A 758 -8.79 5.79 13.39
C ASN A 758 -9.47 4.45 13.58
N GLU A 759 -10.70 4.48 14.17
CA GLU A 759 -11.45 3.24 14.22
C GLU A 759 -12.13 3.08 12.86
N ILE A 760 -12.21 1.82 12.39
CA ILE A 760 -12.54 1.55 11.01
C ILE A 760 -13.77 0.66 10.97
N GLU A 761 -14.55 0.92 9.91
CA GLU A 761 -15.55 -0.05 9.50
C GLU A 761 -15.56 -0.06 7.98
N CYS A 762 -16.63 0.42 7.35
CA CYS A 762 -16.59 0.61 5.91
C CYS A 762 -15.93 1.99 5.66
N GLY A 763 -14.61 2.00 5.80
CA GLY A 763 -13.87 3.27 5.78
C GLY A 763 -13.14 3.54 7.09
N ASN A 764 -12.10 4.34 6.94
CA ASN A 764 -11.41 5.03 8.02
C ASN A 764 -12.35 6.05 8.66
N HIS A 765 -12.04 6.42 9.92
CA HIS A 765 -12.67 7.50 10.64
C HIS A 765 -14.20 7.30 10.58
N TYR A 766 -14.62 6.09 10.94
CA TYR A 766 -15.97 5.67 10.67
C TYR A 766 -16.97 6.29 11.66
N ALA A 767 -18.09 6.80 11.11
CA ALA A 767 -19.00 7.61 11.88
C ALA A 767 -19.56 6.89 13.06
N ARG A 768 -19.75 5.55 12.91
CA ARG A 768 -20.28 4.74 14.00
C ARG A 768 -19.41 4.82 15.25
N SER A 769 -18.11 5.07 15.09
CA SER A 769 -17.19 5.08 16.20
C SER A 769 -17.50 6.22 17.16
N LEU A 770 -18.29 7.20 16.68
CA LEU A 770 -18.68 8.37 17.47
C LEU A 770 -19.74 8.03 18.49
N ALA A 771 -20.20 6.78 18.49
CA ALA A 771 -20.95 6.34 19.64
C ALA A 771 -20.17 6.42 20.93
N SER A 772 -18.83 6.41 20.81
CA SER A 772 -17.91 6.47 21.96
C SER A 772 -18.17 7.64 22.93
N TRP A 773 -18.72 8.74 22.45
CA TRP A 773 -18.98 9.86 23.35
C TRP A 773 -19.94 9.48 24.47
N GLY A 774 -20.81 8.51 24.18
CA GLY A 774 -21.75 8.05 25.19
C GLY A 774 -21.07 7.48 26.42
N LEU A 775 -19.78 7.06 26.34
CA LEU A 775 -19.07 6.54 27.48
C LEU A 775 -18.90 7.61 28.56
N LEU A 776 -18.70 8.85 28.13
CA LEU A 776 -18.54 9.94 29.08
C LEU A 776 -19.88 10.23 29.74
N ILE A 777 -20.93 10.23 28.92
CA ILE A 777 -22.28 10.46 29.39
C ILE A 777 -22.67 9.35 30.36
N GLY A 778 -22.46 8.08 29.99
CA GLY A 778 -22.85 7.02 30.89
C GLY A 778 -22.00 6.90 32.12
N ALA A 779 -20.69 7.16 31.96
CA ALA A 779 -19.82 7.11 33.13
C ALA A 779 -20.17 8.17 34.17
N SER A 780 -20.51 9.37 33.67
CA SER A 780 -20.83 10.52 34.52
C SER A 780 -22.31 10.56 34.90
N GLY A 781 -23.17 9.80 34.20
CA GLY A 781 -24.61 9.89 34.24
C GLY A 781 -25.08 11.33 33.96
N ALA A 782 -24.38 12.04 33.09
CA ALA A 782 -24.72 13.41 32.73
C ALA A 782 -26.09 13.44 32.03
N GLN A 783 -26.96 14.28 32.58
CA GLN A 783 -28.28 14.55 32.04
C GLN A 783 -28.52 16.05 32.02
N TRP A 784 -28.42 16.62 30.85
CA TRP A 784 -28.68 18.02 30.59
C TRP A 784 -29.99 18.16 29.83
N ASP A 785 -30.90 18.99 30.42
CA ASP A 785 -32.17 19.29 29.82
C ASP A 785 -32.22 20.79 29.67
N ALA A 786 -32.02 21.30 28.45
CA ALA A 786 -31.97 22.72 28.22
C ALA A 786 -33.35 23.36 28.46
N GLY A 787 -34.45 22.62 28.14
CA GLY A 787 -35.78 23.20 28.30
C GLY A 787 -36.11 23.38 29.79
N ALA A 788 -35.61 22.49 30.65
CA ALA A 788 -35.83 22.59 32.08
C ALA A 788 -34.74 23.38 32.81
N ARG A 789 -33.63 23.67 32.12
CA ARG A 789 -32.45 24.31 32.69
C ARG A 789 -31.94 23.48 33.86
N THR A 790 -31.86 22.16 33.70
CA THR A 790 -31.42 21.26 34.74
C THR A 790 -30.20 20.49 34.22
N LEU A 791 -29.28 20.24 35.15
CA LEU A 791 -28.11 19.41 34.88
C LEU A 791 -27.92 18.48 36.04
N SER A 792 -27.91 17.18 35.75
CA SER A 792 -27.68 16.20 36.78
C SER A 792 -26.50 15.30 36.39
N PHE A 793 -25.87 14.76 37.43
CA PHE A 793 -24.87 13.73 37.26
C PHE A 793 -25.24 12.58 38.16
N ASP A 794 -24.83 11.40 37.70
CA ASP A 794 -25.03 10.19 38.47
C ASP A 794 -23.98 9.18 38.06
N PRO A 795 -22.75 9.28 38.57
CA PRO A 795 -21.61 8.49 38.09
C PRO A 795 -21.81 7.02 38.39
N VAL A 796 -21.38 6.16 37.48
CA VAL A 796 -21.60 4.73 37.67
C VAL A 796 -20.75 4.25 38.86
N LEU A 797 -19.54 4.80 39.00
CA LEU A 797 -18.65 4.41 40.07
C LEU A 797 -18.84 5.34 41.25
N PRO A 798 -18.88 4.77 42.48
CA PRO A 798 -19.02 5.63 43.66
C PRO A 798 -17.76 6.42 43.97
N GLY A 799 -17.86 7.39 44.89
CA GLY A 799 -16.71 8.15 45.35
C GLY A 799 -16.38 9.36 44.50
N ASP A 800 -15.11 9.74 44.54
CA ASP A 800 -14.64 10.95 43.93
C ASP A 800 -14.60 10.76 42.42
N ALA A 801 -14.90 11.82 41.70
CA ALA A 801 -14.94 11.74 40.24
C ALA A 801 -14.69 13.10 39.69
N ARG A 802 -14.23 13.09 38.45
CA ARG A 802 -14.02 14.36 37.79
C ARG A 802 -14.20 14.13 36.30
N PHE A 803 -15.09 14.86 35.67
CA PHE A 803 -15.42 14.68 34.27
C PHE A 803 -15.55 15.98 33.51
N LEU A 804 -15.21 15.91 32.23
CA LEU A 804 -15.73 16.87 31.25
C LEU A 804 -17.24 16.83 31.23
N PHE A 805 -17.84 18.00 31.08
CA PHE A 805 -19.27 18.02 30.70
C PHE A 805 -19.48 19.10 29.63
N THR A 806 -20.58 18.94 28.89
CA THR A 806 -21.06 19.98 27.98
C THR A 806 -22.57 20.18 28.19
N THR A 807 -23.00 21.36 27.74
CA THR A 807 -24.37 21.81 27.69
C THR A 807 -24.43 22.71 26.47
N ALA A 808 -25.64 23.17 26.11
CA ALA A 808 -25.77 24.02 24.94
C ALA A 808 -25.02 25.32 25.17
N THR A 809 -25.00 25.80 26.40
CA THR A 809 -24.60 27.21 26.64
C THR A 809 -23.13 27.30 27.03
N GLY A 810 -22.58 26.19 27.53
CA GLY A 810 -21.27 26.22 28.13
C GLY A 810 -20.73 24.82 28.44
N TRP A 811 -19.43 24.80 28.73
CA TRP A 811 -18.77 23.54 28.97
C TRP A 811 -17.74 23.73 30.06
N GLY A 812 -17.33 22.62 30.66
CA GLY A 812 -16.34 22.67 31.69
C GLY A 812 -16.12 21.32 32.33
N GLY A 813 -15.75 21.39 33.60
CA GLY A 813 -15.39 20.25 34.41
C GLY A 813 -16.36 20.15 35.58
N VAL A 814 -16.74 18.94 35.94
CA VAL A 814 -17.52 18.71 37.15
C VAL A 814 -16.65 17.80 38.04
N GLU A 815 -16.51 18.16 39.29
CA GLU A 815 -15.78 17.37 40.27
C GLU A 815 -16.76 16.97 41.36
N ILE A 816 -16.85 15.67 41.59
CA ILE A 816 -17.89 15.06 42.43
C ILE A 816 -17.19 14.33 43.59
N GLY A 817 -17.72 14.53 44.79
CA GLY A 817 -17.57 13.63 45.92
C GLY A 817 -18.91 13.58 46.68
N ASP A 818 -18.96 12.93 47.81
CA ASP A 818 -20.15 12.94 48.66
C ASP A 818 -20.27 14.24 49.50
N ASP A 819 -19.15 14.94 49.65
CA ASP A 819 -19.08 16.15 50.42
C ASP A 819 -19.41 17.36 49.55
N VAL A 820 -18.91 17.42 48.30
CA VAL A 820 -19.16 18.59 47.49
C VAL A 820 -19.20 18.17 46.02
N ILE A 821 -19.87 19.03 45.24
CA ILE A 821 -19.81 18.99 43.79
C ILE A 821 -19.35 20.37 43.32
N THR A 822 -18.39 20.40 42.39
CA THR A 822 -17.84 21.64 41.87
C THR A 822 -18.07 21.67 40.38
N LEU A 823 -18.55 22.80 39.89
CA LEU A 823 -18.55 23.05 38.48
C LEU A 823 -17.53 24.11 38.19
N ARG A 824 -16.68 23.85 37.19
CA ARG A 824 -15.79 24.86 36.68
C ARG A 824 -16.16 25.02 35.20
N LEU A 825 -16.48 26.26 34.84
CA LEU A 825 -16.90 26.46 33.48
C LEU A 825 -15.71 27.02 32.70
N HIS A 826 -15.36 26.39 31.59
CA HIS A 826 -14.24 26.84 30.78
C HIS A 826 -14.66 27.72 29.61
N GLY A 827 -15.89 27.56 29.16
CA GLY A 827 -16.37 28.31 28.06
C GLY A 827 -17.86 28.47 28.13
N GLY A 828 -18.29 29.61 27.57
CA GLY A 828 -19.70 29.95 27.53
C GLY A 828 -20.22 30.35 28.90
N ALA A 829 -21.44 29.88 29.18
CA ALA A 829 -22.17 30.25 30.37
C ALA A 829 -23.05 29.07 30.72
N LEU A 830 -23.56 29.10 31.93
CA LEU A 830 -24.47 28.09 32.44
C LEU A 830 -25.41 28.79 33.43
N ASP A 831 -26.69 28.64 33.18
CA ASP A 831 -27.75 29.17 34.02
C ASP A 831 -28.66 27.99 34.43
N LEU A 832 -28.45 27.43 35.61
CA LEU A 832 -29.19 26.24 35.96
C LEU A 832 -30.31 26.62 36.96
N ASP A 833 -31.52 26.14 36.70
CA ASP A 833 -32.58 26.15 37.72
C ASP A 833 -32.22 25.16 38.80
N GLU A 834 -31.66 24.00 38.40
CA GLU A 834 -31.27 22.96 39.33
C GLU A 834 -30.00 22.22 38.87
N LEU A 835 -29.15 21.95 39.83
CA LEU A 835 -28.06 20.99 39.71
C LEU A 835 -28.35 19.85 40.65
N ARG A 836 -28.41 18.65 40.09
CA ARG A 836 -28.63 17.45 40.87
C ARG A 836 -27.47 16.47 40.76
N LEU A 837 -27.30 15.73 41.84
CA LEU A 837 -26.29 14.69 41.90
C LEU A 837 -26.94 13.47 42.55
N ARG A 838 -26.95 12.34 41.83
CA ARG A 838 -27.54 11.09 42.33
CA ARG A 838 -27.54 11.09 42.33
C ARG A 838 -28.98 11.32 42.79
N GLY A 839 -29.77 12.02 41.96
CA GLY A 839 -31.19 12.24 42.15
C GLY A 839 -31.51 13.35 43.17
N GLU A 840 -30.50 13.99 43.79
CA GLU A 840 -30.75 14.97 44.81
C GLU A 840 -30.29 16.36 44.40
N VAL A 841 -31.01 17.36 44.89
CA VAL A 841 -30.70 18.72 44.57
C VAL A 841 -29.44 19.05 45.35
N ALA A 842 -28.45 19.53 44.59
CA ALA A 842 -27.22 20.09 45.11
C ALA A 842 -27.38 21.61 45.27
N GLY A 843 -27.99 22.25 44.27
CA GLY A 843 -28.19 23.67 44.33
C GLY A 843 -29.22 24.13 43.31
N ARG A 844 -29.66 25.36 43.49
CA ARG A 844 -30.64 25.96 42.62
C ARG A 844 -30.10 27.31 42.21
N GLY A 845 -30.50 27.75 41.01
CA GLY A 845 -30.18 29.09 40.57
C GLY A 845 -28.68 29.24 40.46
N ILE A 846 -28.03 28.30 39.78
CA ILE A 846 -26.58 28.35 39.57
C ILE A 846 -26.27 29.04 38.24
N HIS A 847 -25.53 30.14 38.31
CA HIS A 847 -25.19 31.01 37.19
C HIS A 847 -23.68 31.07 37.16
N LEU A 848 -23.07 30.56 36.10
CA LEU A 848 -21.65 30.71 35.88
C LEU A 848 -21.39 31.33 34.51
N ASP A 849 -20.25 32.01 34.43
CA ASP A 849 -19.61 32.47 33.23
C ASP A 849 -18.29 31.73 33.03
N ALA A 850 -17.79 31.74 31.79
CA ALA A 850 -16.49 31.13 31.52
C ALA A 850 -15.45 31.62 32.52
N GLY A 851 -14.67 30.71 33.08
CA GLY A 851 -13.58 31.07 33.97
C GLY A 851 -13.99 31.00 35.45
N GLU A 852 -15.26 30.75 35.73
CA GLU A 852 -15.73 30.75 37.10
C GLU A 852 -15.94 29.32 37.56
N THR A 853 -16.01 29.18 38.89
CA THR A 853 -16.21 27.91 39.57
C THR A 853 -17.23 28.11 40.67
N ARG A 854 -18.00 27.06 40.98
CA ARG A 854 -18.89 27.05 42.14
C ARG A 854 -18.83 25.68 42.76
N THR A 855 -18.63 25.63 44.07
CA THR A 855 -18.56 24.40 44.82
C THR A 855 -19.72 24.34 45.80
N LEU A 856 -20.55 23.32 45.67
CA LEU A 856 -21.75 23.22 46.48
C LEU A 856 -21.53 22.07 47.45
N THR A 857 -21.79 22.29 48.73
CA THR A 857 -21.79 21.22 49.74
C THR A 857 -23.13 20.48 49.70
N LEU A 858 -23.03 19.15 49.71
CA LEU A 858 -24.15 18.24 49.60
C LEU A 858 -24.76 18.03 50.99
N THR A 859 -26.07 17.77 51.08
CA THR A 859 -26.71 17.53 52.36
C THR A 859 -26.10 16.33 53.07
N LEU A 860 -25.92 16.43 54.39
CA LEU A 860 -25.75 15.27 55.24
C LEU A 860 -27.12 14.91 55.84
N ARG B 7 15.85 -28.53 6.88
CA ARG B 7 15.92 -27.92 5.51
C ARG B 7 17.22 -27.15 5.28
N ARG B 8 17.73 -27.16 4.07
CA ARG B 8 18.98 -26.49 3.81
C ARG B 8 18.78 -24.98 3.80
N ALA B 9 17.70 -24.47 3.18
CA ALA B 9 17.55 -23.02 3.14
C ALA B 9 17.18 -22.48 4.51
N ARG B 10 17.52 -21.20 4.70
CA ARG B 10 17.24 -20.50 5.92
C ARG B 10 15.73 -20.33 6.11
N ARG B 11 15.27 -20.60 7.32
CA ARG B 11 13.85 -20.50 7.62
C ARG B 11 13.49 -19.03 7.67
N ILE B 12 12.57 -18.61 6.82
CA ILE B 12 12.05 -17.26 6.85
C ILE B 12 10.68 -17.33 7.51
N PRO B 13 10.48 -16.57 8.59
CA PRO B 13 9.26 -16.73 9.40
C PRO B 13 8.08 -16.09 8.64
N HIS B 14 6.88 -16.58 8.95
CA HIS B 14 5.61 -16.12 8.42
C HIS B 14 5.28 -14.64 8.69
N THR B 15 6.01 -14.01 9.59
CA THR B 15 5.87 -12.60 9.91
C THR B 15 6.66 -11.68 8.99
N ALA B 16 7.46 -12.25 8.09
CA ALA B 16 8.31 -11.44 7.17
C ALA B 16 7.41 -11.07 5.99
N GLU B 17 6.72 -9.93 6.11
CA GLU B 17 5.64 -9.59 5.18
C GLU B 17 6.11 -9.30 3.74
N SER B 18 7.33 -8.85 3.54
CA SER B 18 7.81 -8.51 2.20
C SER B 18 8.07 -9.77 1.36
N VAL B 19 8.20 -10.91 2.03
CA VAL B 19 8.74 -12.08 1.35
C VAL B 19 7.70 -12.65 0.40
N ALA B 20 8.16 -12.90 -0.83
CA ALA B 20 7.28 -13.44 -1.86
C ALA B 20 8.13 -14.32 -2.76
N PHE B 21 7.77 -15.62 -2.76
CA PHE B 21 8.49 -16.58 -3.57
C PHE B 21 7.72 -16.75 -4.91
N PRO B 22 8.28 -16.29 -6.04
CA PRO B 22 7.48 -16.20 -7.29
C PRO B 22 7.48 -17.52 -8.03
N LEU B 23 6.28 -18.00 -8.30
CA LEU B 23 6.06 -19.07 -9.26
C LEU B 23 5.84 -18.45 -10.66
N GLY B 24 5.84 -19.35 -11.64
CA GLY B 24 5.83 -18.94 -13.01
C GLY B 24 7.20 -19.00 -13.62
N GLY B 25 7.20 -18.90 -14.94
CA GLY B 25 8.42 -19.09 -15.70
C GLY B 25 8.81 -17.87 -16.50
N ILE B 26 9.72 -18.10 -17.46
CA ILE B 26 10.17 -17.04 -18.36
C ILE B 26 9.00 -16.55 -19.18
N GLY B 27 8.70 -15.26 -19.09
CA GLY B 27 7.68 -14.66 -19.90
C GLY B 27 6.23 -15.03 -19.60
N THR B 28 5.95 -15.82 -18.56
CA THR B 28 4.63 -16.35 -18.31
C THR B 28 3.73 -15.42 -17.51
N GLY B 29 4.32 -14.42 -16.83
CA GLY B 29 3.68 -13.84 -15.65
C GLY B 29 3.73 -14.79 -14.48
N ASN B 30 3.21 -14.33 -13.32
CA ASN B 30 3.58 -14.96 -12.07
C ASN B 30 2.46 -14.85 -11.05
N VAL B 31 2.53 -15.73 -10.04
CA VAL B 31 1.86 -15.60 -8.75
C VAL B 31 2.91 -16.02 -7.73
N SER B 32 2.89 -15.39 -6.55
CA SER B 32 3.89 -15.65 -5.53
C SER B 32 3.22 -16.32 -4.33
N LEU B 33 4.09 -16.95 -3.54
CA LEU B 33 3.76 -17.43 -2.23
C LEU B 33 4.48 -16.56 -1.20
N GLY B 34 3.71 -16.01 -0.28
CA GLY B 34 4.27 -15.34 0.90
C GLY B 34 4.77 -16.38 1.93
N ALA B 35 5.39 -15.86 2.97
CA ALA B 35 5.93 -16.70 4.04
C ALA B 35 4.78 -17.21 4.91
N ARG B 36 3.54 -16.80 4.68
CA ARG B 36 2.40 -17.41 5.37
C ARG B 36 1.84 -18.58 4.56
N GLY B 37 2.42 -18.79 3.35
CA GLY B 37 1.87 -19.79 2.45
C GLY B 37 0.70 -19.30 1.61
N GLU B 38 0.46 -17.99 1.66
CA GLU B 38 -0.67 -17.41 0.93
C GLU B 38 -0.23 -17.09 -0.50
N LEU B 39 -1.17 -17.16 -1.47
CA LEU B 39 -0.93 -16.69 -2.82
C LEU B 39 -1.13 -15.18 -2.82
N ARG B 40 -0.23 -14.47 -3.54
CA ARG B 40 -0.21 -13.03 -3.55
C ARG B 40 0.35 -12.58 -4.89
N ASP B 41 0.25 -11.31 -5.16
CA ASP B 41 0.89 -10.71 -6.30
C ASP B 41 0.47 -11.45 -7.60
N TRP B 42 -0.82 -11.54 -7.82
CA TRP B 42 -1.37 -12.21 -8.98
C TRP B 42 -1.11 -11.33 -10.21
N GLU B 43 -0.21 -11.77 -11.08
CA GLU B 43 0.22 -10.90 -12.20
C GLU B 43 0.49 -11.78 -13.44
N PHE B 44 -0.60 -12.40 -13.94
CA PHE B 44 -0.60 -13.24 -15.12
C PHE B 44 -0.78 -12.51 -16.45
N GLU B 45 -1.15 -11.23 -16.43
CA GLU B 45 -1.90 -10.60 -17.53
C GLU B 45 -1.05 -9.61 -18.32
N ASN B 46 0.25 -9.92 -18.37
CA ASN B 46 1.25 -9.22 -19.19
C ASN B 46 1.62 -7.87 -18.57
N LEU B 47 1.33 -7.73 -17.29
CA LEU B 47 1.72 -6.54 -16.53
C LEU B 47 2.02 -6.98 -15.08
N PRO B 48 2.86 -6.22 -14.38
CA PRO B 48 3.06 -6.45 -12.93
C PRO B 48 1.79 -6.10 -12.17
N ASP B 49 1.64 -6.71 -11.02
CA ASP B 49 0.50 -6.46 -10.18
C ASP B 49 0.83 -6.92 -8.76
N LYS B 50 1.90 -6.39 -8.20
CA LYS B 50 2.17 -6.62 -6.81
C LYS B 50 0.99 -6.09 -5.99
N GLY B 51 0.62 -6.88 -4.98
CA GLY B 51 -0.45 -6.54 -4.04
C GLY B 51 -1.85 -6.78 -4.61
N ARG B 52 -1.98 -7.33 -5.84
CA ARG B 52 -3.29 -7.71 -6.35
C ARG B 52 -3.78 -8.95 -5.60
N LEU B 53 -4.97 -8.84 -5.00
CA LEU B 53 -5.64 -9.89 -4.28
C LEU B 53 -6.59 -10.58 -5.23
N ASN B 54 -6.51 -11.90 -5.27
CA ASN B 54 -7.40 -12.67 -6.11
C ASN B 54 -8.52 -13.11 -5.17
N PRO B 55 -9.77 -12.72 -5.43
CA PRO B 55 -10.88 -13.06 -4.54
C PRO B 55 -11.05 -14.54 -4.38
N ARG B 56 -11.24 -14.97 -3.13
CA ARG B 56 -11.65 -16.34 -2.86
C ARG B 56 -10.67 -17.37 -3.38
N SER B 57 -9.37 -17.08 -3.36
CA SER B 57 -8.34 -17.93 -3.94
C SER B 57 -7.34 -18.35 -2.87
N PHE B 58 -7.46 -19.59 -2.44
CA PHE B 58 -6.78 -19.99 -1.25
C PHE B 58 -6.92 -21.49 -1.14
N PHE B 59 -6.05 -22.13 -0.36
CA PHE B 59 -6.15 -23.53 -0.05
C PHE B 59 -6.68 -23.66 1.38
N ALA B 60 -7.28 -24.82 1.62
CA ALA B 60 -7.88 -25.10 2.91
C ALA B 60 -7.81 -26.58 3.18
N ILE B 61 -7.87 -26.93 4.48
CA ILE B 61 -7.76 -28.32 4.87
C ILE B 61 -8.96 -28.67 5.73
N HIS B 62 -9.51 -29.88 5.54
CA HIS B 62 -10.44 -30.45 6.50
C HIS B 62 -9.80 -31.73 6.98
N ALA B 63 -9.60 -31.81 8.31
CA ALA B 63 -9.01 -33.01 8.87
C ALA B 63 -10.02 -33.62 9.85
N ALA B 64 -10.45 -34.86 9.55
CA ALA B 64 -11.51 -35.51 10.32
C ALA B 64 -10.90 -36.73 11.04
N PRO B 65 -10.35 -36.62 12.27
CA PRO B 65 -9.80 -37.78 12.99
C PRO B 65 -10.95 -38.77 13.23
N GLN B 66 -10.63 -40.06 13.03
CA GLN B 66 -11.63 -41.11 13.15
C GLN B 66 -12.03 -41.06 14.62
N GLY B 67 -13.33 -40.88 14.84
CA GLY B 67 -13.86 -40.87 16.20
C GLY B 67 -13.47 -39.63 16.99
N GLY B 68 -13.07 -38.55 16.28
CA GLY B 68 -12.57 -37.36 16.96
C GLY B 68 -13.17 -36.10 16.34
N PRO B 69 -13.04 -34.91 16.95
CA PRO B 69 -13.62 -33.69 16.38
C PRO B 69 -12.88 -33.25 15.10
N SER B 70 -13.61 -32.72 14.10
CA SER B 70 -12.98 -32.31 12.86
C SER B 70 -12.32 -30.97 13.05
N ALA B 71 -11.35 -30.66 12.15
CA ALA B 71 -10.74 -29.33 12.10
C ALA B 71 -10.79 -28.86 10.64
N THR B 72 -11.08 -27.57 10.46
CA THR B 72 -11.16 -26.99 9.12
C THR B 72 -10.44 -25.66 9.16
N ARG B 73 -9.39 -25.50 8.32
CA ARG B 73 -8.57 -24.30 8.37
C ARG B 73 -8.22 -23.88 6.96
N VAL B 74 -8.06 -22.56 6.78
CA VAL B 74 -7.30 -22.13 5.63
C VAL B 74 -5.85 -22.53 5.84
N LEU B 75 -5.21 -23.01 4.77
CA LEU B 75 -3.81 -23.42 4.73
C LEU B 75 -2.87 -22.23 4.53
N GLU B 76 -2.94 -21.35 5.51
CA GLU B 76 -2.10 -20.18 5.63
C GLU B 76 -1.77 -19.96 7.10
N ALA B 77 -0.55 -19.48 7.35
CA ALA B 77 -0.25 -18.98 8.70
C ALA B 77 -1.05 -17.71 8.97
N ARG B 78 -1.14 -17.39 10.28
CA ARG B 78 -1.78 -16.19 10.74
C ARG B 78 -1.10 -15.00 10.10
N SER B 79 -1.91 -14.00 9.79
CA SER B 79 -1.42 -12.69 9.40
C SER B 79 -0.97 -11.94 10.63
N SER B 80 -0.19 -10.92 10.33
CA SER B 80 0.49 -10.14 11.36
C SER B 80 0.64 -8.75 10.68
N GLY B 81 1.25 -7.87 11.36
CA GLY B 81 1.41 -6.60 10.71
C GLY B 81 0.17 -5.75 10.83
N ARG B 82 0.23 -4.67 10.06
CA ARG B 82 -0.88 -3.74 10.06
C ARG B 82 -2.15 -4.45 9.61
N HIS B 83 -3.22 -4.16 10.39
CA HIS B 83 -4.53 -4.70 10.09
C HIS B 83 -5.57 -3.63 9.72
N ASP B 84 -5.10 -2.38 9.54
CA ASP B 84 -5.93 -1.22 9.33
C ASP B 84 -6.23 -0.97 7.86
N ARG B 85 -6.62 -2.02 7.13
CA ARG B 85 -7.25 -1.85 5.85
CA ARG B 85 -7.24 -1.83 5.84
C ARG B 85 -8.44 -0.90 6.00
N ASP B 86 -8.58 0.04 5.03
CA ASP B 86 -9.58 1.08 5.11
C ASP B 86 -11.01 0.57 5.21
N ALA B 87 -11.34 -0.63 4.72
CA ALA B 87 -12.70 -1.12 4.90
C ALA B 87 -12.70 -2.51 5.53
N GLY B 88 -11.62 -2.78 6.28
CA GLY B 88 -11.38 -4.07 6.85
C GLY B 88 -10.84 -4.98 5.77
N TYR B 89 -10.33 -6.13 6.14
CA TYR B 89 -10.13 -7.16 5.15
C TYR B 89 -11.52 -7.43 4.54
N GLY B 90 -11.57 -7.44 3.22
CA GLY B 90 -12.86 -7.57 2.53
C GLY B 90 -13.38 -9.00 2.59
N PHE B 91 -14.68 -9.12 2.31
CA PHE B 91 -15.36 -10.44 2.21
C PHE B 91 -14.50 -11.45 1.46
N ASP B 92 -14.03 -11.05 0.27
CA ASP B 92 -13.42 -11.97 -0.68
C ASP B 92 -12.04 -12.42 -0.21
N GLU B 93 -11.45 -11.73 0.78
CA GLU B 93 -10.18 -12.18 1.38
C GLU B 93 -10.34 -13.32 2.38
N LEU B 94 -11.56 -13.48 2.92
CA LEU B 94 -11.84 -14.50 3.90
C LEU B 94 -10.77 -14.52 4.98
N ALA B 95 -10.42 -13.33 5.45
CA ALA B 95 -9.39 -13.21 6.47
C ALA B 95 -9.87 -13.67 7.85
N GLY B 96 -11.18 -13.81 8.02
CA GLY B 96 -11.73 -14.20 9.29
C GLY B 96 -11.87 -15.70 9.49
N LEU B 97 -11.44 -16.45 8.50
CA LEU B 97 -11.47 -17.88 8.64
C LEU B 97 -10.30 -18.36 9.46
N PRO B 98 -10.38 -19.51 10.14
CA PRO B 98 -9.27 -19.95 10.97
C PRO B 98 -8.14 -20.45 10.09
N ARG B 99 -6.94 -20.24 10.61
CA ARG B 99 -5.70 -20.44 9.89
C ARG B 99 -4.77 -21.26 10.78
N LEU B 100 -3.56 -21.48 10.29
CA LEU B 100 -2.54 -22.17 11.06
C LEU B 100 -1.70 -21.14 11.82
N ASP B 101 -1.16 -21.54 12.97
CA ASP B 101 -0.51 -20.59 13.86
C ASP B 101 0.71 -19.93 13.19
N SER B 102 1.57 -20.73 12.55
CA SER B 102 2.81 -20.18 12.04
C SER B 102 3.28 -20.93 10.79
N ALA B 103 4.35 -20.40 10.16
CA ALA B 103 4.94 -21.10 9.03
C ALA B 103 6.38 -20.63 8.90
N GLY B 104 7.17 -21.45 8.28
CA GLY B 104 8.48 -21.09 7.88
C GLY B 104 8.68 -21.41 6.41
N LEU B 105 9.25 -20.45 5.72
CA LEU B 105 9.45 -20.55 4.27
C LEU B 105 10.90 -20.81 3.98
N HIS B 106 11.13 -21.84 3.14
CA HIS B 106 12.48 -22.25 2.84
C HIS B 106 12.66 -22.24 1.33
N GLY B 107 13.29 -21.20 0.83
CA GLY B 107 13.34 -20.98 -0.60
C GLY B 107 14.72 -21.21 -1.18
N GLU B 108 14.76 -22.13 -2.17
CA GLU B 108 15.91 -22.34 -3.05
C GLU B 108 15.47 -22.22 -4.50
N TYR B 109 15.24 -21.00 -4.90
CA TYR B 109 14.60 -20.69 -6.19
C TYR B 109 15.25 -21.52 -7.31
N PRO B 110 14.50 -22.29 -8.13
CA PRO B 110 13.06 -22.18 -8.31
C PRO B 110 12.11 -22.98 -7.39
N VAL B 111 12.61 -23.60 -6.34
CA VAL B 111 11.81 -24.45 -5.47
C VAL B 111 11.66 -23.84 -4.07
N VAL B 112 10.44 -23.99 -3.52
CA VAL B 112 10.15 -23.51 -2.16
C VAL B 112 9.49 -24.63 -1.35
N ASP B 113 9.79 -24.61 -0.04
CA ASP B 113 9.06 -25.41 0.94
C ASP B 113 8.54 -24.46 1.98
N ILE B 114 7.26 -24.61 2.32
CA ILE B 114 6.67 -23.84 3.41
C ILE B 114 6.07 -24.78 4.45
N ASP B 115 6.72 -24.82 5.60
CA ASP B 115 6.34 -25.77 6.66
C ASP B 115 5.44 -25.05 7.66
N PHE B 116 4.24 -25.59 7.84
CA PHE B 116 3.30 -24.98 8.75
C PHE B 116 3.46 -25.61 10.14
N THR B 117 3.23 -24.76 11.13
CA THR B 117 3.17 -25.21 12.51
C THR B 117 1.83 -24.74 13.08
N ASP B 118 1.16 -25.67 13.74
CA ASP B 118 -0.07 -25.33 14.42
C ASP B 118 -0.16 -26.12 15.72
N ALA B 119 -0.74 -25.49 16.74
CA ALA B 119 -0.82 -26.14 18.05
C ALA B 119 -1.91 -27.23 18.12
N THR B 120 -2.93 -27.16 17.29
CA THR B 120 -4.11 -27.99 17.50
C THR B 120 -4.49 -28.80 16.28
N LEU B 121 -4.07 -28.42 15.06
CA LEU B 121 -4.46 -29.17 13.88
C LEU B 121 -4.04 -30.61 14.07
N PRO B 122 -4.89 -31.61 13.80
CA PRO B 122 -4.49 -33.00 14.06
C PRO B 122 -3.61 -33.67 13.02
N VAL B 123 -3.11 -32.84 12.09
CA VAL B 123 -2.15 -33.31 11.10
C VAL B 123 -1.17 -32.17 10.96
N THR B 124 -0.05 -32.44 10.32
CA THR B 124 0.93 -31.43 10.01
C THR B 124 1.05 -31.32 8.47
N VAL B 125 1.37 -30.13 8.04
CA VAL B 125 1.26 -29.77 6.63
C VAL B 125 2.53 -29.03 6.23
N SER B 126 2.92 -29.33 4.99
CA SER B 126 3.93 -28.56 4.30
C SER B 126 3.48 -28.31 2.85
N LEU B 127 3.95 -27.24 2.24
CA LEU B 127 3.76 -26.95 0.81
C LEU B 127 5.11 -26.92 0.10
N HIS B 128 5.23 -27.73 -0.95
CA HIS B 128 6.33 -27.68 -1.87
C HIS B 128 5.78 -27.14 -3.17
N ALA B 129 6.46 -26.11 -3.69
CA ALA B 129 5.95 -25.45 -4.86
C ALA B 129 7.12 -25.09 -5.78
N PHE B 130 6.79 -25.12 -7.08
CA PHE B 130 7.73 -24.69 -8.09
C PHE B 130 7.06 -24.62 -9.46
N THR B 131 7.73 -23.84 -10.31
CA THR B 131 7.59 -23.90 -11.75
C THR B 131 8.90 -24.42 -12.30
N PRO B 132 8.89 -25.47 -13.14
CA PRO B 132 10.14 -26.10 -13.54
C PRO B 132 11.10 -25.08 -14.14
N LEU B 133 12.38 -25.36 -13.93
CA LEU B 133 13.46 -24.64 -14.62
C LEU B 133 14.45 -25.66 -15.14
N VAL B 134 14.57 -25.62 -16.47
CA VAL B 134 15.42 -26.53 -17.20
C VAL B 134 16.44 -25.65 -17.90
N PRO B 135 17.65 -25.54 -17.34
CA PRO B 135 18.69 -24.73 -17.95
C PRO B 135 18.81 -25.04 -19.44
N LEU B 136 18.97 -23.97 -20.24
CA LEU B 136 19.20 -24.03 -21.67
C LEU B 136 17.93 -24.42 -22.43
N ASP B 137 16.81 -24.64 -21.73
CA ASP B 137 15.56 -24.93 -22.40
C ASP B 137 14.53 -23.88 -22.01
N ALA B 138 14.52 -22.77 -22.78
CA ALA B 138 13.74 -21.60 -22.43
C ALA B 138 12.24 -21.94 -22.47
N ASP B 139 11.81 -22.83 -23.38
CA ASP B 139 10.40 -23.22 -23.40
C ASP B 139 10.00 -24.03 -22.14
N ALA B 140 10.79 -25.03 -21.80
CA ALA B 140 10.51 -25.88 -20.64
C ALA B 140 10.56 -25.06 -19.34
N SER B 141 11.26 -23.93 -19.42
CA SER B 141 11.47 -23.04 -18.30
C SER B 141 10.44 -21.92 -18.32
N GLY B 142 9.56 -21.94 -19.31
CA GLY B 142 8.58 -20.90 -19.57
C GLY B 142 7.16 -21.47 -19.67
N ILE B 143 6.84 -22.45 -18.82
CA ILE B 143 5.48 -22.96 -18.72
C ILE B 143 4.67 -22.11 -17.76
N PRO B 144 3.49 -21.63 -18.17
CA PRO B 144 2.63 -20.80 -17.34
C PRO B 144 1.81 -21.65 -16.37
N ALA B 145 2.55 -22.25 -15.45
CA ALA B 145 1.95 -23.11 -14.46
C ALA B 145 2.95 -23.38 -13.35
N ALA B 146 2.40 -23.86 -12.22
CA ALA B 146 3.17 -24.17 -11.03
C ALA B 146 2.56 -25.40 -10.37
N VAL B 147 3.45 -26.20 -9.77
CA VAL B 147 3.07 -27.27 -8.89
C VAL B 147 2.88 -26.68 -7.51
N LEU B 148 1.76 -27.02 -6.89
CA LEU B 148 1.46 -26.79 -5.49
C LEU B 148 1.15 -28.15 -4.88
N ARG B 149 2.12 -28.64 -4.11
CA ARG B 149 2.10 -30.00 -3.60
C ARG B 149 2.11 -29.90 -2.08
N TYR B 150 0.94 -30.15 -1.48
CA TYR B 150 0.79 -30.18 -0.02
C TYR B 150 0.99 -31.57 0.54
N ARG B 151 2.03 -31.67 1.38
CA ARG B 151 2.35 -32.90 2.07
C ARG B 151 1.67 -32.85 3.44
N VAL B 152 0.86 -33.86 3.72
CA VAL B 152 0.14 -33.93 4.98
C VAL B 152 0.59 -35.17 5.71
N VAL B 153 0.90 -35.01 7.00
CA VAL B 153 1.33 -36.12 7.85
C VAL B 153 0.30 -36.32 8.96
N ASN B 154 -0.02 -37.62 9.26
CA ASN B 154 -0.86 -37.98 10.39
C ASN B 154 0.05 -38.47 11.49
N PRO B 155 0.42 -37.63 12.46
CA PRO B 155 1.30 -38.13 13.50
C PRO B 155 0.51 -38.74 14.66
N GLY B 156 -0.84 -38.86 14.55
CA GLY B 156 -1.70 -39.29 15.64
C GLY B 156 -1.89 -40.79 15.64
N ASP B 157 -2.76 -41.30 16.54
CA ASP B 157 -2.83 -42.73 16.72
C ASP B 157 -4.09 -43.30 16.05
N ALA B 158 -4.92 -42.46 15.42
CA ALA B 158 -6.12 -42.95 14.72
C ALA B 158 -6.07 -42.42 13.28
N PRO B 159 -6.73 -43.08 12.31
CA PRO B 159 -6.82 -42.56 10.96
C PRO B 159 -7.40 -41.17 10.98
N VAL B 160 -6.93 -40.34 10.04
CA VAL B 160 -7.53 -39.03 9.79
C VAL B 160 -7.93 -38.96 8.32
N THR B 161 -9.16 -38.58 8.03
CA THR B 161 -9.58 -38.33 6.66
C THR B 161 -9.32 -36.84 6.36
N VAL B 162 -8.44 -36.63 5.37
CA VAL B 162 -7.98 -35.29 5.06
C VAL B 162 -8.45 -34.87 3.66
N THR B 163 -9.00 -33.66 3.60
CA THR B 163 -9.31 -33.05 2.32
C THR B 163 -8.44 -31.80 2.19
N VAL B 164 -7.64 -31.71 1.13
CA VAL B 164 -6.97 -30.45 0.85
C VAL B 164 -7.70 -29.89 -0.36
N VAL B 165 -8.10 -28.65 -0.29
CA VAL B 165 -9.01 -28.08 -1.26
C VAL B 165 -8.43 -26.79 -1.75
N GLY B 166 -8.19 -26.66 -3.05
CA GLY B 166 -7.93 -25.35 -3.60
C GLY B 166 -9.19 -24.73 -4.13
N SER B 167 -9.37 -23.49 -3.73
CA SER B 167 -10.46 -22.64 -4.19
C SER B 167 -9.81 -21.51 -4.99
N MET B 168 -10.36 -21.20 -6.14
CA MET B 168 -9.66 -20.29 -7.06
C MET B 168 -10.70 -19.51 -7.84
N SER B 169 -10.37 -18.24 -8.11
CA SER B 169 -11.08 -17.38 -9.05
C SER B 169 -10.17 -17.11 -10.23
N HIS B 170 -10.76 -17.05 -11.42
CA HIS B 170 -10.00 -16.59 -12.58
C HIS B 170 -9.71 -15.10 -12.36
N THR B 171 -8.58 -14.65 -12.90
CA THR B 171 -8.19 -13.22 -12.78
C THR B 171 -8.68 -12.34 -13.93
N ALA B 172 -8.98 -12.92 -15.09
CA ALA B 172 -9.23 -12.12 -16.31
C ALA B 172 -10.48 -11.25 -16.16
N GLY B 173 -10.43 -10.10 -16.82
CA GLY B 173 -11.64 -9.41 -17.19
C GLY B 173 -11.75 -8.00 -16.64
N ARG B 174 -10.80 -7.55 -15.81
CA ARG B 174 -10.98 -6.27 -15.19
C ARG B 174 -11.01 -5.18 -16.27
N GLY B 175 -11.82 -4.15 -15.98
CA GLY B 175 -11.69 -2.95 -16.76
C GLY B 175 -12.00 -1.76 -15.90
N ALA B 176 -11.66 -0.58 -16.45
CA ALA B 176 -11.81 0.67 -15.70
C ALA B 176 -13.30 0.86 -15.37
N PRO B 177 -13.68 1.40 -14.18
CA PRO B 177 -15.08 1.47 -13.76
C PRO B 177 -15.97 2.15 -14.81
N GLY B 178 -17.25 1.77 -14.95
CA GLY B 178 -18.02 2.31 -16.07
C GLY B 178 -19.05 1.35 -16.65
N PRO B 179 -19.88 1.80 -17.62
CA PRO B 179 -20.93 0.95 -18.21
C PRO B 179 -20.42 -0.22 -19.05
N ASP B 180 -19.16 -0.14 -19.49
CA ASP B 180 -18.50 -1.24 -20.20
C ASP B 180 -17.88 -2.26 -19.22
N ALA B 181 -17.89 -1.94 -17.93
CA ALA B 181 -17.28 -2.79 -16.93
C ALA B 181 -18.19 -2.87 -15.71
N PRO B 182 -19.41 -3.44 -15.81
CA PRO B 182 -20.20 -3.60 -14.61
C PRO B 182 -19.40 -4.41 -13.61
N TRP B 183 -19.45 -4.03 -12.35
CA TRP B 183 -18.82 -4.83 -11.33
C TRP B 183 -17.29 -4.85 -11.56
N GLY B 184 -16.73 -3.84 -12.24
CA GLY B 184 -15.32 -3.74 -12.64
C GLY B 184 -14.86 -4.80 -13.64
N MET B 185 -15.80 -5.52 -14.27
CA MET B 185 -15.49 -6.61 -15.16
C MET B 185 -16.05 -6.37 -16.58
N ARG B 186 -15.16 -6.40 -17.58
CA ARG B 186 -15.46 -6.16 -19.00
C ARG B 186 -16.08 -7.37 -19.65
N GLY B 187 -15.86 -8.53 -19.04
CA GLY B 187 -16.42 -9.76 -19.53
C GLY B 187 -16.87 -10.62 -18.36
N THR B 188 -17.47 -11.74 -18.73
CA THR B 188 -18.02 -12.68 -17.74
C THR B 188 -17.22 -13.97 -17.79
N GLN B 189 -16.79 -14.43 -16.59
CA GLN B 189 -16.00 -15.60 -16.47
C GLN B 189 -16.92 -16.81 -16.53
N SER B 190 -16.28 -17.97 -16.72
CA SER B 190 -16.90 -19.27 -16.62
C SER B 190 -15.91 -20.18 -15.92
N VAL B 191 -16.48 -21.23 -15.29
CA VAL B 191 -15.68 -22.29 -14.70
C VAL B 191 -16.45 -23.58 -14.86
N ARG B 192 -15.68 -24.63 -15.08
CA ARG B 192 -16.30 -25.94 -15.12
C ARG B 192 -15.31 -26.99 -14.68
N TRP B 193 -15.87 -28.11 -14.24
CA TRP B 193 -15.12 -29.35 -14.13
C TRP B 193 -14.76 -29.87 -15.50
N ARG B 194 -13.52 -30.32 -15.63
CA ARG B 194 -13.03 -30.90 -16.86
C ARG B 194 -12.12 -32.07 -16.55
N GLU B 195 -12.21 -33.11 -17.39
CA GLU B 195 -11.29 -34.20 -17.28
C GLU B 195 -10.89 -34.65 -18.70
N SER B 196 -9.65 -34.36 -19.08
CA SER B 196 -9.15 -34.56 -20.43
C SER B 196 -7.63 -34.45 -20.37
N ASP B 197 -6.94 -35.03 -21.36
CA ASP B 197 -5.51 -34.81 -21.49
C ASP B 197 -4.76 -35.39 -20.29
N GLY B 198 -5.36 -36.37 -19.61
CA GLY B 198 -4.74 -37.07 -18.51
C GLY B 198 -4.80 -36.32 -17.17
N ILE B 199 -5.52 -35.21 -17.11
CA ILE B 199 -5.67 -34.38 -15.92
C ILE B 199 -7.15 -34.07 -15.67
N ARG B 200 -7.45 -33.58 -14.46
CA ARG B 200 -8.81 -33.29 -14.05
C ARG B 200 -8.78 -32.06 -13.15
N GLY B 201 -9.91 -31.37 -13.16
CA GLY B 201 -10.10 -30.20 -12.31
C GLY B 201 -10.92 -29.11 -12.93
N LEU B 202 -10.56 -27.88 -12.56
CA LEU B 202 -11.31 -26.71 -12.92
C LEU B 202 -10.62 -25.98 -14.06
N ASP B 203 -11.45 -25.65 -15.06
CA ASP B 203 -11.07 -24.93 -16.25
C ASP B 203 -11.88 -23.65 -16.30
N PHE B 204 -11.14 -22.53 -16.26
CA PHE B 204 -11.74 -21.24 -16.23
C PHE B 204 -11.52 -20.53 -17.55
N ASP B 205 -12.48 -19.73 -17.93
CA ASP B 205 -12.43 -19.00 -19.19
C ASP B 205 -13.17 -17.69 -18.99
N ILE B 206 -13.23 -16.92 -20.05
CA ILE B 206 -13.99 -15.70 -20.06
C ILE B 206 -14.49 -15.39 -21.46
N ASP B 207 -15.56 -14.58 -21.59
CA ASP B 207 -16.24 -14.40 -22.88
C ASP B 207 -15.72 -13.18 -23.62
N LEU B 208 -14.51 -12.73 -23.29
CA LEU B 208 -13.82 -11.70 -24.08
C LEU B 208 -13.44 -12.26 -25.43
N ASP B 209 -13.29 -11.37 -26.42
CA ASP B 209 -12.87 -11.82 -27.75
C ASP B 209 -11.46 -12.44 -27.75
N HIS B 210 -11.21 -13.38 -28.68
CA HIS B 210 -10.04 -14.27 -28.68
C HIS B 210 -8.76 -13.44 -28.81
N ASP B 211 -8.89 -12.21 -29.34
CA ASP B 211 -7.76 -11.32 -29.61
C ASP B 211 -7.80 -10.06 -28.72
N ASP B 212 -8.55 -10.17 -27.63
CA ASP B 212 -8.61 -9.07 -26.69
C ASP B 212 -7.33 -9.19 -25.84
N PRO B 213 -6.57 -8.12 -25.57
CA PRO B 213 -5.40 -8.26 -24.69
C PRO B 213 -5.72 -8.79 -23.30
N GLY B 214 -6.95 -8.64 -22.86
CA GLY B 214 -7.38 -9.08 -21.55
C GLY B 214 -7.86 -10.49 -21.53
N TYR B 215 -7.94 -11.10 -22.71
CA TYR B 215 -8.39 -12.49 -22.75
C TYR B 215 -7.39 -13.45 -22.06
N GLY B 216 -7.93 -14.44 -21.36
CA GLY B 216 -7.06 -15.49 -20.84
C GLY B 216 -7.89 -16.52 -20.09
N THR B 217 -7.15 -17.51 -19.65
CA THR B 217 -7.66 -18.70 -19.08
C THR B 217 -6.85 -19.04 -17.83
N MET B 218 -7.44 -19.85 -16.96
CA MET B 218 -6.75 -20.43 -15.82
C MET B 218 -7.29 -21.83 -15.57
N SER B 219 -6.49 -22.61 -14.91
CA SER B 219 -6.92 -23.93 -14.49
C SER B 219 -6.33 -24.33 -13.15
N LEU B 220 -7.05 -25.21 -12.42
CA LEU B 220 -6.52 -25.84 -11.22
C LEU B 220 -6.76 -27.35 -11.37
N THR B 221 -5.69 -28.10 -11.43
CA THR B 221 -5.81 -29.51 -11.83
C THR B 221 -5.05 -30.40 -10.89
N THR B 222 -5.36 -31.70 -11.06
CA THR B 222 -4.63 -32.74 -10.41
C THR B 222 -4.68 -33.98 -11.30
N THR B 223 -3.79 -34.90 -11.02
CA THR B 223 -3.87 -36.26 -11.53
C THR B 223 -4.42 -37.21 -10.47
N ASP B 224 -4.69 -36.70 -9.30
CA ASP B 224 -5.24 -37.50 -8.22
C ASP B 224 -6.65 -37.90 -8.60
N SER B 225 -6.97 -39.21 -8.46
CA SER B 225 -8.33 -39.63 -8.81
C SER B 225 -9.31 -39.36 -7.67
N SER B 226 -8.79 -39.10 -6.45
CA SER B 226 -9.65 -39.04 -5.27
C SER B 226 -10.05 -37.61 -4.99
N THR B 227 -11.02 -37.11 -5.74
CA THR B 227 -11.43 -35.73 -5.72
C THR B 227 -12.85 -35.56 -5.17
N THR B 228 -13.09 -34.35 -4.67
CA THR B 228 -14.42 -33.84 -4.27
C THR B 228 -14.47 -32.37 -4.74
N VAL B 229 -15.57 -31.91 -5.33
CA VAL B 229 -15.51 -30.65 -6.09
C VAL B 229 -16.78 -29.83 -5.88
N LYS B 230 -16.58 -28.52 -5.89
CA LYS B 230 -17.67 -27.59 -6.07
C LYS B 230 -17.23 -26.70 -7.23
N PRO B 231 -17.59 -27.07 -8.46
CA PRO B 231 -17.09 -26.40 -9.66
C PRO B 231 -17.35 -24.91 -9.75
N GLN B 232 -18.47 -24.48 -9.21
CA GLN B 232 -18.85 -23.10 -9.27
C GLN B 232 -19.57 -22.73 -7.99
N TRP B 233 -18.99 -21.75 -7.28
CA TRP B 233 -19.63 -21.21 -6.12
C TRP B 233 -20.84 -20.41 -6.54
N VAL B 234 -21.78 -20.31 -5.60
CA VAL B 234 -22.91 -19.41 -5.73
C VAL B 234 -22.45 -17.96 -5.92
N THR B 235 -23.14 -17.27 -6.82
CA THR B 235 -22.96 -15.82 -7.00
C THR B 235 -24.25 -15.16 -6.58
N SER B 236 -24.22 -14.50 -5.42
CA SER B 236 -25.34 -13.67 -4.97
C SER B 236 -24.80 -12.24 -4.84
N TYR B 237 -25.65 -11.26 -4.53
CA TYR B 237 -25.14 -9.91 -4.29
C TYR B 237 -24.27 -9.87 -3.04
N TRP B 238 -24.75 -10.51 -1.96
CA TRP B 238 -23.95 -10.82 -0.78
C TRP B 238 -23.14 -12.08 -0.96
N PRO B 239 -22.08 -12.24 -0.15
CA PRO B 239 -21.17 -13.38 -0.28
C PRO B 239 -21.73 -14.70 0.25
N ASP B 240 -22.86 -15.11 -0.33
CA ASP B 240 -23.41 -16.42 -0.02
C ASP B 240 -22.46 -17.51 -0.46
N GLY B 241 -21.70 -17.33 -1.58
CA GLY B 241 -20.94 -18.43 -2.08
C GLY B 241 -19.97 -18.99 -1.07
N ALA B 242 -19.30 -18.01 -0.46
CA ALA B 242 -18.22 -18.30 0.46
C ALA B 242 -18.77 -19.00 1.71
N ARG B 243 -19.90 -18.50 2.21
CA ARG B 243 -20.45 -19.08 3.43
C ARG B 243 -20.91 -20.52 3.14
N LEU B 244 -21.56 -20.69 1.98
CA LEU B 244 -21.98 -22.02 1.60
C LEU B 244 -20.78 -22.95 1.42
N PHE B 245 -19.69 -22.45 0.78
CA PHE B 245 -18.47 -23.23 0.64
C PHE B 245 -17.95 -23.71 2.00
N TRP B 246 -17.80 -22.79 2.94
CA TRP B 246 -17.26 -23.20 4.21
C TRP B 246 -18.20 -24.17 4.92
N ASN B 247 -19.50 -23.90 4.88
CA ASN B 247 -20.48 -24.78 5.47
C ASN B 247 -20.30 -26.17 4.89
N ASP B 248 -20.11 -26.22 3.55
CA ASP B 248 -20.04 -27.50 2.84
C ASP B 248 -18.79 -28.29 3.24
N LEU B 249 -17.65 -27.56 3.37
CA LEU B 249 -16.37 -28.17 3.70
C LEU B 249 -16.26 -28.61 5.16
N ALA B 250 -16.57 -27.72 6.09
CA ALA B 250 -16.44 -27.99 7.52
C ALA B 250 -17.46 -29.03 7.97
N ASP B 251 -18.56 -29.18 7.22
CA ASP B 251 -19.54 -30.19 7.57
C ASP B 251 -18.86 -31.54 7.50
N ASP B 252 -18.23 -31.91 6.36
CA ASP B 252 -17.90 -33.31 6.16
C ASP B 252 -16.62 -33.48 5.39
N GLY B 253 -15.97 -32.36 5.03
CA GLY B 253 -14.77 -32.46 4.22
C GLY B 253 -15.02 -32.88 2.78
N LEU B 254 -16.30 -32.80 2.35
CA LEU B 254 -16.64 -33.07 0.97
C LEU B 254 -17.42 -31.90 0.45
N LEU B 255 -17.44 -31.81 -0.88
CA LEU B 255 -18.08 -30.71 -1.57
C LEU B 255 -19.04 -31.26 -2.63
N ALA B 256 -20.03 -30.43 -2.93
CA ALA B 256 -20.96 -30.74 -3.97
C ALA B 256 -21.08 -29.52 -4.85
N PRO B 257 -21.39 -29.75 -6.16
CA PRO B 257 -21.85 -28.70 -7.04
C PRO B 257 -23.06 -27.99 -6.43
N GLU B 258 -23.20 -26.70 -6.64
CA GLU B 258 -24.35 -25.94 -6.16
C GLU B 258 -25.56 -26.20 -7.09
N ALA B 259 -26.70 -26.54 -6.48
CA ALA B 259 -27.96 -26.74 -7.21
C ALA B 259 -28.34 -25.46 -7.91
N ARG B 260 -28.19 -24.34 -7.21
CA ARG B 260 -28.53 -23.06 -7.79
C ARG B 260 -27.26 -22.21 -7.85
N LEU B 261 -26.98 -21.61 -9.00
CA LEU B 261 -25.73 -20.89 -9.19
C LEU B 261 -25.86 -19.45 -8.69
N THR B 262 -27.10 -19.04 -8.39
CA THR B 262 -27.33 -17.79 -7.66
C THR B 262 -28.55 -18.03 -6.75
N LEU B 263 -28.59 -17.38 -5.59
CA LEU B 263 -29.77 -17.49 -4.73
C LEU B 263 -30.67 -16.27 -4.95
N GLU B 264 -30.30 -15.36 -5.89
CA GLU B 264 -31.21 -14.27 -6.23
C GLU B 264 -32.29 -14.79 -7.19
N ASP B 265 -33.52 -14.22 -7.04
CA ASP B 265 -34.56 -14.44 -8.03
C ASP B 265 -34.63 -13.26 -8.98
N LYS B 266 -34.67 -12.05 -8.43
CA LYS B 266 -34.52 -10.84 -9.17
C LYS B 266 -33.81 -9.84 -8.26
N PRO B 267 -33.26 -8.76 -8.82
CA PRO B 267 -32.67 -7.71 -7.96
C PRO B 267 -33.71 -7.15 -7.00
N ARG B 268 -33.37 -7.18 -5.71
CA ARG B 268 -34.25 -6.64 -4.68
C ARG B 268 -33.49 -5.80 -3.65
N GLY B 269 -34.27 -5.10 -2.82
CA GLY B 269 -33.78 -4.19 -1.79
C GLY B 269 -32.82 -3.16 -2.36
N LEU B 270 -31.61 -3.13 -1.77
CA LEU B 270 -30.61 -2.17 -2.16
C LEU B 270 -30.23 -2.34 -3.62
N PHE B 271 -30.43 -3.56 -4.14
CA PHE B 271 -30.03 -3.93 -5.50
C PHE B 271 -31.14 -3.77 -6.53
N ALA B 272 -32.29 -3.25 -6.11
CA ALA B 272 -33.41 -3.18 -7.01
C ALA B 272 -33.04 -2.22 -8.11
N GLU B 273 -33.50 -2.56 -9.30
CA GLU B 273 -33.45 -1.66 -10.41
C GLU B 273 -34.62 -0.71 -10.29
N ARG B 274 -34.34 0.57 -10.21
CA ARG B 274 -35.38 1.57 -10.07
C ARG B 274 -36.45 1.46 -11.15
N ASP B 275 -36.03 1.10 -12.36
CA ASP B 275 -36.90 1.16 -13.52
C ASP B 275 -37.48 -0.21 -13.89
N ALA B 276 -37.26 -1.22 -13.05
CA ALA B 276 -37.79 -2.55 -13.33
C ALA B 276 -39.29 -2.52 -13.18
N ASP B 277 -40.00 -3.22 -14.10
CA ASP B 277 -41.42 -3.56 -13.94
C ASP B 277 -41.56 -4.46 -12.71
N PRO B 278 -42.35 -4.09 -11.67
CA PRO B 278 -42.43 -4.89 -10.44
C PRO B 278 -43.13 -6.25 -10.60
N ASP B 279 -43.85 -6.50 -11.72
CA ASP B 279 -44.30 -7.86 -12.06
C ASP B 279 -43.88 -8.23 -13.49
N ALA B 280 -42.65 -7.83 -13.86
CA ALA B 280 -41.93 -8.45 -14.95
C ALA B 280 -42.01 -9.96 -14.77
N PRO B 281 -41.86 -10.71 -15.87
CA PRO B 281 -41.78 -12.16 -15.73
C PRO B 281 -40.52 -12.49 -14.91
N ALA B 282 -40.57 -13.65 -14.25
CA ALA B 282 -39.43 -14.24 -13.58
C ALA B 282 -38.24 -14.21 -14.55
N LEU B 283 -37.07 -13.95 -13.98
CA LEU B 283 -35.83 -14.06 -14.73
C LEU B 283 -35.44 -15.51 -14.71
N THR B 284 -34.84 -15.99 -15.80
CA THR B 284 -34.23 -17.31 -15.69
C THR B 284 -32.98 -17.12 -14.82
N GLU B 285 -32.42 -18.23 -14.40
CA GLU B 285 -31.16 -18.15 -13.66
C GLU B 285 -30.09 -17.45 -14.50
N GLU B 286 -30.07 -17.73 -15.82
CA GLU B 286 -29.05 -17.13 -16.70
C GLU B 286 -29.23 -15.63 -16.76
N GLN B 287 -30.48 -15.17 -16.85
CA GLN B 287 -30.78 -13.77 -16.91
C GLN B 287 -30.45 -13.07 -15.60
N MET B 288 -30.71 -13.74 -14.46
CA MET B 288 -30.36 -13.23 -13.14
C MET B 288 -28.81 -13.20 -13.01
N LEU B 289 -28.14 -14.27 -13.46
CA LEU B 289 -26.68 -14.26 -13.45
C LEU B 289 -26.11 -13.11 -14.27
N ALA B 290 -26.79 -12.73 -15.37
CA ALA B 290 -26.31 -11.64 -16.22
C ALA B 290 -26.33 -10.32 -15.50
N LYS B 291 -27.09 -10.23 -14.40
CA LYS B 291 -27.12 -8.95 -13.67
C LYS B 291 -26.11 -8.88 -12.51
N LEU B 292 -25.35 -9.99 -12.30
CA LEU B 292 -24.58 -10.20 -11.07
C LEU B 292 -23.08 -10.08 -11.37
N PRO B 293 -22.25 -9.98 -10.32
CA PRO B 293 -20.77 -10.00 -10.48
C PRO B 293 -20.30 -11.14 -11.39
N ARG B 294 -19.16 -10.91 -12.06
CA ARG B 294 -18.75 -11.63 -13.24
C ARG B 294 -17.50 -12.47 -13.00
N VAL B 295 -16.93 -12.41 -11.79
CA VAL B 295 -15.89 -13.38 -11.37
C VAL B 295 -16.55 -14.71 -11.01
N ARG B 296 -15.87 -15.82 -11.30
CA ARG B 296 -16.33 -17.13 -10.93
C ARG B 296 -15.25 -17.81 -10.11
N THR B 297 -15.71 -18.73 -9.23
CA THR B 297 -14.86 -19.39 -8.24
C THR B 297 -15.29 -20.85 -8.24
N GLY B 298 -14.31 -21.72 -8.13
CA GLY B 298 -14.56 -23.13 -7.97
C GLY B 298 -13.57 -23.70 -6.97
N SER B 299 -13.86 -24.92 -6.52
CA SER B 299 -13.00 -25.59 -5.56
C SER B 299 -12.77 -27.03 -6.00
N LEU B 300 -11.50 -27.40 -5.98
CA LEU B 300 -11.05 -28.76 -6.20
C LEU B 300 -10.43 -29.31 -4.94
N GLY B 301 -11.03 -30.37 -4.41
CA GLY B 301 -10.52 -31.03 -3.24
C GLY B 301 -9.99 -32.41 -3.57
N ILE B 302 -8.97 -32.77 -2.81
CA ILE B 302 -8.41 -34.10 -2.91
C ILE B 302 -8.60 -34.72 -1.54
N VAL B 303 -9.06 -35.98 -1.48
CA VAL B 303 -9.46 -36.57 -0.22
C VAL B 303 -8.73 -37.88 -0.02
N HIS B 304 -8.03 -38.03 1.12
CA HIS B 304 -7.37 -39.29 1.45
C HIS B 304 -7.53 -39.53 2.95
N THR B 305 -7.77 -40.79 3.30
CA THR B 305 -7.68 -41.22 4.70
C THR B 305 -6.22 -41.61 4.96
N LEU B 306 -5.60 -40.89 5.88
CA LEU B 306 -4.24 -41.13 6.32
C LEU B 306 -4.23 -42.02 7.55
N ALA B 307 -3.50 -43.15 7.43
CA ALA B 307 -3.26 -44.05 8.54
C ALA B 307 -2.40 -43.34 9.57
N PRO B 308 -2.40 -43.81 10.85
CA PRO B 308 -1.41 -43.35 11.83
C PRO B 308 -0.01 -43.43 11.22
N GLY B 309 0.69 -42.30 11.22
CA GLY B 309 2.06 -42.21 10.76
C GLY B 309 2.18 -41.88 9.27
N GLU B 310 1.09 -42.01 8.53
CA GLU B 310 1.18 -41.90 7.07
C GLU B 310 1.40 -40.44 6.63
N GLU B 311 2.20 -40.27 5.56
CA GLU B 311 2.43 -39.01 4.89
C GLU B 311 1.82 -39.16 3.49
N ARG B 312 1.21 -38.10 2.99
CA ARG B 312 0.69 -38.21 1.63
C ARG B 312 0.72 -36.84 0.99
N ASP B 313 1.03 -36.84 -0.33
CA ASP B 313 1.04 -35.63 -1.12
C ASP B 313 -0.34 -35.39 -1.73
N PHE B 314 -0.80 -34.15 -1.65
CA PHE B 314 -2.01 -33.67 -2.26
C PHE B 314 -1.56 -32.67 -3.30
N GLU B 315 -1.53 -33.12 -4.56
CA GLU B 315 -0.77 -32.39 -5.56
C GLU B 315 -1.71 -31.72 -6.55
N PHE B 316 -1.51 -30.40 -6.67
CA PHE B 316 -2.19 -29.56 -7.63
C PHE B 316 -1.21 -28.89 -8.60
N VAL B 317 -1.79 -28.48 -9.73
CA VAL B 317 -1.19 -27.56 -10.66
C VAL B 317 -2.14 -26.39 -10.88
N LEU B 318 -1.56 -25.18 -10.78
CA LEU B 318 -2.23 -23.95 -11.11
C LEU B 318 -1.62 -23.43 -12.41
N ALA B 319 -2.43 -23.22 -13.43
CA ALA B 319 -1.96 -22.83 -14.74
C ALA B 319 -2.80 -21.65 -15.22
N TRP B 320 -2.23 -20.93 -16.18
CA TRP B 320 -2.82 -19.71 -16.65
C TRP B 320 -2.32 -19.45 -18.06
N SER B 321 -3.03 -18.57 -18.77
CA SER B 321 -2.59 -18.20 -20.09
C SER B 321 -3.30 -16.89 -20.50
N PHE B 322 -2.51 -15.86 -20.72
CA PHE B 322 -2.94 -14.58 -21.27
C PHE B 322 -2.13 -14.30 -22.54
N PRO B 323 -2.54 -14.90 -23.68
CA PRO B 323 -1.70 -14.99 -24.88
C PRO B 323 -1.49 -13.69 -25.59
N ASN B 324 -2.33 -12.69 -25.35
CA ASN B 324 -2.38 -11.55 -26.24
C ASN B 324 -1.77 -10.33 -25.54
N ARG B 325 -0.77 -9.68 -26.17
CA ARG B 325 -0.30 -8.39 -25.71
C ARG B 325 -0.67 -7.32 -26.73
N ARG B 326 -0.88 -6.11 -26.24
CA ARG B 326 -1.00 -4.99 -27.15
C ARG B 326 0.36 -4.78 -27.77
N ARG B 327 0.36 -4.49 -29.05
CA ARG B 327 1.58 -4.23 -29.76
C ARG B 327 2.15 -2.90 -29.25
N GLY B 328 3.40 -2.93 -28.81
CA GLY B 328 4.07 -1.72 -28.34
C GLY B 328 4.41 -1.85 -26.88
N TRP B 329 5.33 -1.01 -26.41
CA TRP B 329 5.73 -1.02 -25.02
C TRP B 329 4.62 -0.43 -24.16
N HIS B 330 3.97 0.68 -24.63
CA HIS B 330 3.00 1.43 -23.82
C HIS B 330 3.61 1.73 -22.45
N GLY B 331 4.81 2.29 -22.50
CA GLY B 331 5.62 2.58 -21.33
C GLY B 331 5.59 4.09 -21.07
N HIS B 332 6.66 4.64 -20.49
CA HIS B 332 6.66 6.00 -19.97
C HIS B 332 7.84 6.76 -20.55
N ILE B 333 8.46 6.21 -21.62
CA ILE B 333 9.65 6.86 -22.17
C ILE B 333 9.49 7.03 -23.69
N ILE B 334 9.25 5.93 -24.37
CA ILE B 334 9.22 5.98 -25.84
C ILE B 334 7.79 6.32 -26.32
N PHE B 335 7.43 7.57 -26.18
CA PHE B 335 6.14 8.07 -26.65
C PHE B 335 6.10 8.20 -28.17
N ASP B 336 4.91 8.07 -28.77
CA ASP B 336 4.83 8.07 -30.24
C ASP B 336 5.29 9.44 -30.78
N ASP B 337 5.49 10.45 -29.94
CA ASP B 337 6.10 11.73 -30.31
C ASP B 337 7.56 11.85 -29.88
N ALA B 338 8.16 10.75 -29.42
CA ALA B 338 9.57 10.67 -29.14
C ALA B 338 10.16 9.67 -30.15
N LEU B 339 9.52 9.51 -31.32
CA LEU B 339 10.00 8.59 -32.34
C LEU B 339 10.65 9.35 -33.49
N GLU B 340 11.73 8.82 -33.99
CA GLU B 340 12.40 9.43 -35.12
C GLU B 340 11.91 8.78 -36.39
N ASP B 341 11.98 9.60 -37.46
CA ASP B 341 11.60 9.15 -38.79
C ASP B 341 12.69 8.26 -39.31
N GLY B 342 12.33 7.39 -40.26
CA GLY B 342 13.32 6.70 -41.04
C GLY B 342 13.02 5.22 -41.20
N ALA B 343 12.41 4.62 -40.20
CA ALA B 343 12.16 3.20 -40.27
C ALA B 343 10.70 3.05 -40.61
N PRO B 344 10.35 2.12 -41.54
CA PRO B 344 8.95 1.89 -41.88
C PRO B 344 8.11 1.55 -40.63
N ASP B 345 6.97 2.20 -40.51
CA ASP B 345 6.07 1.89 -39.40
C ASP B 345 5.12 0.77 -39.81
N LEU B 346 5.37 -0.42 -39.30
CA LEU B 346 4.69 -1.63 -39.72
C LEU B 346 3.41 -1.87 -38.94
N ARG B 347 3.18 -1.03 -37.93
CA ARG B 347 2.14 -1.36 -36.92
C ARG B 347 0.74 -1.50 -37.53
N ASP B 348 0.35 -0.62 -38.47
CA ASP B 348 -1.01 -0.75 -38.98
C ASP B 348 -1.15 -2.05 -39.75
N GLU B 349 -0.10 -2.42 -40.48
CA GLU B 349 -0.18 -3.64 -41.24
C GLU B 349 -0.16 -4.82 -40.28
N LEU B 350 0.69 -4.82 -39.25
CA LEU B 350 0.82 -6.03 -38.46
C LEU B 350 -0.35 -6.21 -37.51
N GLY B 351 -1.01 -5.10 -37.18
CA GLY B 351 -2.20 -5.11 -36.30
C GLY B 351 -1.82 -4.94 -34.82
N PRO B 352 -2.87 -4.70 -33.98
CA PRO B 352 -2.69 -4.18 -32.63
C PRO B 352 -2.24 -5.21 -31.57
N ILE B 353 -2.13 -6.51 -31.87
CA ILE B 353 -1.77 -7.56 -30.91
C ILE B 353 -0.45 -8.20 -31.33
N VAL B 354 0.40 -8.55 -30.37
CA VAL B 354 1.47 -9.50 -30.55
C VAL B 354 1.34 -10.58 -29.48
N ARG B 355 1.56 -11.86 -29.82
CA ARG B 355 1.30 -12.91 -28.88
CA ARG B 355 1.28 -12.88 -28.85
C ARG B 355 2.55 -13.17 -28.05
N ASN B 356 2.31 -13.67 -26.85
CA ASN B 356 3.36 -14.30 -26.08
C ASN B 356 3.76 -15.58 -26.73
N HIS B 357 5.07 -15.81 -26.71
CA HIS B 357 5.63 -17.04 -27.29
C HIS B 357 5.03 -18.28 -26.67
N TYR B 358 4.84 -18.23 -25.34
CA TYR B 358 4.39 -19.43 -24.64
C TYR B 358 3.06 -19.93 -25.18
N ALA B 359 2.28 -19.01 -25.74
CA ALA B 359 0.96 -19.31 -26.28
C ALA B 359 0.98 -20.20 -27.52
N VAL B 360 2.15 -20.34 -28.19
CA VAL B 360 2.28 -21.25 -29.32
C VAL B 360 2.11 -22.67 -28.85
N ARG B 361 2.88 -23.09 -27.84
CA ARG B 361 2.65 -24.42 -27.31
C ARG B 361 1.41 -24.45 -26.45
N TRP B 362 1.17 -23.42 -25.65
CA TRP B 362 0.14 -23.45 -24.61
C TRP B 362 -0.80 -22.25 -24.77
N PRO B 363 -1.74 -22.39 -25.72
CA PRO B 363 -2.69 -21.32 -26.02
C PRO B 363 -3.78 -21.14 -24.96
N ASP B 364 -3.88 -22.12 -24.05
CA ASP B 364 -4.74 -21.94 -22.88
C ASP B 364 -4.11 -22.65 -21.70
N ALA B 365 -4.71 -22.40 -20.55
CA ALA B 365 -4.18 -22.87 -19.29
C ALA B 365 -4.16 -24.40 -19.31
N TRP B 366 -5.25 -25.03 -19.76
CA TRP B 366 -5.28 -26.49 -19.73
C TRP B 366 -4.08 -27.09 -20.44
N ALA B 367 -3.68 -26.49 -21.58
CA ALA B 367 -2.59 -27.05 -22.39
C ALA B 367 -1.29 -27.04 -21.56
N ALA B 368 -1.01 -25.91 -20.87
CA ALA B 368 0.16 -25.81 -20.02
C ALA B 368 0.05 -26.80 -18.88
N ALA B 369 -1.13 -26.89 -18.24
CA ALA B 369 -1.27 -27.79 -17.12
C ALA B 369 -1.00 -29.20 -17.62
N ALA B 370 -1.61 -29.54 -18.76
CA ALA B 370 -1.51 -30.93 -19.23
C ALA B 370 -0.05 -31.27 -19.49
N GLN B 371 0.71 -30.32 -20.05
CA GLN B 371 2.13 -30.55 -20.29
C GLN B 371 2.90 -30.78 -18.98
N LEU B 372 2.66 -29.88 -18.00
CA LEU B 372 3.40 -29.98 -16.75
C LEU B 372 3.09 -31.29 -16.07
N HIS B 373 1.85 -31.73 -16.01
CA HIS B 373 1.58 -33.01 -15.41
C HIS B 373 2.17 -34.18 -16.20
N ARG B 374 2.03 -34.16 -17.53
CA ARG B 374 2.48 -35.26 -18.39
C ARG B 374 3.99 -35.42 -18.21
N ASP B 375 4.73 -34.29 -18.23
CA ASP B 375 6.16 -34.35 -18.22
C ASP B 375 6.78 -34.10 -16.83
N LEU B 376 5.97 -34.17 -15.77
CA LEU B 376 6.44 -33.80 -14.44
C LEU B 376 7.69 -34.56 -14.04
N PRO B 377 7.85 -35.91 -14.25
CA PRO B 377 9.08 -36.54 -13.77
C PRO B 377 10.34 -35.88 -14.32
N ALA B 378 10.33 -35.58 -15.63
CA ALA B 378 11.52 -35.07 -16.26
C ALA B 378 11.68 -33.59 -15.87
N LEU B 379 10.60 -32.87 -15.84
CA LEU B 379 10.65 -31.41 -15.60
C LEU B 379 11.10 -31.18 -14.16
N GLU B 380 10.51 -31.97 -13.25
CA GLU B 380 10.90 -31.87 -11.85
C GLU B 380 12.30 -32.38 -11.63
N GLY B 381 12.65 -33.48 -12.33
CA GLY B 381 13.99 -34.06 -12.21
C GLY B 381 15.05 -33.05 -12.57
N ALA B 382 14.83 -32.34 -13.66
CA ALA B 382 15.76 -31.30 -14.13
C ALA B 382 15.85 -30.18 -13.07
N THR B 383 14.68 -29.75 -12.61
CA THR B 383 14.59 -28.66 -11.66
C THR B 383 15.36 -28.99 -10.38
N ASP B 384 15.13 -30.21 -9.88
CA ASP B 384 15.77 -30.68 -8.67
C ASP B 384 17.29 -30.80 -8.86
N ALA B 385 17.77 -31.30 -10.01
CA ALA B 385 19.21 -31.41 -10.29
C ALA B 385 19.84 -30.00 -10.28
N PHE B 386 19.07 -29.05 -10.81
CA PHE B 386 19.49 -27.65 -10.86
C PHE B 386 19.63 -27.08 -9.45
N VAL B 387 18.61 -27.25 -8.62
CA VAL B 387 18.66 -26.82 -7.24
C VAL B 387 19.83 -27.50 -6.51
N GLU B 388 20.05 -28.78 -6.72
CA GLU B 388 21.13 -29.43 -5.99
C GLU B 388 22.49 -28.92 -6.44
N GLU B 389 22.66 -28.62 -7.72
CA GLU B 389 23.95 -28.14 -8.20
C GLU B 389 24.16 -26.68 -7.72
N LEU B 390 23.08 -25.92 -7.72
CA LEU B 390 23.22 -24.50 -7.43
C LEU B 390 23.41 -24.26 -5.94
N TYR B 391 22.65 -25.01 -5.10
CA TYR B 391 22.62 -24.73 -3.69
C TYR B 391 23.29 -25.81 -2.83
N GLY B 392 23.60 -26.98 -3.39
CA GLY B 392 24.20 -28.05 -2.65
C GLY B 392 25.67 -28.30 -2.91
N GLY B 393 26.35 -27.37 -3.59
CA GLY B 393 27.78 -27.45 -3.76
C GLY B 393 28.59 -26.59 -2.78
N SER B 394 29.78 -26.15 -3.20
CA SER B 394 30.76 -25.64 -2.24
C SER B 394 30.62 -24.12 -2.08
N LEU B 395 29.87 -23.43 -2.99
CA LEU B 395 29.72 -21.98 -2.81
C LEU B 395 29.33 -21.64 -1.39
N ASP B 396 29.88 -20.53 -0.87
CA ASP B 396 29.32 -19.97 0.34
C ASP B 396 27.81 -19.77 0.15
N PRO B 397 26.95 -20.16 1.12
CA PRO B 397 25.51 -19.94 1.01
C PRO B 397 25.14 -18.52 0.57
N VAL B 398 25.89 -17.51 0.99
CA VAL B 398 25.54 -16.16 0.57
C VAL B 398 25.62 -16.03 -0.94
N LEU B 399 26.65 -16.67 -1.55
CA LEU B 399 26.87 -16.51 -2.97
C LEU B 399 25.86 -17.37 -3.72
N ALA B 400 25.57 -18.58 -3.21
CA ALA B 400 24.53 -19.40 -3.82
C ALA B 400 23.17 -18.65 -3.83
N ASP B 401 22.87 -17.98 -2.73
CA ASP B 401 21.67 -17.17 -2.58
C ASP B 401 21.67 -16.04 -3.61
N ALA B 402 22.75 -15.27 -3.68
CA ALA B 402 22.79 -14.18 -4.65
C ALA B 402 22.61 -14.66 -6.10
N VAL B 403 23.20 -15.83 -6.42
CA VAL B 403 23.15 -16.32 -7.79
C VAL B 403 21.75 -16.84 -8.11
N GLY B 404 21.25 -17.63 -7.19
CA GLY B 404 20.03 -18.39 -7.38
C GLY B 404 18.76 -17.57 -7.22
N ALA B 405 18.74 -16.72 -6.17
CA ALA B 405 17.52 -16.02 -5.85
C ALA B 405 17.21 -15.02 -6.98
N ASN B 406 18.27 -14.38 -7.56
CA ASN B 406 18.14 -13.34 -8.57
C ASN B 406 17.68 -13.93 -9.92
N ILE B 407 17.66 -15.27 -10.08
CA ILE B 407 17.11 -15.82 -11.30
C ILE B 407 15.65 -15.38 -11.43
N ALA B 408 15.00 -15.20 -10.27
CA ALA B 408 13.60 -14.79 -10.24
C ALA B 408 13.33 -13.57 -11.13
N ALA B 409 14.31 -12.64 -11.23
CA ALA B 409 14.11 -11.46 -12.06
C ALA B 409 13.90 -11.85 -13.53
N LEU B 410 14.70 -12.83 -13.95
CA LEU B 410 14.69 -13.24 -15.34
C LEU B 410 13.32 -13.89 -15.64
N ARG B 411 12.74 -14.50 -14.62
CA ARG B 411 11.46 -15.16 -14.75
C ARG B 411 10.26 -14.36 -14.22
N SER B 412 10.41 -13.05 -14.16
CA SER B 412 9.40 -12.13 -13.63
C SER B 412 8.78 -11.39 -14.81
N THR B 413 7.83 -10.53 -14.48
CA THR B 413 7.18 -9.63 -15.44
C THR B 413 8.14 -8.64 -16.10
N THR B 414 9.32 -8.49 -15.51
CA THR B 414 10.35 -7.62 -16.12
C THR B 414 10.67 -8.07 -17.55
N CYS B 415 10.64 -9.40 -17.80
CA CYS B 415 11.06 -9.94 -19.06
C CYS B 415 9.90 -10.70 -19.71
N PHE B 416 9.95 -10.76 -21.05
CA PHE B 416 8.94 -11.52 -21.77
C PHE B 416 9.51 -11.98 -23.10
N VAL B 417 8.75 -12.89 -23.73
CA VAL B 417 9.15 -13.50 -24.97
C VAL B 417 7.97 -13.41 -25.95
N LEU B 418 8.22 -12.66 -27.06
CA LEU B 418 7.18 -12.40 -28.04
C LEU B 418 7.28 -13.41 -29.20
N GLU B 419 6.10 -13.82 -29.68
CA GLU B 419 6.03 -14.68 -30.86
C GLU B 419 6.07 -13.80 -32.13
N SER B 420 7.23 -13.85 -32.82
CA SER B 420 7.36 -13.29 -34.15
C SER B 420 6.84 -11.89 -34.19
N PRO B 421 7.30 -10.97 -33.31
CA PRO B 421 6.68 -9.66 -33.29
C PRO B 421 6.85 -8.84 -34.54
N THR B 422 7.99 -9.07 -35.25
CA THR B 422 8.26 -8.34 -36.50
C THR B 422 8.85 -9.25 -37.57
N PRO B 423 8.32 -9.17 -38.82
CA PRO B 423 8.83 -10.01 -39.91
C PRO B 423 10.31 -9.72 -40.18
N GLU B 424 10.80 -8.54 -39.75
CA GLU B 424 12.17 -8.17 -39.96
C GLU B 424 13.17 -9.03 -39.18
N LEU B 425 12.73 -9.78 -38.16
CA LEU B 425 13.60 -10.70 -37.47
C LEU B 425 13.31 -12.12 -37.86
N GLY B 426 12.39 -12.32 -38.81
CA GLY B 426 12.01 -13.69 -39.16
C GLY B 426 11.12 -14.27 -38.07
N ASP B 427 10.74 -15.53 -38.21
CA ASP B 427 9.80 -16.13 -37.29
C ASP B 427 10.54 -16.65 -36.07
N GLY B 428 9.84 -16.63 -34.96
CA GLY B 428 10.33 -17.27 -33.75
C GLY B 428 10.32 -16.31 -32.58
N PRO B 429 10.75 -16.84 -31.40
CA PRO B 429 10.67 -16.06 -30.16
C PRO B 429 11.68 -14.93 -30.15
N VAL B 430 11.24 -13.78 -29.67
CA VAL B 430 12.11 -12.64 -29.38
C VAL B 430 11.98 -12.25 -27.92
N PHE B 431 13.12 -12.33 -27.24
CA PHE B 431 13.26 -11.90 -25.86
C PHE B 431 13.28 -10.38 -25.81
N ALA B 432 12.46 -9.81 -24.89
CA ALA B 432 12.46 -8.36 -24.68
C ALA B 432 12.19 -8.11 -23.21
N ALA B 433 12.54 -6.94 -22.70
CA ALA B 433 12.45 -6.71 -21.27
C ALA B 433 12.40 -5.22 -20.95
N TRP B 434 11.62 -4.94 -19.92
CA TRP B 434 11.71 -3.71 -19.17
C TRP B 434 13.06 -3.71 -18.42
N GLU B 435 13.40 -2.59 -17.81
CA GLU B 435 14.45 -2.59 -16.81
C GLU B 435 13.98 -3.26 -15.53
N GLY B 436 12.74 -3.01 -15.19
CA GLY B 436 12.17 -3.53 -13.96
C GLY B 436 10.67 -3.56 -14.08
N SER B 437 10.04 -3.86 -12.93
CA SER B 437 8.61 -3.90 -12.84
C SER B 437 8.19 -2.95 -11.73
N PHE B 438 7.47 -1.87 -12.05
CA PHE B 438 6.76 -1.15 -10.99
C PHE B 438 5.70 -2.07 -10.45
N ASP B 439 5.09 -1.74 -9.31
CA ASP B 439 4.06 -2.64 -8.76
C ASP B 439 2.98 -2.97 -9.79
N HIS B 440 2.61 -1.98 -10.62
CA HIS B 440 1.47 -2.12 -11.51
C HIS B 440 1.76 -1.80 -12.95
N GLY B 441 3.02 -1.68 -13.35
CA GLY B 441 3.30 -1.38 -14.75
C GLY B 441 4.77 -1.61 -15.01
N GLY B 442 5.14 -1.57 -16.27
CA GLY B 442 6.50 -1.79 -16.61
C GLY B 442 7.36 -0.57 -16.30
N SER B 443 8.64 -0.80 -15.95
CA SER B 443 9.60 0.24 -15.70
C SER B 443 10.64 0.27 -16.82
N CYS B 444 10.67 1.37 -17.59
CA CYS B 444 11.78 1.75 -18.44
C CYS B 444 11.97 0.75 -19.58
N GLU B 445 11.18 0.99 -20.63
CA GLU B 445 11.01 0.03 -21.72
C GLU B 445 12.24 0.01 -22.61
N GLY B 446 12.27 -1.00 -23.48
CA GLY B 446 13.16 -1.04 -24.61
C GLY B 446 14.36 -1.96 -24.52
N THR B 447 14.34 -3.00 -23.66
CA THR B 447 15.47 -3.86 -23.36
C THR B 447 16.73 -3.03 -23.27
N CYS B 448 16.62 -2.03 -22.42
CA CYS B 448 17.59 -0.97 -22.28
C CYS B 448 19.03 -1.50 -22.21
N THR B 449 19.88 -1.07 -23.12
CA THR B 449 21.15 -1.71 -23.30
C THR B 449 22.14 -1.31 -22.21
N HIS B 450 22.05 -0.07 -21.68
CA HIS B 450 22.99 0.28 -20.63
C HIS B 450 22.71 -0.45 -19.31
N VAL B 451 21.43 -0.83 -19.08
CA VAL B 451 21.10 -1.65 -17.94
C VAL B 451 21.34 -3.12 -18.22
N TRP B 452 20.80 -3.58 -19.35
CA TRP B 452 20.83 -5.01 -19.65
C TRP B 452 22.26 -5.49 -19.89
N SER B 453 23.17 -4.58 -20.23
CA SER B 453 24.57 -4.99 -20.32
C SER B 453 25.09 -5.56 -19.01
N TYR B 454 24.59 -5.10 -17.85
CA TYR B 454 25.01 -5.70 -16.60
C TYR B 454 24.50 -7.12 -16.37
N ALA B 455 23.36 -7.49 -16.95
CA ALA B 455 22.67 -8.76 -16.74
C ALA B 455 23.40 -9.91 -17.42
N GLN B 456 23.82 -10.89 -16.64
CA GLN B 456 24.57 -12.07 -17.07
C GLN B 456 23.73 -13.32 -17.03
N THR B 457 22.71 -13.38 -16.17
CA THR B 457 22.06 -14.64 -15.90
C THR B 457 21.54 -15.28 -17.16
N ALA B 458 20.85 -14.52 -18.00
CA ALA B 458 20.24 -15.16 -19.17
C ALA B 458 21.28 -15.67 -20.17
N ALA B 459 22.38 -14.94 -20.26
CA ALA B 459 23.48 -15.33 -21.18
C ALA B 459 24.08 -16.71 -20.87
N TRP B 460 24.03 -17.12 -19.60
CA TRP B 460 24.52 -18.43 -19.20
C TRP B 460 23.41 -19.45 -19.02
N LEU B 461 22.14 -19.09 -18.77
CA LEU B 461 21.07 -20.07 -18.55
C LEU B 461 20.13 -20.21 -19.73
N PHE B 462 19.86 -19.13 -20.46
CA PHE B 462 18.94 -19.12 -21.59
C PHE B 462 19.53 -18.25 -22.70
N PRO B 463 20.68 -18.68 -23.23
CA PRO B 463 21.47 -17.89 -24.15
C PRO B 463 20.74 -17.54 -25.43
N GLY B 464 19.83 -18.43 -25.90
CA GLY B 464 18.91 -18.20 -27.00
C GLY B 464 18.14 -16.88 -26.91
N LEU B 465 17.68 -16.62 -25.70
CA LEU B 465 16.93 -15.41 -25.45
C LEU B 465 17.81 -14.20 -25.72
N GLU B 466 19.01 -14.23 -25.17
CA GLU B 466 19.94 -13.10 -25.32
C GLU B 466 20.33 -12.94 -26.79
N ARG B 467 20.53 -14.06 -27.52
CA ARG B 467 20.84 -13.94 -28.93
C ARG B 467 19.72 -13.25 -29.70
N SER B 468 18.45 -13.57 -29.37
CA SER B 468 17.30 -13.03 -30.10
C SER B 468 17.30 -11.51 -29.96
N ALA B 469 17.70 -11.09 -28.75
CA ALA B 469 17.74 -9.67 -28.38
C ALA B 469 18.87 -8.98 -29.10
N ARG B 470 20.06 -9.61 -29.15
CA ARG B 470 21.18 -9.01 -29.89
C ARG B 470 20.77 -8.84 -31.35
N ARG B 471 20.03 -9.79 -31.93
CA ARG B 471 19.65 -9.62 -33.33
C ARG B 471 18.74 -8.39 -33.52
N ALA B 472 17.80 -8.11 -32.58
CA ALA B 472 17.01 -6.90 -32.65
C ALA B 472 17.88 -5.64 -32.63
N GLU B 473 18.89 -5.65 -31.73
CA GLU B 473 19.67 -4.43 -31.58
C GLU B 473 20.50 -4.15 -32.85
N TYR B 474 21.12 -5.22 -33.39
CA TYR B 474 22.01 -5.05 -34.54
C TYR B 474 21.24 -4.90 -35.85
N LEU B 475 20.19 -5.71 -36.02
CA LEU B 475 19.44 -5.67 -37.28
C LEU B 475 18.48 -4.51 -37.34
N LEU B 476 17.98 -4.02 -36.19
CA LEU B 476 16.89 -3.06 -36.25
C LEU B 476 17.25 -1.74 -35.64
N GLU B 477 18.18 -1.68 -34.69
CA GLU B 477 18.33 -0.49 -33.87
C GLU B 477 19.68 0.16 -34.14
N THR B 478 20.40 -0.31 -35.18
CA THR B 478 21.72 0.17 -35.48
C THR B 478 21.73 0.82 -36.86
N ASP B 479 22.04 2.11 -36.96
CA ASP B 479 21.95 2.72 -38.27
C ASP B 479 23.24 2.49 -39.04
N GLU B 480 23.25 3.05 -40.23
CA GLU B 480 24.37 2.83 -41.16
C GLU B 480 25.68 3.40 -40.62
N SER B 481 25.62 4.43 -39.76
CA SER B 481 26.81 5.08 -39.23
C SER B 481 27.39 4.33 -38.01
N GLY B 482 26.65 3.35 -37.51
CA GLY B 482 27.05 2.67 -36.30
C GLY B 482 26.38 3.20 -35.03
N ALA B 483 25.47 4.16 -35.12
CA ALA B 483 24.77 4.68 -33.94
C ALA B 483 23.69 3.67 -33.56
N GLN B 484 23.78 3.15 -32.32
CA GLN B 484 22.84 2.15 -31.83
C GLN B 484 21.93 2.77 -30.78
N LYS B 485 20.63 2.53 -30.93
CA LYS B 485 19.71 2.97 -29.91
C LYS B 485 19.95 2.15 -28.66
N PHE B 486 19.71 2.74 -27.50
CA PHE B 486 19.85 1.98 -26.25
C PHE B 486 18.48 1.57 -25.67
N ARG B 487 17.41 2.02 -26.30
CA ARG B 487 16.06 1.47 -26.07
C ARG B 487 15.45 1.12 -27.40
N GLY B 488 14.98 -0.14 -27.51
CA GLY B 488 14.51 -0.59 -28.81
C GLY B 488 12.99 -0.60 -28.92
N ASN B 489 12.51 -0.01 -30.01
CA ASN B 489 11.09 0.10 -30.37
C ASN B 489 10.77 -0.75 -31.62
N ARG B 490 11.79 -1.08 -32.44
CA ARG B 490 11.61 -1.68 -33.73
C ARG B 490 11.13 -3.13 -33.58
N ILE B 491 11.39 -3.80 -32.42
CA ILE B 491 10.81 -5.14 -32.25
C ILE B 491 9.31 -5.19 -32.51
N PHE B 492 8.60 -4.08 -32.28
CA PHE B 492 7.17 -4.02 -32.49
C PHE B 492 6.77 -3.60 -33.91
N GLY B 493 7.74 -3.20 -34.74
CA GLY B 493 7.39 -2.67 -36.05
C GLY B 493 7.31 -1.15 -36.01
N ALA B 494 7.57 -0.57 -34.81
CA ALA B 494 7.38 0.85 -34.59
C ALA B 494 8.65 1.59 -34.93
N PRO B 495 8.55 2.89 -35.29
CA PRO B 495 9.76 3.67 -35.60
C PRO B 495 10.66 3.68 -34.34
N ARG B 496 11.92 4.03 -34.53
CA ARG B 496 12.90 4.01 -33.46
C ARG B 496 12.68 5.22 -32.55
N TRP B 497 13.12 5.06 -31.30
CA TRP B 497 13.23 6.15 -30.35
C TRP B 497 14.19 7.20 -30.88
N PHE B 498 13.91 8.49 -30.61
CA PHE B 498 14.71 9.52 -31.25
C PHE B 498 16.02 9.74 -30.48
N ILE B 499 16.10 9.34 -29.23
CA ILE B 499 17.28 9.60 -28.45
C ILE B 499 18.44 8.78 -29.01
N GLY B 500 19.63 9.39 -28.91
CA GLY B 500 20.86 8.84 -29.47
C GLY B 500 21.55 7.80 -28.58
N PRO B 501 22.75 7.33 -28.99
CA PRO B 501 23.48 6.29 -28.27
C PRO B 501 24.02 6.66 -26.91
N ALA B 502 24.13 5.62 -26.10
CA ALA B 502 24.82 5.69 -24.84
C ALA B 502 26.15 4.93 -24.98
N VAL B 503 27.23 5.45 -24.40
CA VAL B 503 28.57 4.82 -24.60
C VAL B 503 28.63 3.42 -23.96
N ASP B 504 28.07 3.30 -22.74
CA ASP B 504 28.06 2.02 -22.04
C ASP B 504 27.08 1.05 -22.70
N GLY B 505 25.87 1.51 -23.07
CA GLY B 505 24.94 0.65 -23.74
C GLY B 505 25.42 0.16 -25.10
N GLN B 506 25.90 1.08 -25.96
CA GLN B 506 26.37 0.68 -27.29
C GLN B 506 27.56 -0.30 -27.22
N LEU B 507 28.57 0.03 -26.45
CA LEU B 507 29.75 -0.83 -26.36
C LEU B 507 29.56 -2.04 -25.46
N GLY B 508 28.65 -1.93 -24.47
CA GLY B 508 28.25 -3.05 -23.67
C GLY B 508 27.53 -4.09 -24.50
N THR B 509 26.76 -3.62 -25.50
CA THR B 509 26.06 -4.48 -26.42
C THR B 509 27.05 -5.27 -27.27
N PHE B 510 28.10 -4.56 -27.68
CA PHE B 510 29.12 -5.18 -28.46
C PHE B 510 29.83 -6.23 -27.64
N LEU B 511 30.11 -5.93 -26.36
CA LEU B 511 30.64 -6.95 -25.46
C LEU B 511 29.73 -8.17 -25.31
N ARG B 512 28.42 -7.90 -25.23
CA ARG B 512 27.45 -8.98 -25.16
C ARG B 512 27.36 -9.79 -26.44
N LEU B 513 27.50 -9.15 -27.60
CA LEU B 513 27.58 -9.92 -28.82
C LEU B 513 28.72 -10.93 -28.72
N HIS B 514 29.89 -10.51 -28.23
CA HIS B 514 31.03 -11.38 -28.00
C HIS B 514 30.72 -12.49 -27.02
N ARG B 515 30.08 -12.11 -25.93
CA ARG B 515 29.65 -13.09 -24.93
C ARG B 515 28.73 -14.13 -25.54
N GLU B 516 27.74 -13.67 -26.31
CA GLU B 516 26.74 -14.56 -26.87
C GLU B 516 27.42 -15.52 -27.86
N TRP B 517 28.26 -14.96 -28.71
CA TRP B 517 28.96 -15.75 -29.71
C TRP B 517 29.91 -16.75 -29.05
N ARG B 518 30.66 -16.29 -28.02
CA ARG B 518 31.55 -17.18 -27.30
C ARG B 518 30.74 -18.34 -26.69
N PHE B 519 29.54 -18.06 -26.23
CA PHE B 519 28.79 -19.13 -25.54
C PHE B 519 28.29 -20.17 -26.53
N CYS B 520 27.81 -19.76 -27.70
CA CYS B 520 27.07 -20.64 -28.59
C CYS B 520 27.98 -21.17 -29.70
N GLY B 521 28.95 -20.39 -30.13
CA GLY B 521 29.86 -20.91 -31.14
C GLY B 521 29.31 -20.86 -32.56
N ASP B 522 28.23 -20.11 -32.75
CA ASP B 522 27.48 -20.05 -33.99
C ASP B 522 28.03 -18.87 -34.79
N ASP B 523 28.88 -19.17 -35.80
CA ASP B 523 29.51 -18.09 -36.55
C ASP B 523 28.52 -17.41 -37.47
N GLU B 524 27.50 -18.14 -37.87
CA GLU B 524 26.46 -17.56 -38.72
C GLU B 524 25.66 -16.50 -37.92
N PHE B 525 25.38 -16.79 -36.66
CA PHE B 525 24.78 -15.78 -35.77
C PHE B 525 25.61 -14.50 -35.79
N LEU B 526 26.95 -14.67 -35.64
CA LEU B 526 27.85 -13.51 -35.53
C LEU B 526 27.91 -12.82 -36.89
N ARG B 527 28.07 -13.61 -37.96
CA ARG B 527 28.24 -13.01 -39.27
C ARG B 527 27.03 -12.17 -39.64
N GLU B 528 25.79 -12.62 -39.28
CA GLU B 528 24.62 -11.88 -39.65
C GLU B 528 24.69 -10.46 -39.08
N LEU B 529 25.22 -10.33 -37.85
CA LEU B 529 25.20 -9.09 -37.07
C LEU B 529 26.46 -8.25 -37.22
N TRP B 530 27.47 -8.83 -37.87
CA TRP B 530 28.83 -8.29 -37.90
C TRP B 530 28.91 -6.94 -38.61
N PRO B 531 28.33 -6.73 -39.81
CA PRO B 531 28.44 -5.41 -40.45
C PRO B 531 27.97 -4.27 -39.55
N ALA B 532 26.82 -4.50 -38.86
CA ALA B 532 26.30 -3.49 -37.94
C ALA B 532 27.17 -3.42 -36.69
N ALA B 533 27.58 -4.54 -36.13
CA ALA B 533 28.33 -4.53 -34.89
C ALA B 533 29.68 -3.83 -35.04
N ALA B 534 30.38 -4.12 -36.15
CA ALA B 534 31.66 -3.49 -36.36
C ALA B 534 31.50 -1.99 -36.46
N ARG B 535 30.45 -1.57 -37.15
CA ARG B 535 30.16 -0.15 -37.26
C ARG B 535 29.99 0.55 -35.91
N THR B 536 29.33 -0.11 -34.95
CA THR B 536 29.13 0.44 -33.60
C THR B 536 30.43 0.61 -32.84
N LEU B 537 31.42 -0.30 -33.08
CA LEU B 537 32.71 -0.16 -32.41
C LEU B 537 33.54 0.95 -33.07
N ASP B 538 33.44 1.07 -34.40
CA ASP B 538 34.10 2.13 -35.14
C ASP B 538 33.49 3.47 -34.78
N TYR B 539 32.16 3.50 -34.56
CA TYR B 539 31.49 4.74 -34.23
C TYR B 539 32.17 5.42 -33.04
N ALA B 540 32.56 4.62 -32.04
CA ALA B 540 33.10 5.14 -30.80
C ALA B 540 34.40 5.90 -31.02
N ALA B 541 35.38 5.30 -31.67
CA ALA B 541 36.64 5.99 -31.91
C ALA B 541 36.45 7.23 -32.78
N ARG B 542 35.51 7.18 -33.72
CA ARG B 542 35.24 8.30 -34.63
C ARG B 542 34.48 9.44 -33.97
N GLU B 543 33.38 9.19 -33.23
CA GLU B 543 32.43 10.18 -32.75
C GLU B 543 32.65 10.61 -31.30
N TRP B 544 33.41 9.83 -30.51
CA TRP B 544 33.48 10.06 -29.08
C TRP B 544 34.89 10.38 -28.62
N ASP B 545 35.82 10.66 -29.54
CA ASP B 545 37.17 11.06 -29.19
C ASP B 545 37.46 12.35 -29.96
N HIS B 546 37.30 13.50 -29.31
CA HIS B 546 37.25 14.76 -30.03
C HIS B 546 38.67 15.33 -30.10
N ASP B 547 39.58 14.83 -29.29
CA ASP B 547 40.93 15.38 -29.22
C ASP B 547 41.92 14.42 -29.86
N GLY B 548 41.42 13.33 -30.48
CA GLY B 548 42.25 12.40 -31.23
C GLY B 548 43.32 11.69 -30.40
N ASP B 549 43.17 11.59 -29.10
CA ASP B 549 44.18 10.94 -28.31
C ASP B 549 43.87 9.46 -28.09
N GLY B 550 42.78 8.94 -28.67
CA GLY B 550 42.45 7.54 -28.45
C GLY B 550 41.48 7.32 -27.28
N LEU B 551 41.43 8.28 -26.34
CA LEU B 551 40.52 8.17 -25.20
C LEU B 551 39.22 8.87 -25.58
N LEU B 552 38.11 8.20 -25.25
CA LEU B 552 36.81 8.78 -25.45
C LEU B 552 36.66 9.91 -24.44
N ASP B 553 36.12 11.01 -24.93
CA ASP B 553 36.10 12.24 -24.15
C ASP B 553 34.87 13.07 -24.50
N GLY B 554 34.64 14.10 -23.70
CA GLY B 554 33.48 14.93 -23.89
C GLY B 554 32.21 14.14 -23.57
N GLU B 555 31.11 14.71 -24.07
CA GLU B 555 29.78 14.47 -23.58
C GLU B 555 29.36 13.09 -24.10
N MET B 556 29.13 12.16 -23.17
CA MET B 556 28.57 10.86 -23.53
C MET B 556 27.57 10.41 -22.44
N HIS B 557 26.42 9.96 -22.94
CA HIS B 557 25.30 9.47 -22.10
C HIS B 557 25.60 8.08 -21.58
N ASN B 558 25.20 7.85 -20.32
CA ASN B 558 25.45 6.59 -19.66
C ASN B 558 24.23 6.17 -18.81
N THR B 559 24.42 5.04 -18.13
CA THR B 559 23.39 4.41 -17.31
C THR B 559 22.95 5.31 -16.15
N TYR B 560 23.74 6.36 -15.81
CA TYR B 560 23.31 7.27 -14.77
C TYR B 560 22.37 8.36 -15.26
N ASP B 561 21.91 8.25 -16.52
CA ASP B 561 20.87 9.10 -17.10
C ASP B 561 21.37 10.51 -17.34
N ILE B 562 22.69 10.64 -17.28
CA ILE B 562 23.31 11.94 -17.47
C ILE B 562 24.46 11.68 -18.41
N GLU B 563 25.15 12.76 -18.76
CA GLU B 563 26.33 12.64 -19.60
C GLU B 563 27.52 13.01 -18.75
N PHE B 564 28.54 12.19 -18.85
CA PHE B 564 29.84 12.58 -18.34
C PHE B 564 30.59 13.40 -19.40
N HIS B 565 31.40 14.32 -18.91
CA HIS B 565 32.31 15.15 -19.69
C HIS B 565 33.73 14.72 -19.38
N GLY B 566 34.69 15.54 -19.81
CA GLY B 566 36.09 15.27 -19.61
C GLY B 566 36.49 13.91 -20.15
N VAL B 567 37.39 13.24 -19.44
CA VAL B 567 37.90 11.93 -19.86
C VAL B 567 37.78 11.01 -18.68
N GLU B 568 37.18 9.82 -18.85
CA GLU B 568 36.89 9.11 -17.64
C GLU B 568 36.80 7.61 -17.91
N PRO B 569 37.02 6.79 -16.86
CA PRO B 569 37.19 5.35 -17.03
C PRO B 569 35.98 4.50 -17.37
N LEU B 570 34.76 4.93 -17.03
CA LEU B 570 33.63 4.02 -17.36
C LEU B 570 33.63 3.77 -18.87
N SER B 571 33.56 4.85 -19.67
CA SER B 571 33.51 4.78 -21.10
C SER B 571 34.78 4.10 -21.61
N ASN B 572 35.93 4.55 -21.11
CA ASN B 572 37.23 4.18 -21.70
C ASN B 572 37.58 2.73 -21.47
N ILE B 573 37.29 2.20 -20.28
CA ILE B 573 37.63 0.83 -19.96
C ILE B 573 36.60 -0.09 -20.60
N ILE B 574 35.34 0.33 -20.72
CA ILE B 574 34.42 -0.43 -21.57
C ILE B 574 34.93 -0.50 -22.99
N HIS B 575 35.39 0.65 -23.52
CA HIS B 575 35.87 0.65 -24.92
C HIS B 575 37.05 -0.29 -25.12
N LEU B 576 37.95 -0.30 -24.13
CA LEU B 576 39.13 -1.17 -24.18
C LEU B 576 38.67 -2.62 -24.24
N ALA B 577 37.71 -2.99 -23.37
CA ALA B 577 37.23 -4.35 -23.40
C ALA B 577 36.59 -4.69 -24.74
N ALA B 578 35.74 -3.79 -25.27
CA ALA B 578 35.06 -3.97 -26.53
C ALA B 578 36.07 -4.17 -27.65
N LEU B 579 37.11 -3.34 -27.69
CA LEU B 579 38.19 -3.51 -28.68
C LEU B 579 38.83 -4.90 -28.58
N ARG B 580 39.11 -5.37 -27.39
CA ARG B 580 39.72 -6.67 -27.24
C ARG B 580 38.79 -7.76 -27.76
N ALA B 581 37.51 -7.68 -27.37
CA ALA B 581 36.50 -8.59 -27.87
C ALA B 581 36.40 -8.51 -29.40
N GLY B 582 36.38 -7.29 -29.92
CA GLY B 582 36.31 -7.06 -31.34
C GLY B 582 37.48 -7.69 -32.12
N VAL B 583 38.68 -7.63 -31.57
CA VAL B 583 39.83 -8.32 -32.21
C VAL B 583 39.60 -9.83 -32.30
N ARG B 584 39.15 -10.44 -31.23
CA ARG B 584 38.84 -11.86 -31.23
C ARG B 584 37.82 -12.20 -32.33
N MET B 585 36.70 -11.46 -32.43
CA MET B 585 35.66 -11.77 -33.38
C MET B 585 36.15 -11.47 -34.81
N ALA B 586 36.78 -10.32 -35.01
CA ALA B 586 37.26 -9.93 -36.35
C ALA B 586 38.25 -10.97 -36.87
N GLY B 587 39.19 -11.36 -36.01
CA GLY B 587 40.23 -12.27 -36.42
C GLY B 587 39.63 -13.63 -36.73
N HIS B 588 38.68 -14.08 -35.91
CA HIS B 588 38.04 -15.33 -36.21
C HIS B 588 37.33 -15.27 -37.56
N LEU B 589 36.60 -14.20 -37.85
CA LEU B 589 35.80 -14.14 -39.04
C LEU B 589 36.66 -13.84 -40.29
N GLY B 590 37.93 -13.52 -40.13
CA GLY B 590 38.82 -13.21 -41.26
C GLY B 590 38.72 -11.75 -41.65
N ASP B 591 38.25 -10.89 -40.72
CA ASP B 591 38.09 -9.47 -41.00
C ASP B 591 39.43 -8.89 -40.56
N THR B 592 40.50 -9.16 -41.32
CA THR B 592 41.88 -8.98 -40.88
C THR B 592 42.20 -7.49 -40.72
N ALA B 593 41.52 -6.62 -41.51
CA ALA B 593 41.74 -5.17 -41.46
C ALA B 593 41.25 -4.62 -40.12
N ARG B 594 40.05 -5.00 -39.71
CA ARG B 594 39.60 -4.57 -38.41
C ARG B 594 40.39 -5.20 -37.27
N ALA B 595 40.70 -6.49 -37.37
CA ALA B 595 41.47 -7.14 -36.32
C ALA B 595 42.75 -6.35 -35.99
N GLN B 596 43.47 -5.95 -37.08
CA GLN B 596 44.74 -5.21 -36.99
C GLN B 596 44.47 -3.83 -36.40
N GLU B 597 43.45 -3.14 -36.95
CA GLU B 597 43.14 -1.76 -36.64
C GLU B 597 42.78 -1.70 -35.15
N TRP B 598 41.91 -2.63 -34.73
CA TRP B 598 41.39 -2.64 -33.35
C TRP B 598 42.47 -3.07 -32.36
N ALA B 599 43.34 -4.00 -32.77
CA ALA B 599 44.41 -4.43 -31.89
C ALA B 599 45.39 -3.29 -31.60
N LEU B 600 45.73 -2.50 -32.63
CA LEU B 600 46.54 -1.30 -32.43
C LEU B 600 45.82 -0.32 -31.51
N ARG B 601 44.56 -0.11 -31.81
CA ARG B 601 43.76 0.85 -31.06
C ARG B 601 43.72 0.45 -29.58
N ALA B 602 43.45 -0.81 -29.31
CA ALA B 602 43.34 -1.37 -27.98
C ALA B 602 44.62 -1.15 -27.17
N ASP B 603 45.79 -1.48 -27.79
CA ASP B 603 47.07 -1.25 -27.11
C ASP B 603 47.27 0.22 -26.82
N HIS B 604 46.87 1.06 -27.71
CA HIS B 604 47.07 2.49 -27.55
C HIS B 604 46.15 3.03 -26.44
N VAL B 605 44.89 2.59 -26.46
CA VAL B 605 43.93 2.95 -25.42
C VAL B 605 44.44 2.49 -24.06
N ALA B 606 44.88 1.25 -23.91
CA ALA B 606 45.29 0.78 -22.60
C ALA B 606 46.43 1.63 -22.04
N ALA B 607 47.39 1.99 -22.93
CA ALA B 607 48.48 2.87 -22.55
C ALA B 607 47.96 4.22 -22.09
N ALA B 608 46.96 4.76 -22.80
CA ALA B 608 46.49 6.11 -22.54
C ALA B 608 45.66 6.11 -21.26
N ILE B 609 44.91 5.03 -21.03
CA ILE B 609 44.17 4.87 -19.78
C ILE B 609 45.16 4.91 -18.63
N GLU B 610 46.28 4.17 -18.75
CA GLU B 610 47.27 4.13 -17.66
C GLU B 610 47.98 5.48 -17.54
N GLY B 611 48.13 6.19 -18.66
CA GLY B 611 48.85 7.44 -18.65
C GLY B 611 48.02 8.60 -18.10
N VAL B 612 46.69 8.59 -18.33
CA VAL B 612 45.84 9.74 -18.08
C VAL B 612 44.87 9.54 -16.92
N LEU B 613 44.18 8.38 -16.88
CA LEU B 613 43.07 8.17 -15.97
C LEU B 613 43.48 7.56 -14.64
N TRP B 614 44.52 6.69 -14.66
CA TRP B 614 45.13 6.11 -13.48
C TRP B 614 45.76 7.20 -12.63
N ASN B 615 45.52 7.23 -11.32
CA ASN B 615 46.07 8.27 -10.43
C ASN B 615 47.06 7.66 -9.43
N GLY B 616 47.48 6.39 -9.65
CA GLY B 616 48.39 5.71 -8.73
C GLY B 616 47.64 4.83 -7.73
N GLU B 617 46.29 4.94 -7.68
CA GLU B 617 45.51 4.08 -6.79
C GLU B 617 44.24 3.56 -7.49
N TYR B 618 43.57 4.46 -8.23
CA TYR B 618 42.36 4.10 -8.98
C TYR B 618 42.33 4.92 -10.26
N TYR B 619 41.25 4.75 -11.02
CA TYR B 619 41.03 5.40 -12.28
C TYR B 619 39.94 6.42 -12.02
N ARG B 620 40.10 7.64 -12.55
CA ARG B 620 39.12 8.67 -12.22
C ARG B 620 38.90 9.60 -13.41
N GLN B 621 38.02 10.56 -13.21
CA GLN B 621 37.67 11.47 -14.28
C GLN B 621 38.65 12.65 -14.25
N VAL B 622 39.26 12.85 -15.40
CA VAL B 622 40.06 14.00 -15.70
C VAL B 622 39.19 15.07 -16.35
N ILE B 623 39.07 16.21 -15.66
CA ILE B 623 38.20 17.30 -16.07
C ILE B 623 38.79 18.59 -15.49
N ASP B 624 38.63 19.71 -16.19
CA ASP B 624 39.25 20.97 -15.80
C ASP B 624 38.67 21.40 -14.46
N ASP B 625 37.36 21.27 -14.37
CA ASP B 625 36.62 21.81 -13.26
C ASP B 625 35.41 20.90 -13.07
N VAL B 626 35.42 20.19 -11.96
CA VAL B 626 34.39 19.18 -11.72
C VAL B 626 32.99 19.81 -11.59
N ASP B 627 32.92 21.13 -11.35
CA ASP B 627 31.67 21.84 -11.16
C ASP B 627 31.27 22.60 -12.41
N ALA B 628 32.11 22.60 -13.47
CA ALA B 628 31.77 23.38 -14.66
C ALA B 628 30.48 22.87 -15.31
N HIS B 629 30.27 21.56 -15.31
CA HIS B 629 29.03 20.95 -15.76
C HIS B 629 28.45 20.18 -14.56
N ARG B 630 27.14 20.18 -14.42
CA ARG B 630 26.52 19.37 -13.40
C ARG B 630 26.78 17.89 -13.68
N TYR B 631 26.81 17.10 -12.60
CA TYR B 631 26.61 15.67 -12.61
C TYR B 631 27.89 14.93 -12.99
N GLN B 632 29.02 15.54 -12.60
CA GLN B 632 30.32 14.86 -12.82
C GLN B 632 30.79 14.20 -11.53
N TYR B 633 32.03 13.70 -11.52
CA TYR B 633 32.60 13.16 -10.32
C TYR B 633 34.10 13.40 -10.11
N GLY B 634 34.87 13.67 -11.19
CA GLY B 634 36.27 14.02 -11.05
C GLY B 634 37.11 12.99 -10.31
N ASP B 635 37.70 13.41 -9.20
CA ASP B 635 38.58 12.58 -8.37
C ASP B 635 37.83 11.65 -7.40
N GLY B 636 36.50 11.64 -7.47
CA GLY B 636 35.73 10.62 -6.79
C GLY B 636 36.09 9.25 -7.33
N VAL B 637 35.84 8.28 -6.49
CA VAL B 637 35.98 6.86 -6.79
C VAL B 637 34.64 6.36 -7.31
N LEU B 638 34.62 6.09 -8.60
CA LEU B 638 33.43 5.56 -9.26
C LEU B 638 33.43 4.05 -9.15
N SER B 639 32.37 3.49 -8.57
CA SER B 639 32.30 2.04 -8.37
C SER B 639 32.33 1.28 -9.71
N ASP B 640 31.72 1.82 -10.75
CA ASP B 640 31.71 1.20 -12.08
C ASP B 640 32.97 1.49 -12.93
N GLN B 641 33.99 2.13 -12.39
CA GLN B 641 35.16 2.53 -13.20
C GLN B 641 35.69 1.38 -14.05
N LEU B 642 35.65 0.22 -13.46
CA LEU B 642 36.16 -0.99 -14.07
C LEU B 642 35.05 -1.89 -14.61
N LEU B 643 33.88 -1.32 -14.98
CA LEU B 643 32.85 -2.19 -15.52
C LEU B 643 33.33 -2.93 -16.78
N GLY B 644 34.11 -2.26 -17.62
CA GLY B 644 34.74 -2.94 -18.75
C GLY B 644 35.47 -4.24 -18.38
N GLN B 645 36.20 -4.20 -17.26
CA GLN B 645 36.96 -5.32 -16.76
C GLN B 645 36.07 -6.45 -16.23
N PHE B 646 34.89 -6.11 -15.70
CA PHE B 646 33.90 -7.14 -15.36
C PHE B 646 33.50 -7.96 -16.58
N HIS B 647 33.13 -7.25 -17.67
CA HIS B 647 32.84 -7.87 -18.96
C HIS B 647 34.05 -8.67 -19.48
N ALA B 648 35.23 -8.09 -19.43
CA ALA B 648 36.46 -8.73 -19.90
C ALA B 648 36.70 -10.05 -19.18
N PHE B 649 36.57 -10.07 -17.81
CA PHE B 649 36.81 -11.29 -17.04
C PHE B 649 35.82 -12.37 -17.48
N LEU B 650 34.53 -11.99 -17.60
CA LEU B 650 33.46 -12.90 -17.93
C LEU B 650 33.59 -13.39 -19.37
N GLY B 651 34.21 -12.59 -20.25
CA GLY B 651 34.39 -12.93 -21.65
C GLY B 651 35.66 -13.70 -21.99
N GLY B 652 36.44 -14.01 -20.96
CA GLY B 652 37.68 -14.71 -21.12
C GLY B 652 38.82 -13.87 -21.65
N LEU B 653 38.72 -12.53 -21.51
CA LEU B 653 39.71 -11.63 -22.02
C LEU B 653 40.78 -11.31 -20.96
N GLY B 654 40.62 -11.76 -19.71
CA GLY B 654 41.58 -11.56 -18.62
C GLY B 654 41.66 -10.07 -18.24
N TYR B 655 42.80 -9.69 -17.70
CA TYR B 655 43.05 -8.32 -17.31
C TYR B 655 43.30 -7.42 -18.51
N LEU B 656 42.66 -6.25 -18.51
CA LEU B 656 42.76 -5.31 -19.59
C LEU B 656 43.91 -4.33 -19.32
N LEU B 657 44.30 -4.25 -18.05
CA LEU B 657 45.22 -3.26 -17.54
C LEU B 657 46.12 -3.97 -16.57
N PRO B 658 47.26 -3.38 -16.15
CA PRO B 658 48.18 -4.05 -15.22
C PRO B 658 47.39 -4.61 -14.03
N GLU B 659 47.61 -5.89 -13.78
CA GLU B 659 46.94 -6.63 -12.76
C GLU B 659 46.97 -5.89 -11.40
N ALA B 660 48.14 -5.34 -11.04
CA ALA B 660 48.27 -4.66 -9.76
C ALA B 660 47.43 -3.38 -9.72
N HIS B 661 47.29 -2.73 -10.88
CA HIS B 661 46.52 -1.52 -11.00
C HIS B 661 45.02 -1.81 -10.91
N VAL B 662 44.59 -2.88 -11.56
CA VAL B 662 43.21 -3.31 -11.49
C VAL B 662 42.84 -3.70 -10.03
N ARG B 663 43.71 -4.46 -9.36
CA ARG B 663 43.50 -4.83 -7.98
C ARG B 663 43.50 -3.60 -7.08
N SER B 664 44.40 -2.66 -7.36
CA SER B 664 44.43 -1.47 -6.51
C SER B 664 43.10 -0.69 -6.60
N ALA B 665 42.63 -0.56 -7.87
CA ALA B 665 41.42 0.15 -8.19
C ALA B 665 40.21 -0.51 -7.54
N LEU B 666 40.11 -1.85 -7.65
CA LEU B 666 39.05 -2.55 -6.97
C LEU B 666 39.12 -2.31 -5.47
N ASP B 667 40.34 -2.45 -4.90
CA ASP B 667 40.50 -2.25 -3.50
C ASP B 667 40.07 -0.83 -3.08
N ALA B 668 40.38 0.18 -3.91
CA ALA B 668 39.93 1.53 -3.63
C ALA B 668 38.39 1.60 -3.60
N ILE B 669 37.76 0.93 -4.55
CA ILE B 669 36.31 0.93 -4.57
C ILE B 669 35.79 0.36 -3.25
N VAL B 670 36.27 -0.82 -2.87
CA VAL B 670 35.82 -1.46 -1.64
C VAL B 670 36.11 -0.57 -0.43
N GLN B 671 37.36 -0.13 -0.31
CA GLN B 671 37.76 0.64 0.85
C GLN B 671 36.97 1.95 0.96
N HIS B 672 36.88 2.71 -0.10
CA HIS B 672 36.20 3.99 -0.03
C HIS B 672 34.66 3.96 -0.14
N ASN B 673 34.13 3.02 -0.93
CA ASN B 673 32.74 3.15 -1.36
C ASN B 673 31.83 2.21 -0.58
N HIS B 674 32.39 1.22 0.11
CA HIS B 674 31.59 0.28 0.85
C HIS B 674 31.29 0.86 2.23
N ARG B 675 30.01 0.88 2.60
CA ARG B 675 29.59 1.36 3.88
C ARG B 675 28.99 0.19 4.65
N GLY B 676 29.44 0.03 5.89
CA GLY B 676 28.89 -1.01 6.76
C GLY B 676 27.56 -0.58 7.39
N ASP B 677 27.36 0.73 7.44
CA ASP B 677 26.23 1.29 8.13
C ASP B 677 25.93 2.60 7.45
N LEU B 678 24.67 2.88 7.25
CA LEU B 678 24.27 4.05 6.46
C LEU B 678 23.51 5.10 7.26
N ARG B 679 23.55 5.04 8.59
CA ARG B 679 22.69 5.92 9.35
C ARG B 679 23.11 7.37 9.20
N ASP B 680 24.37 7.58 8.88
CA ASP B 680 24.89 8.97 8.84
C ASP B 680 25.09 9.49 7.43
N HIS B 681 24.79 8.66 6.41
CA HIS B 681 24.89 8.98 5.00
C HIS B 681 23.96 10.13 4.64
N GLU B 682 24.48 11.12 3.92
CA GLU B 682 23.70 12.31 3.64
C GLU B 682 23.37 12.34 2.15
N SER B 683 22.27 11.65 1.79
CA SER B 683 21.85 11.54 0.40
C SER B 683 20.50 12.20 0.16
N THR B 684 20.38 12.95 -0.96
CA THR B 684 19.13 13.48 -1.47
C THR B 684 18.63 12.64 -2.63
N GLN B 685 19.05 11.38 -2.68
CA GLN B 685 18.73 10.53 -3.82
C GLN B 685 17.79 9.39 -3.42
N ARG B 686 17.62 8.43 -4.34
CA ARG B 686 16.69 7.34 -4.11
C ARG B 686 17.33 6.35 -3.15
N VAL B 687 16.49 5.62 -2.41
CA VAL B 687 16.96 4.80 -1.34
C VAL B 687 16.69 3.33 -1.58
N TYR B 688 17.78 2.55 -1.65
CA TYR B 688 17.78 1.10 -1.83
C TYR B 688 18.58 0.41 -0.71
N ALA B 689 18.94 1.20 0.28
CA ALA B 689 19.78 0.81 1.41
C ALA B 689 19.76 1.99 2.37
N LEU B 690 19.57 1.70 3.65
CA LEU B 690 19.47 2.81 4.61
C LEU B 690 19.63 2.25 6.02
N ASN B 691 19.65 3.19 6.95
CA ASN B 691 19.62 2.86 8.36
C ASN B 691 20.84 2.04 8.72
N ASP B 692 20.64 0.91 9.41
CA ASP B 692 21.73 0.10 9.87
C ASP B 692 22.17 -0.87 8.79
N GLU B 693 21.75 -0.69 7.55
CA GLU B 693 22.18 -1.56 6.46
C GLU B 693 23.53 -1.03 5.96
N GLY B 694 24.20 -1.87 5.22
CA GLY B 694 25.34 -1.42 4.44
C GLY B 694 25.10 -1.53 2.94
N GLY B 695 26.12 -1.16 2.18
CA GLY B 695 26.07 -1.25 0.75
C GLY B 695 27.23 -0.54 0.11
N LEU B 696 27.46 -0.90 -1.17
CA LEU B 696 28.40 -0.18 -1.98
C LEU B 696 27.76 1.04 -2.60
N LEU B 697 28.30 2.23 -2.27
CA LEU B 697 27.86 3.45 -2.95
C LEU B 697 28.36 3.47 -4.38
N LEU B 698 27.59 4.19 -5.21
CA LEU B 698 27.96 4.36 -6.59
C LEU B 698 29.27 5.13 -6.71
N ALA B 699 29.49 6.07 -5.81
CA ALA B 699 30.70 6.88 -5.85
C ALA B 699 30.91 7.45 -4.43
N SER B 700 32.15 7.73 -4.10
CA SER B 700 32.46 8.56 -2.95
C SER B 700 33.72 9.39 -3.24
N TRP B 701 33.97 10.35 -2.38
CA TRP B 701 35.03 11.33 -2.61
C TRP B 701 35.98 11.29 -1.42
N PRO B 702 36.71 10.19 -1.22
CA PRO B 702 37.61 10.10 -0.06
C PRO B 702 38.76 11.11 -0.02
N GLU B 703 39.14 11.64 -1.18
CA GLU B 703 40.21 12.63 -1.28
C GLU B 703 39.59 14.00 -1.60
N GLY B 704 38.29 14.19 -1.31
CA GLY B 704 37.63 15.44 -1.65
C GLY B 704 37.33 15.56 -3.16
N GLY B 705 37.05 16.80 -3.58
CA GLY B 705 36.65 17.11 -4.94
C GLY B 705 35.19 16.75 -5.25
N ARG B 706 34.33 16.58 -4.22
CA ARG B 706 32.94 16.27 -4.46
C ARG B 706 32.31 17.47 -5.12
N PRO B 707 31.68 17.31 -6.30
CA PRO B 707 30.93 18.39 -6.91
C PRO B 707 29.76 18.81 -6.02
N ALA B 708 29.30 20.06 -6.25
CA ALA B 708 28.05 20.49 -5.61
C ALA B 708 26.89 19.57 -5.98
N LEU B 709 26.82 19.25 -7.27
CA LEU B 709 25.77 18.44 -7.88
C LEU B 709 26.41 17.25 -8.63
N PRO B 710 26.83 16.20 -7.91
CA PRO B 710 27.40 15.02 -8.54
C PRO B 710 26.35 14.32 -9.37
N PHE B 711 26.79 13.35 -10.18
CA PHE B 711 25.82 12.59 -10.90
C PHE B 711 24.73 12.09 -9.96
N VAL B 712 23.52 11.94 -10.50
CA VAL B 712 22.30 12.07 -9.71
C VAL B 712 22.00 10.81 -8.90
N TYR B 713 22.80 9.76 -9.09
CA TYR B 713 22.66 8.50 -8.36
C TYR B 713 23.91 8.13 -7.56
N ALA B 714 24.91 9.05 -7.52
CA ALA B 714 26.20 8.77 -6.89
C ALA B 714 26.12 8.30 -5.43
N ASP B 715 25.12 8.78 -4.67
CA ASP B 715 24.98 8.46 -3.26
C ASP B 715 24.13 7.24 -3.04
N GLU B 716 23.69 6.62 -4.13
CA GLU B 716 22.77 5.48 -4.06
C GLU B 716 23.55 4.21 -4.01
N VAL B 717 22.80 3.12 -3.74
CA VAL B 717 23.29 1.78 -3.80
C VAL B 717 22.43 0.97 -4.79
N TRP B 718 23.12 0.38 -5.77
CA TRP B 718 22.54 -0.48 -6.79
C TRP B 718 23.04 -1.89 -6.64
N THR B 719 22.12 -2.87 -6.46
CA THR B 719 22.64 -4.23 -6.31
C THR B 719 23.45 -4.63 -7.53
N GLY B 720 23.04 -4.21 -8.75
CA GLY B 720 23.75 -4.58 -9.95
C GLY B 720 25.24 -4.22 -9.96
N ILE B 721 25.52 -3.00 -9.44
CA ILE B 721 26.88 -2.51 -9.33
C ILE B 721 27.59 -3.28 -8.23
N GLU B 722 26.94 -3.51 -7.08
CA GLU B 722 27.49 -4.36 -6.04
C GLU B 722 27.89 -5.70 -6.62
N HIS B 723 26.97 -6.30 -7.40
CA HIS B 723 27.28 -7.59 -7.97
C HIS B 723 28.50 -7.52 -8.91
N GLN B 724 28.55 -6.55 -9.81
CA GLN B 724 29.58 -6.51 -10.84
C GLN B 724 30.92 -6.34 -10.15
N VAL B 725 30.97 -5.48 -9.13
CA VAL B 725 32.21 -5.26 -8.39
C VAL B 725 32.61 -6.54 -7.66
N ALA B 726 31.66 -7.22 -7.07
CA ALA B 726 31.97 -8.46 -6.38
C ALA B 726 32.52 -9.50 -7.35
N VAL B 727 31.96 -9.56 -8.57
CA VAL B 727 32.39 -10.53 -9.55
C VAL B 727 33.84 -10.20 -9.93
N SER B 728 34.13 -8.92 -10.16
CA SER B 728 35.48 -8.53 -10.49
C SER B 728 36.43 -8.89 -9.35
N LEU B 729 36.06 -8.58 -8.10
CA LEU B 729 36.85 -8.97 -6.95
C LEU B 729 37.12 -10.47 -6.91
N LEU B 730 36.12 -11.30 -7.20
CA LEU B 730 36.39 -12.72 -7.28
C LEU B 730 37.46 -13.04 -8.33
N PHE B 731 37.33 -12.49 -9.54
CA PHE B 731 38.33 -12.76 -10.58
C PHE B 731 39.70 -12.23 -10.19
N ALA B 732 39.72 -11.14 -9.45
CA ALA B 732 40.95 -10.56 -8.94
C ALA B 732 41.56 -11.31 -7.74
N GLY B 733 40.91 -12.33 -7.18
CA GLY B 733 41.37 -13.04 -6.01
C GLY B 733 41.02 -12.37 -4.68
N ARG B 734 40.16 -11.37 -4.71
CA ARG B 734 39.74 -10.68 -3.49
C ARG B 734 38.43 -11.29 -2.95
N TYR B 735 38.52 -12.56 -2.58
CA TYR B 735 37.37 -13.33 -2.20
C TYR B 735 36.65 -12.71 -0.99
N ASP B 736 37.42 -12.37 0.04
CA ASP B 736 36.78 -11.99 1.30
C ASP B 736 35.95 -10.74 1.07
N ASP B 737 36.50 -9.78 0.30
CA ASP B 737 35.77 -8.56 0.01
C ASP B 737 34.52 -8.81 -0.85
N ALA B 738 34.64 -9.70 -1.88
CA ALA B 738 33.47 -10.01 -2.69
C ALA B 738 32.38 -10.56 -1.76
N LEU B 739 32.76 -11.48 -0.89
CA LEU B 739 31.80 -12.12 0.00
C LEU B 739 31.20 -11.09 0.93
N ARG B 740 32.01 -10.15 1.41
CA ARG B 740 31.46 -9.12 2.30
C ARG B 740 30.42 -8.23 1.59
N ILE B 741 30.72 -7.83 0.35
CA ILE B 741 29.76 -7.06 -0.47
C ILE B 741 28.45 -7.81 -0.59
N GLU B 742 28.54 -9.11 -0.88
CA GLU B 742 27.38 -9.91 -1.20
C GLU B 742 26.62 -10.22 0.09
N ARG B 743 27.32 -10.44 1.22
CA ARG B 743 26.63 -10.69 2.47
C ARG B 743 25.82 -9.47 2.86
N THR B 744 26.45 -8.32 2.67
CA THR B 744 25.88 -7.07 3.06
C THR B 744 24.66 -6.74 2.21
N LEU B 745 24.77 -6.94 0.92
CA LEU B 745 23.64 -6.61 0.06
C LEU B 745 22.51 -7.63 0.21
N ARG B 746 22.86 -8.89 0.43
CA ARG B 746 21.80 -9.87 0.53
C ARG B 746 21.14 -9.80 1.90
N ALA B 747 21.84 -9.27 2.92
CA ALA B 747 21.18 -8.97 4.18
C ALA B 747 20.04 -7.94 4.00
N ARG B 748 20.19 -6.99 3.07
CA ARG B 748 19.08 -6.05 2.81
C ARG B 748 17.85 -6.75 2.23
N TYR B 749 18.05 -7.96 1.69
CA TYR B 749 17.05 -8.78 1.05
C TYR B 749 16.88 -10.09 1.77
N ASP B 750 16.93 -10.09 3.10
CA ASP B 750 16.86 -11.37 3.81
C ASP B 750 15.43 -11.63 4.32
N GLY B 751 14.46 -10.79 3.95
CA GLY B 751 13.09 -10.95 4.46
C GLY B 751 12.66 -9.95 5.53
N ALA B 752 13.62 -9.39 6.26
CA ALA B 752 13.27 -8.52 7.35
C ALA B 752 12.60 -7.26 6.82
N HIS B 753 13.08 -6.71 5.70
CA HIS B 753 12.61 -5.45 5.15
C HIS B 753 12.35 -5.55 3.65
N ARG B 754 12.96 -6.58 2.99
CA ARG B 754 12.79 -6.74 1.56
C ARG B 754 12.85 -8.22 1.29
N SER B 755 12.38 -8.57 0.08
CA SER B 755 12.22 -9.98 -0.27
C SER B 755 13.50 -10.55 -0.88
N PRO B 756 13.94 -11.79 -0.52
CA PRO B 756 15.12 -12.40 -1.17
C PRO B 756 15.05 -12.49 -2.71
N TRP B 757 13.81 -12.62 -3.22
CA TRP B 757 13.54 -12.94 -4.63
C TRP B 757 13.16 -11.72 -5.40
N ASN B 758 13.48 -10.54 -4.83
CA ASN B 758 13.17 -9.32 -5.51
C ASN B 758 14.16 -8.21 -5.14
N GLU B 759 15.30 -8.20 -5.84
CA GLU B 759 16.20 -7.03 -5.74
C GLU B 759 15.65 -5.91 -6.59
N ILE B 760 15.77 -4.67 -6.08
CA ILE B 760 15.05 -3.53 -6.57
C ILE B 760 16.01 -2.43 -6.99
N GLU B 761 15.59 -1.70 -8.02
CA GLU B 761 16.20 -0.41 -8.34
C GLU B 761 15.08 0.44 -8.90
N CYS B 762 15.10 0.78 -10.19
CA CYS B 762 13.93 1.46 -10.76
C CYS B 762 12.94 0.38 -11.17
N GLY B 763 12.22 -0.14 -10.16
CA GLY B 763 11.32 -1.29 -10.30
C GLY B 763 11.82 -2.52 -9.55
N ASN B 764 10.83 -3.33 -9.23
CA ASN B 764 11.01 -4.68 -8.78
C ASN B 764 11.73 -5.54 -9.85
N HIS B 765 12.36 -6.65 -9.39
CA HIS B 765 12.93 -7.66 -10.27
C HIS B 765 13.79 -6.95 -11.32
N TYR B 766 14.69 -6.11 -10.82
CA TYR B 766 15.42 -5.21 -11.66
C TYR B 766 16.52 -5.93 -12.46
N ALA B 767 16.55 -5.68 -13.78
CA ALA B 767 17.45 -6.41 -14.68
C ALA B 767 18.93 -6.37 -14.28
N ARG B 768 19.42 -5.25 -13.71
CA ARG B 768 20.81 -5.14 -13.31
C ARG B 768 21.16 -6.20 -12.27
N SER B 769 20.20 -6.65 -11.45
CA SER B 769 20.40 -7.64 -10.41
C SER B 769 20.90 -8.95 -11.00
N LEU B 770 20.72 -9.17 -12.31
CA LEU B 770 21.19 -10.36 -13.02
C LEU B 770 22.70 -10.30 -13.29
N ALA B 771 23.39 -9.22 -12.91
CA ALA B 771 24.84 -9.25 -12.84
C ALA B 771 25.33 -10.36 -11.92
N SER B 772 24.47 -10.75 -10.95
CA SER B 772 24.77 -11.74 -9.93
C SER B 772 25.23 -13.08 -10.49
N TRP B 773 24.80 -13.45 -11.70
CA TRP B 773 25.18 -14.74 -12.22
C TRP B 773 26.72 -14.81 -12.35
N GLY B 774 27.40 -13.66 -12.55
CA GLY B 774 28.83 -13.62 -12.68
C GLY B 774 29.53 -14.10 -11.41
N LEU B 775 28.80 -14.16 -10.29
CA LEU B 775 29.42 -14.68 -9.09
C LEU B 775 29.76 -16.15 -9.20
N LEU B 776 28.92 -16.92 -9.89
CA LEU B 776 29.21 -18.33 -10.09
C LEU B 776 30.44 -18.46 -10.99
N ILE B 777 30.44 -17.62 -12.03
CA ILE B 777 31.49 -17.67 -13.02
C ILE B 777 32.80 -17.32 -12.36
N GLY B 778 32.86 -16.21 -11.61
CA GLY B 778 34.05 -15.78 -10.94
C GLY B 778 34.50 -16.75 -9.87
N ALA B 779 33.56 -17.25 -9.07
CA ALA B 779 33.92 -18.14 -7.99
C ALA B 779 34.52 -19.44 -8.55
N SER B 780 33.97 -19.93 -9.66
CA SER B 780 34.41 -21.17 -10.26
C SER B 780 35.54 -20.99 -11.29
N GLY B 781 35.79 -19.74 -11.69
CA GLY B 781 36.58 -19.38 -12.83
C GLY B 781 36.19 -20.09 -14.11
N ALA B 782 34.89 -20.25 -14.34
CA ALA B 782 34.38 -20.96 -15.49
C ALA B 782 34.67 -20.14 -16.74
N GLN B 783 35.23 -20.82 -17.73
CA GLN B 783 35.49 -20.24 -19.05
C GLN B 783 35.11 -21.25 -20.12
N TRP B 784 34.02 -20.97 -20.80
CA TRP B 784 33.50 -21.82 -21.86
C TRP B 784 33.68 -21.04 -23.16
N ASP B 785 34.45 -21.63 -24.10
CA ASP B 785 34.59 -21.07 -25.42
C ASP B 785 34.05 -22.10 -26.39
N ALA B 786 32.85 -21.82 -26.95
CA ALA B 786 32.20 -22.77 -27.86
C ALA B 786 32.95 -22.86 -29.19
N GLY B 787 33.65 -21.81 -29.56
CA GLY B 787 34.38 -21.85 -30.84
C GLY B 787 35.57 -22.78 -30.71
N ALA B 788 36.26 -22.75 -29.57
CA ALA B 788 37.39 -23.66 -29.33
C ALA B 788 36.91 -25.00 -28.80
N ARG B 789 35.68 -25.04 -28.33
CA ARG B 789 35.10 -26.19 -27.66
C ARG B 789 35.94 -26.55 -26.45
N THR B 790 36.31 -25.49 -25.72
CA THR B 790 37.07 -25.65 -24.51
C THR B 790 36.29 -25.20 -23.28
N LEU B 791 36.41 -26.00 -22.22
CA LEU B 791 35.86 -25.64 -20.92
C LEU B 791 36.99 -25.63 -19.90
N SER B 792 37.09 -24.57 -19.12
CA SER B 792 38.09 -24.48 -18.07
C SER B 792 37.46 -23.95 -16.77
N PHE B 793 37.99 -24.40 -15.64
CA PHE B 793 37.66 -23.89 -14.32
C PHE B 793 38.92 -23.43 -13.62
N ASP B 794 38.76 -22.38 -12.80
CA ASP B 794 39.89 -21.88 -12.04
C ASP B 794 39.33 -21.25 -10.77
N PRO B 795 38.89 -22.05 -9.80
CA PRO B 795 38.18 -21.49 -8.66
C PRO B 795 39.02 -20.52 -7.83
N VAL B 796 38.37 -19.49 -7.32
CA VAL B 796 39.12 -18.52 -6.55
C VAL B 796 39.67 -19.12 -5.27
N LEU B 797 38.91 -19.98 -4.63
CA LEU B 797 39.31 -20.66 -3.42
C LEU B 797 39.95 -21.99 -3.75
N PRO B 798 41.02 -22.33 -2.99
CA PRO B 798 41.70 -23.58 -3.23
C PRO B 798 40.89 -24.73 -2.71
N GLY B 799 41.34 -25.94 -3.07
CA GLY B 799 40.81 -27.15 -2.47
C GLY B 799 39.51 -27.56 -3.16
N ASP B 800 38.83 -28.50 -2.53
CA ASP B 800 37.70 -29.24 -3.07
C ASP B 800 36.55 -28.26 -3.35
N ALA B 801 35.84 -28.51 -4.43
CA ALA B 801 34.83 -27.57 -4.90
C ALA B 801 33.81 -28.32 -5.71
N ARG B 802 32.64 -27.70 -5.78
CA ARG B 802 31.55 -28.30 -6.53
C ARG B 802 30.62 -27.18 -6.97
N PHE B 803 30.45 -27.08 -8.27
CA PHE B 803 29.69 -25.97 -8.84
C PHE B 803 28.76 -26.45 -9.94
N LEU B 804 27.61 -25.77 -10.05
CA LEU B 804 26.90 -25.71 -11.30
C LEU B 804 27.78 -25.16 -12.43
N PHE B 805 27.64 -25.76 -13.61
CA PHE B 805 28.11 -25.08 -14.82
C PHE B 805 27.14 -25.18 -15.98
N THR B 806 27.26 -24.24 -16.92
CA THR B 806 26.56 -24.27 -18.16
C THR B 806 27.55 -24.09 -19.31
N THR B 807 27.10 -24.63 -20.45
CA THR B 807 27.70 -24.45 -21.76
C THR B 807 26.57 -24.41 -22.79
N ALA B 808 26.88 -24.08 -24.06
CA ALA B 808 25.82 -24.08 -25.09
C ALA B 808 25.11 -25.43 -25.14
N THR B 809 25.86 -26.51 -25.08
CA THR B 809 25.29 -27.81 -25.51
C THR B 809 24.73 -28.60 -24.29
N GLY B 810 25.08 -28.17 -23.05
CA GLY B 810 24.81 -28.97 -21.90
C GLY B 810 25.08 -28.21 -20.61
N TRP B 811 24.50 -28.76 -19.56
CA TRP B 811 24.72 -28.23 -18.23
C TRP B 811 24.81 -29.35 -17.21
N GLY B 812 25.47 -29.03 -16.10
CA GLY B 812 25.58 -29.99 -15.03
C GLY B 812 26.38 -29.45 -13.86
N GLY B 813 27.08 -30.40 -13.25
CA GLY B 813 27.93 -30.11 -12.13
C GLY B 813 29.38 -30.46 -12.43
N VAL B 814 30.28 -29.65 -11.88
CA VAL B 814 31.70 -29.95 -11.86
C VAL B 814 32.11 -30.15 -10.41
N GLU B 815 32.89 -31.21 -10.15
CA GLU B 815 33.36 -31.50 -8.80
C GLU B 815 34.88 -31.66 -8.88
N ILE B 816 35.59 -30.88 -8.09
CA ILE B 816 37.03 -30.76 -8.19
C ILE B 816 37.62 -31.31 -6.89
N GLY B 817 38.61 -32.21 -7.06
CA GLY B 817 39.44 -32.69 -5.97
C GLY B 817 40.93 -32.53 -6.32
N ASP B 818 41.79 -33.01 -5.39
CA ASP B 818 43.24 -32.87 -5.53
C ASP B 818 43.73 -33.43 -6.86
N ASP B 819 43.23 -34.62 -7.20
CA ASP B 819 43.82 -35.40 -8.28
C ASP B 819 42.78 -35.68 -9.37
N VAL B 820 41.51 -35.27 -9.19
CA VAL B 820 40.45 -35.62 -10.15
C VAL B 820 39.49 -34.44 -10.33
N ILE B 821 38.94 -34.38 -11.51
CA ILE B 821 37.82 -33.51 -11.78
C ILE B 821 36.71 -34.41 -12.31
N THR B 822 35.48 -34.18 -11.82
CA THR B 822 34.30 -34.89 -12.26
C THR B 822 33.35 -33.92 -12.95
N LEU B 823 32.83 -34.35 -14.10
CA LEU B 823 31.76 -33.63 -14.78
C LEU B 823 30.54 -34.51 -14.76
N ARG B 824 29.43 -33.97 -14.30
CA ARG B 824 28.19 -34.73 -14.43
C ARG B 824 27.22 -33.86 -15.21
N LEU B 825 26.67 -34.43 -16.25
CA LEU B 825 25.79 -33.65 -17.10
C LEU B 825 24.35 -34.01 -16.81
N HIS B 826 23.56 -32.98 -16.57
CA HIS B 826 22.17 -33.22 -16.27
C HIS B 826 21.27 -32.94 -17.45
N GLY B 827 21.70 -32.14 -18.42
CA GLY B 827 20.89 -31.79 -19.58
C GLY B 827 21.81 -31.65 -20.77
N GLY B 828 21.35 -32.09 -21.95
CA GLY B 828 22.06 -31.84 -23.20
C GLY B 828 23.24 -32.75 -23.37
N ALA B 829 24.32 -32.15 -23.91
CA ALA B 829 25.49 -32.93 -24.28
C ALA B 829 26.75 -32.06 -24.22
N LEU B 830 27.87 -32.72 -23.98
CA LEU B 830 29.12 -31.98 -23.97
C LEU B 830 30.15 -32.73 -24.79
N ASP B 831 30.69 -31.98 -25.79
CA ASP B 831 31.76 -32.50 -26.65
C ASP B 831 32.95 -31.55 -26.65
N LEU B 832 33.88 -31.77 -25.70
CA LEU B 832 34.97 -30.85 -25.47
C LEU B 832 36.16 -31.28 -26.30
N ASP B 833 36.74 -30.30 -26.95
CA ASP B 833 38.08 -30.46 -27.45
C ASP B 833 39.06 -30.57 -26.31
N GLU B 834 38.84 -29.74 -25.27
CA GLU B 834 39.77 -29.67 -24.16
C GLU B 834 39.08 -29.21 -22.89
N LEU B 835 39.46 -29.82 -21.76
CA LEU B 835 39.01 -29.49 -20.42
C LEU B 835 40.22 -29.04 -19.65
N ARG B 836 40.13 -27.88 -18.97
CA ARG B 836 41.27 -27.37 -18.23
C ARG B 836 40.88 -27.05 -16.81
N LEU B 837 41.82 -27.24 -15.90
CA LEU B 837 41.62 -26.90 -14.50
C LEU B 837 42.84 -26.16 -14.05
N ARG B 838 42.64 -24.93 -13.55
CA ARG B 838 43.74 -24.15 -13.01
CA ARG B 838 43.73 -24.12 -13.04
C ARG B 838 44.89 -24.08 -14.02
N GLY B 839 44.53 -23.80 -15.27
CA GLY B 839 45.49 -23.47 -16.30
C GLY B 839 46.12 -24.72 -16.91
N GLU B 840 45.80 -25.89 -16.38
CA GLU B 840 46.42 -27.13 -16.87
C GLU B 840 45.38 -27.94 -17.61
N VAL B 841 45.84 -28.68 -18.64
CA VAL B 841 44.95 -29.58 -19.34
C VAL B 841 44.52 -30.73 -18.48
N ALA B 842 43.19 -30.90 -18.31
CA ALA B 842 42.70 -31.99 -17.49
C ALA B 842 42.17 -33.12 -18.39
N GLY B 843 41.80 -32.79 -19.63
CA GLY B 843 41.14 -33.80 -20.47
C GLY B 843 41.09 -33.31 -21.90
N ARG B 844 41.30 -34.21 -22.88
CA ARG B 844 41.19 -33.85 -24.28
C ARG B 844 40.11 -34.76 -24.87
N GLY B 845 39.22 -34.18 -25.70
CA GLY B 845 38.27 -34.94 -26.47
C GLY B 845 37.12 -35.52 -25.63
N ILE B 846 36.85 -34.82 -24.52
CA ILE B 846 36.04 -35.35 -23.43
C ILE B 846 34.59 -35.11 -23.88
N HIS B 847 33.81 -36.19 -23.97
CA HIS B 847 32.41 -36.15 -24.34
C HIS B 847 31.58 -36.92 -23.28
N LEU B 848 30.41 -36.33 -23.05
CA LEU B 848 29.46 -36.76 -22.04
C LEU B 848 28.11 -36.55 -22.65
N ASP B 849 27.17 -37.46 -22.28
CA ASP B 849 25.75 -37.25 -22.57
C ASP B 849 24.99 -36.98 -21.25
N ALA B 850 23.79 -36.39 -21.34
CA ALA B 850 22.88 -36.16 -20.20
C ALA B 850 22.72 -37.46 -19.41
N GLY B 851 22.88 -37.40 -18.09
CA GLY B 851 22.83 -38.58 -17.26
C GLY B 851 24.17 -39.25 -17.01
N GLU B 852 25.23 -38.86 -17.73
CA GLU B 852 26.54 -39.44 -17.50
C GLU B 852 27.43 -38.61 -16.59
N THR B 853 28.28 -39.32 -15.84
CA THR B 853 29.32 -38.78 -14.98
C THR B 853 30.67 -39.29 -15.48
N ARG B 854 31.64 -38.38 -15.60
CA ARG B 854 33.02 -38.76 -15.86
C ARG B 854 33.97 -38.10 -14.91
N THR B 855 34.82 -38.96 -14.32
CA THR B 855 35.88 -38.53 -13.45
C THR B 855 37.20 -38.69 -14.21
N LEU B 856 37.92 -37.61 -14.35
CA LEU B 856 39.18 -37.54 -15.06
C LEU B 856 40.31 -37.28 -14.08
N THR B 857 41.36 -38.10 -14.19
CA THR B 857 42.61 -37.90 -13.48
C THR B 857 43.29 -36.60 -13.93
N LEU B 858 43.87 -35.87 -12.98
CA LEU B 858 44.57 -34.64 -13.29
C LEU B 858 46.04 -34.89 -13.65
N THR B 859 46.62 -36.03 -13.31
CA THR B 859 48.03 -36.25 -13.65
C THR B 859 48.14 -36.78 -15.09
MG MG C . -2.19 33.60 -2.83
MG MG D . -0.72 -8.01 18.21
MG MG E . -46.96 -6.50 14.52
MG MG F . 23.55 27.86 4.36
MG MG G . -3.55 3.96 -1.16
MG MG H . -5.42 -12.75 24.51
MG MG I . -46.23 -2.32 5.63
MG MG J . -15.75 11.80 50.15
C TRS K . -22.46 -0.63 6.22
C1 TRS K . -23.31 -1.34 7.28
C2 TRS K . -21.15 -0.17 6.86
C3 TRS K . -23.27 0.56 5.64
N TRS K . -22.10 -1.55 5.07
O1 TRS K . -23.96 -0.33 8.08
O2 TRS K . -20.35 -1.30 7.17
O3 TRS K . -22.63 1.13 4.49
C1 MPD L . -13.18 31.20 14.57
C2 MPD L . -13.19 32.43 15.46
O2 MPD L . -12.49 33.46 14.71
CM MPD L . -12.48 32.17 16.77
C3 MPD L . -14.63 32.91 15.70
C4 MPD L . -15.53 31.90 16.40
O4 MPD L . -15.15 31.77 17.77
C5 MPD L . -16.98 32.26 16.31
C1 MLI M . -4.36 4.30 25.15
C2 MLI M . -4.09 3.89 26.61
C3 MLI M . -3.23 4.15 24.08
O6 MLI M . -5.15 3.85 27.50
O7 MLI M . -2.81 3.75 26.95
O8 MLI M . -3.55 4.36 22.78
O9 MLI M . -2.02 4.05 24.52
C1 MPD N . -16.92 15.90 -4.99
C2 MPD N . -16.14 15.91 -3.66
O2 MPD N . -15.91 17.29 -3.28
CM MPD N . -14.72 15.37 -3.85
C3 MPD N . -16.85 15.14 -2.54
C4 MPD N . -17.95 15.85 -1.63
O4 MPD N . -18.23 17.30 -1.80
C5 MPD N . -19.12 14.99 -1.18
MG MG O . -11.48 -22.67 -22.17
MG MG P . 16.83 -4.56 10.14
MG MG Q . 27.97 -37.91 -26.60
MG MG R . 40.13 11.78 -26.61
MG MG S . -0.16 -1.05 -5.30
MG MG T . -19.69 -30.98 2.27
MG MG U . 24.88 -41.72 -25.08
CL CL V . 17.83 -20.51 -24.48
C TRS W . 17.92 4.10 -14.32
C1 TRS W . 17.57 2.96 -13.36
C2 TRS W . 17.52 3.68 -15.73
C3 TRS W . 19.39 4.44 -14.28
N TRS W . 17.14 5.32 -13.98
O1 TRS W . 17.64 3.33 -12.00
O2 TRS W . 16.15 3.91 -15.96
O3 TRS W . 20.15 3.42 -14.96
C1 MPD X . 0.93 -3.33 -23.35
C2 MPD X . 1.43 -4.43 -22.41
O2 MPD X . 1.04 -5.72 -23.00
CM MPD X . 0.61 -4.50 -21.15
C3 MPD X . 2.94 -4.22 -22.14
C4 MPD X . 3.95 -5.03 -23.01
O4 MPD X . 3.50 -5.76 -24.20
C5 MPD X . 5.30 -4.37 -23.28
C1 MPD Y . 7.30 -29.57 -24.42
C2 MPD Y . 8.60 -28.95 -23.93
O2 MPD Y . 9.29 -29.84 -23.04
CM MPD Y . 8.31 -27.70 -23.13
C3 MPD Y . 9.53 -28.68 -25.13
C4 MPD Y . 10.87 -28.03 -24.91
O4 MPD Y . 11.68 -28.91 -24.19
C5 MPD Y . 11.58 -27.81 -26.24
#